data_2YME
#
_entry.id   2YME
#
_cell.length_a   83.090
_cell.length_b   138.900
_cell.length_c   119.890
_cell.angle_alpha   90.00
_cell.angle_beta   91.07
_cell.angle_gamma   90.00
#
_symmetry.space_group_name_H-M   'P 1 21 1'
#
loop_
_entity.id
_entity.type
_entity.pdbx_description
1 polymer 'SOLUBLE ACETYLCHOLINE RECEPTOR'
2 non-polymer 2-acetamido-2-deoxy-beta-D-glucopyranose
3 non-polymer 1-methyl-N-[(1R,5S)-9-methyl-9-azabicyclo[3.3.1]nonan-3-yl]indazole-3-carboxamide
4 non-polymer 'PHOSPHATE ION'
5 non-polymer 'SODIUM ION'
6 water water
#
_entity_poly.entity_id   1
_entity_poly.type   'polypeptide(L)'
_entity_poly.pdbx_seq_one_letter_code
;QANLMRLKSDLFNRSPMYPGPTKDDPLTVTLGFTLQDIVKVDSSTNEVDLVYWERQRWKLNSLMWDPNEYGNITDFRTSA
ADIWTPDITAYSSTRPVQVLSPQIAVVTHDGSVMFIPAQRLSFMCDPTGVDSEEGVTCAVKFGSWVYSGFEIDLKTDTDQ
VDLSSYYASSKYEILSATQTRQVQHYSCCPEPYIDVNLVVKFRER
;
_entity_poly.pdbx_strand_id   A,B,C,D,E,F,G,H,I,J
#
# COMPACT_ATOMS: atom_id res chain seq x y z
N GLN A 1 6.09 -12.47 -38.46
CA GLN A 1 5.53 -11.13 -38.53
C GLN A 1 5.91 -10.41 -39.84
N ALA A 2 7.17 -10.53 -40.22
CA ALA A 2 7.68 -9.88 -41.43
C ALA A 2 6.90 -10.27 -42.68
N ASN A 3 6.53 -11.54 -42.77
CA ASN A 3 5.71 -12.00 -43.88
C ASN A 3 4.29 -11.42 -43.81
N LEU A 4 3.71 -11.39 -42.62
CA LEU A 4 2.38 -10.84 -42.43
C LEU A 4 2.39 -9.35 -42.77
N MET A 5 3.39 -8.64 -42.26
CA MET A 5 3.52 -7.20 -42.49
C MET A 5 3.56 -6.91 -43.99
N ARG A 6 4.35 -7.71 -44.71
CA ARG A 6 4.49 -7.54 -46.15
C ARG A 6 3.19 -7.91 -46.88
N LEU A 7 2.53 -8.97 -46.41
CA LEU A 7 1.27 -9.41 -47.03
C LEU A 7 0.19 -8.34 -46.87
N LYS A 8 0.05 -7.84 -45.66
CA LYS A 8 -0.94 -6.81 -45.38
C LYS A 8 -0.62 -5.56 -46.20
N SER A 9 0.66 -5.24 -46.30
CA SER A 9 1.09 -4.09 -47.08
C SER A 9 0.71 -4.22 -48.55
N ASP A 10 0.82 -5.43 -49.10
CA ASP A 10 0.49 -5.64 -50.50
C ASP A 10 -1.02 -5.60 -50.73
N LEU A 11 -1.77 -6.11 -49.76
CA LEU A 11 -3.21 -6.16 -49.86
C LEU A 11 -3.88 -4.79 -49.65
N PHE A 12 -3.31 -4.00 -48.74
CA PHE A 12 -3.99 -2.80 -48.27
C PHE A 12 -3.37 -1.48 -48.73
N ASN A 13 -2.06 -1.47 -48.98
CA ASN A 13 -1.39 -0.24 -49.39
C ASN A 13 -0.94 -0.28 -50.84
N ARG A 14 -0.76 -1.47 -51.38
CA ARG A 14 -0.35 -1.62 -52.77
C ARG A 14 -1.56 -1.51 -53.68
N SER A 15 -2.71 -1.96 -53.18
CA SER A 15 -3.93 -1.97 -53.97
C SER A 15 -4.98 -1.01 -53.42
N PRO A 16 -5.67 -0.31 -54.32
CA PRO A 16 -6.79 0.58 -53.94
C PRO A 16 -7.94 -0.25 -53.37
N MET A 17 -8.76 0.32 -52.51
CA MET A 17 -9.80 -0.45 -51.84
C MET A 17 -10.94 -0.84 -52.80
N TYR A 18 -11.43 -2.07 -52.61
CA TYR A 18 -12.59 -2.59 -53.32
C TYR A 18 -13.79 -1.63 -53.22
N PRO A 19 -14.35 -1.24 -54.38
CA PRO A 19 -15.40 -0.23 -54.45
C PRO A 19 -16.80 -0.78 -54.18
N GLY A 20 -16.91 -2.07 -53.86
CA GLY A 20 -18.20 -2.70 -53.72
C GLY A 20 -18.58 -3.45 -54.99
N PRO A 21 -19.65 -4.26 -54.90
CA PRO A 21 -20.10 -5.05 -56.06
C PRO A 21 -20.87 -4.24 -57.11
N THR A 22 -21.03 -4.82 -58.29
CA THR A 22 -21.83 -4.24 -59.37
C THR A 22 -22.72 -5.33 -59.92
N LYS A 23 -23.56 -5.00 -60.90
CA LYS A 23 -24.39 -6.03 -61.52
C LYS A 23 -23.53 -6.99 -62.33
N ASP A 24 -22.46 -6.45 -62.92
CA ASP A 24 -21.51 -7.23 -63.71
C ASP A 24 -20.71 -8.18 -62.81
N ASP A 25 -20.45 -7.72 -61.59
CA ASP A 25 -19.66 -8.49 -60.63
C ASP A 25 -20.40 -8.57 -59.31
N PRO A 26 -21.45 -9.41 -59.25
CA PRO A 26 -22.28 -9.45 -58.04
C PRO A 26 -21.54 -10.14 -56.89
N LEU A 27 -22.12 -10.09 -55.70
CA LEU A 27 -21.48 -10.66 -54.54
C LEU A 27 -22.50 -11.38 -53.68
N THR A 28 -22.15 -12.57 -53.22
CA THR A 28 -23.05 -13.30 -52.33
C THR A 28 -22.53 -13.26 -50.91
N VAL A 29 -23.35 -12.76 -50.00
CA VAL A 29 -23.01 -12.71 -48.60
C VAL A 29 -23.73 -13.82 -47.86
N THR A 30 -22.96 -14.65 -47.16
CA THR A 30 -23.56 -15.69 -46.35
C THR A 30 -23.85 -15.10 -44.97
N LEU A 31 -24.99 -15.47 -44.40
CA LEU A 31 -25.49 -14.80 -43.21
C LEU A 31 -26.02 -15.82 -42.21
N GLY A 32 -25.58 -15.71 -40.95
CA GLY A 32 -26.02 -16.61 -39.90
C GLY A 32 -26.15 -15.92 -38.56
N PHE A 33 -27.14 -16.34 -37.77
CA PHE A 33 -27.41 -15.70 -36.49
C PHE A 33 -27.26 -16.62 -35.27
N THR A 34 -26.62 -16.09 -34.24
CA THR A 34 -26.50 -16.76 -32.94
C THR A 34 -27.22 -15.92 -31.88
N LEU A 35 -28.32 -16.44 -31.36
CA LEU A 35 -29.08 -15.71 -30.36
C LEU A 35 -28.56 -16.03 -28.96
N GLN A 36 -28.06 -15.01 -28.27
CA GLN A 36 -27.46 -15.22 -26.94
C GLN A 36 -28.47 -14.99 -25.81
N ASP A 37 -29.31 -13.96 -25.93
CA ASP A 37 -30.36 -13.70 -24.93
C ASP A 37 -31.36 -12.68 -25.42
N ILE A 38 -32.62 -12.87 -25.05
CA ILE A 38 -33.63 -11.84 -25.20
C ILE A 38 -33.59 -10.99 -23.95
N VAL A 39 -33.02 -9.80 -24.08
CA VAL A 39 -32.62 -8.98 -22.95
C VAL A 39 -33.71 -8.03 -22.42
N LYS A 40 -34.61 -7.58 -23.29
CA LYS A 40 -35.66 -6.65 -22.85
C LYS A 40 -36.95 -6.79 -23.64
N VAL A 41 -38.05 -6.55 -22.96
CA VAL A 41 -39.38 -6.61 -23.57
C VAL A 41 -40.22 -5.46 -23.04
N ASP A 42 -40.59 -4.52 -23.91
CA ASP A 42 -41.37 -3.35 -23.49
C ASP A 42 -42.72 -3.33 -24.21
N SER A 43 -43.76 -3.75 -23.49
CA SER A 43 -45.08 -3.88 -24.06
C SER A 43 -45.78 -2.52 -24.19
N SER A 44 -45.16 -1.48 -23.67
CA SER A 44 -45.75 -0.14 -23.75
C SER A 44 -45.24 0.63 -24.97
N THR A 45 -44.11 0.21 -25.52
CA THR A 45 -43.57 0.85 -26.72
C THR A 45 -43.45 -0.15 -27.87
N ASN A 46 -43.67 -1.42 -27.57
CA ASN A 46 -43.46 -2.50 -28.53
C ASN A 46 -42.03 -2.54 -29.05
N GLU A 47 -41.07 -2.53 -28.13
CA GLU A 47 -39.66 -2.76 -28.48
C GLU A 47 -39.16 -4.01 -27.77
N VAL A 48 -38.42 -4.85 -28.49
CA VAL A 48 -37.75 -6.01 -27.90
C VAL A 48 -36.25 -5.91 -28.18
N ASP A 49 -35.44 -6.22 -27.18
CA ASP A 49 -33.98 -6.12 -27.31
C ASP A 49 -33.32 -7.49 -27.38
N LEU A 50 -32.48 -7.69 -28.40
CA LEU A 50 -31.77 -8.94 -28.56
C LEU A 50 -30.27 -8.74 -28.43
N VAL A 51 -29.61 -9.71 -27.79
CA VAL A 51 -28.16 -9.83 -27.89
C VAL A 51 -27.88 -11.04 -28.79
N TYR A 52 -27.21 -10.79 -29.90
CA TYR A 52 -26.98 -11.82 -30.90
C TYR A 52 -25.66 -11.59 -31.61
N TRP A 53 -25.16 -12.62 -32.29
CA TRP A 53 -23.99 -12.50 -33.14
C TRP A 53 -24.44 -12.62 -34.59
N GLU A 54 -23.85 -11.81 -35.45
CA GLU A 54 -24.25 -11.78 -36.84
C GLU A 54 -23.10 -12.27 -37.68
N ARG A 55 -23.13 -13.54 -38.06
CA ARG A 55 -22.06 -14.07 -38.88
C ARG A 55 -22.20 -13.61 -40.32
N GLN A 56 -21.20 -12.87 -40.79
CA GLN A 56 -21.17 -12.43 -42.18
C GLN A 56 -19.99 -13.04 -42.90
N ARG A 57 -20.25 -13.64 -44.06
CA ARG A 57 -19.19 -14.22 -44.88
C ARG A 57 -19.37 -13.90 -46.36
N TRP A 58 -18.27 -13.50 -47.00
CA TRP A 58 -18.24 -13.23 -48.43
C TRP A 58 -16.82 -13.48 -48.94
N LYS A 59 -16.61 -13.37 -50.24
CA LYS A 59 -15.29 -13.62 -50.83
C LYS A 59 -14.95 -12.60 -51.90
N LEU A 60 -13.72 -12.10 -51.88
CA LEU A 60 -13.26 -11.14 -52.88
C LEU A 60 -12.00 -11.65 -53.58
N ASN A 61 -11.97 -11.55 -54.90
CA ASN A 61 -10.79 -11.96 -55.66
C ASN A 61 -9.58 -11.10 -55.32
N SER A 62 -9.85 -9.87 -54.93
CA SER A 62 -8.77 -8.92 -54.63
C SER A 62 -8.13 -9.17 -53.26
N LEU A 63 -8.69 -10.11 -52.50
CA LEU A 63 -8.15 -10.46 -51.21
C LEU A 63 -7.48 -11.84 -51.23
N MET A 64 -7.22 -12.36 -52.42
CA MET A 64 -6.58 -13.66 -52.56
C MET A 64 -5.06 -13.55 -52.54
N TRP A 65 -4.40 -14.59 -52.04
CA TRP A 65 -2.95 -14.72 -52.18
C TRP A 65 -2.52 -16.17 -52.20
N ASP A 66 -1.33 -16.40 -52.73
CA ASP A 66 -0.69 -17.72 -52.69
C ASP A 66 0.28 -17.75 -51.50
N PRO A 67 -0.06 -18.56 -50.48
CA PRO A 67 0.70 -18.66 -49.23
C PRO A 67 2.21 -18.89 -49.42
N ASN A 68 2.59 -19.54 -50.53
CA ASN A 68 4.00 -19.82 -50.79
C ASN A 68 4.81 -18.56 -51.00
N GLU A 69 4.14 -17.49 -51.42
CA GLU A 69 4.81 -16.21 -51.66
C GLU A 69 4.88 -15.41 -50.37
N TYR A 70 4.32 -15.95 -49.29
CA TYR A 70 4.23 -15.22 -48.03
C TYR A 70 4.48 -16.09 -46.80
N GLY A 71 5.50 -16.95 -46.89
CA GLY A 71 5.90 -17.77 -45.77
C GLY A 71 4.81 -18.69 -45.24
N ASN A 72 4.01 -19.21 -46.14
CA ASN A 72 2.98 -20.16 -45.81
C ASN A 72 1.81 -19.64 -44.98
N ILE A 73 1.59 -18.33 -44.93
CA ILE A 73 0.43 -17.76 -44.25
C ILE A 73 -0.84 -18.10 -45.01
N THR A 74 -1.79 -18.77 -44.34
CA THR A 74 -3.03 -19.17 -44.99
C THR A 74 -4.20 -18.25 -44.60
N ASP A 75 -4.06 -17.58 -43.47
CA ASP A 75 -5.05 -16.61 -43.02
C ASP A 75 -4.43 -15.61 -42.05
N PHE A 76 -5.16 -14.53 -41.79
CA PHE A 76 -4.74 -13.56 -40.78
C PHE A 76 -5.94 -12.80 -40.21
N ARG A 77 -5.75 -12.20 -39.05
CA ARG A 77 -6.79 -11.39 -38.44
C ARG A 77 -6.49 -9.93 -38.69
N THR A 78 -7.52 -9.15 -39.00
CA THR A 78 -7.31 -7.71 -39.21
C THR A 78 -8.54 -6.89 -38.88
N SER A 79 -8.31 -5.63 -38.51
CA SER A 79 -9.40 -4.69 -38.24
C SER A 79 -10.39 -4.62 -39.40
N ALA A 80 -11.68 -4.69 -39.07
CA ALA A 80 -12.74 -4.56 -40.07
C ALA A 80 -12.68 -3.25 -40.85
N ALA A 81 -11.98 -2.26 -40.30
CA ALA A 81 -11.81 -0.97 -40.98
C ALA A 81 -10.74 -1.02 -42.07
N ASP A 82 -10.05 -2.15 -42.18
CA ASP A 82 -9.02 -2.30 -43.21
C ASP A 82 -9.61 -2.80 -44.51
N ILE A 83 -10.79 -3.40 -44.41
CA ILE A 83 -11.41 -4.05 -45.56
C ILE A 83 -12.81 -3.51 -45.80
N TRP A 84 -13.30 -3.72 -47.02
CA TRP A 84 -14.68 -3.45 -47.35
C TRP A 84 -15.58 -4.42 -46.57
N THR A 85 -16.71 -3.93 -46.10
CA THR A 85 -17.70 -4.78 -45.44
C THR A 85 -19.09 -4.46 -46.00
N PRO A 86 -19.96 -5.49 -46.10
CA PRO A 86 -21.31 -5.30 -46.65
C PRO A 86 -22.20 -4.49 -45.70
N ASP A 87 -23.17 -3.75 -46.26
CA ASP A 87 -24.00 -2.87 -45.45
C ASP A 87 -25.26 -3.57 -44.94
N ILE A 88 -25.09 -4.78 -44.40
CA ILE A 88 -26.20 -5.53 -43.84
C ILE A 88 -26.81 -4.75 -42.69
N THR A 89 -28.13 -4.57 -42.73
CA THR A 89 -28.82 -3.76 -41.73
CA THR A 89 -28.84 -3.72 -41.78
C THR A 89 -30.20 -4.31 -41.43
N ALA A 90 -30.64 -4.10 -40.19
CA ALA A 90 -31.96 -4.55 -39.79
C ALA A 90 -32.96 -3.54 -40.35
N TYR A 91 -34.13 -4.01 -40.78
CA TYR A 91 -35.10 -3.17 -41.45
C TYR A 91 -36.01 -2.49 -40.45
N SER A 92 -36.15 -3.09 -39.28
CA SER A 92 -37.09 -2.62 -38.30
C SER A 92 -36.46 -2.31 -36.94
N SER A 93 -35.23 -1.80 -36.93
CA SER A 93 -34.61 -1.38 -35.68
C SER A 93 -35.21 -0.07 -35.18
N THR A 94 -35.13 0.17 -33.88
CA THR A 94 -35.67 1.39 -33.30
C THR A 94 -34.60 2.25 -32.64
N ARG A 95 -33.39 1.70 -32.51
CA ARG A 95 -32.26 2.44 -31.96
C ARG A 95 -30.99 2.03 -32.71
N PRO A 96 -29.93 2.85 -32.65
CA PRO A 96 -28.67 2.41 -33.24
C PRO A 96 -28.22 1.10 -32.57
N VAL A 97 -27.73 0.17 -33.38
CA VAL A 97 -27.29 -1.11 -32.87
C VAL A 97 -26.02 -0.87 -32.02
N GLN A 98 -25.86 -1.64 -30.94
CA GLN A 98 -24.71 -1.47 -30.05
C GLN A 98 -23.72 -2.63 -30.18
N VAL A 99 -22.48 -2.31 -30.53
CA VAL A 99 -21.48 -3.34 -30.77
C VAL A 99 -20.82 -3.82 -29.48
N LEU A 100 -20.81 -5.13 -29.29
CA LEU A 100 -20.39 -5.75 -28.03
C LEU A 100 -19.08 -6.52 -28.14
N SER A 101 -18.61 -6.75 -29.36
CA SER A 101 -17.39 -7.50 -29.61
C SER A 101 -16.41 -6.64 -30.38
N PRO A 102 -15.13 -7.04 -30.42
CA PRO A 102 -14.18 -6.26 -31.23
C PRO A 102 -14.53 -6.32 -32.71
N GLN A 103 -14.20 -5.28 -33.45
CA GLN A 103 -14.45 -5.23 -34.88
C GLN A 103 -13.25 -5.79 -35.62
N ILE A 104 -13.11 -7.11 -35.61
CA ILE A 104 -11.98 -7.76 -36.27
C ILE A 104 -12.46 -8.89 -37.17
N ALA A 105 -11.85 -9.00 -38.34
CA ALA A 105 -12.26 -9.99 -39.32
C ALA A 105 -11.15 -11.00 -39.58
N VAL A 106 -11.54 -12.17 -40.07
CA VAL A 106 -10.57 -13.16 -40.49
C VAL A 106 -10.55 -13.25 -42.00
N VAL A 107 -9.37 -13.06 -42.58
CA VAL A 107 -9.21 -13.16 -44.03
C VAL A 107 -8.41 -14.42 -44.38
N THR A 108 -8.92 -15.21 -45.30
CA THR A 108 -8.26 -16.45 -45.75
C THR A 108 -7.68 -16.26 -47.15
N HIS A 109 -6.60 -17.00 -47.44
CA HIS A 109 -5.85 -16.85 -48.69
C HIS A 109 -6.68 -17.04 -49.96
N ASP A 110 -7.83 -17.70 -49.85
CA ASP A 110 -8.71 -17.86 -51.00
C ASP A 110 -9.59 -16.62 -51.21
N GLY A 111 -9.34 -15.59 -50.40
CA GLY A 111 -10.07 -14.33 -50.53
C GLY A 111 -11.39 -14.27 -49.80
N SER A 112 -11.67 -15.27 -48.97
CA SER A 112 -12.91 -15.28 -48.20
C SER A 112 -12.72 -14.55 -46.88
N VAL A 113 -13.80 -13.97 -46.39
CA VAL A 113 -13.77 -13.12 -45.20
C VAL A 113 -14.84 -13.57 -44.22
N MET A 114 -14.45 -13.72 -42.95
CA MET A 114 -15.39 -14.04 -41.90
C MET A 114 -15.41 -12.91 -40.87
N PHE A 115 -16.57 -12.31 -40.68
CA PHE A 115 -16.75 -11.18 -39.75
C PHE A 115 -17.96 -11.46 -38.88
N ILE A 116 -17.78 -11.47 -37.57
CA ILE A 116 -18.87 -11.81 -36.65
C ILE A 116 -19.03 -10.83 -35.48
N PRO A 117 -19.72 -9.71 -35.70
CA PRO A 117 -19.92 -8.75 -34.61
C PRO A 117 -21.03 -9.19 -33.66
N ALA A 118 -20.74 -9.25 -32.36
CA ALA A 118 -21.78 -9.42 -31.36
C ALA A 118 -22.44 -8.07 -31.12
N GLN A 119 -23.77 -8.05 -31.05
CA GLN A 119 -24.50 -6.78 -31.01
C GLN A 119 -25.75 -6.82 -30.14
N ARG A 120 -26.14 -5.65 -29.65
CA ARG A 120 -27.43 -5.46 -28.98
C ARG A 120 -28.38 -4.68 -29.90
N LEU A 121 -29.57 -5.20 -30.12
CA LEU A 121 -30.50 -4.61 -31.08
C LEU A 121 -31.88 -4.40 -30.51
N SER A 122 -32.38 -3.17 -30.62
CA SER A 122 -33.77 -2.89 -30.30
C SER A 122 -34.56 -2.89 -31.60
N PHE A 123 -35.65 -3.65 -31.64
CA PHE A 123 -36.47 -3.73 -32.85
C PHE A 123 -37.96 -3.77 -32.55
N MET A 124 -38.76 -3.59 -33.59
CA MET A 124 -40.21 -3.49 -33.46
C MET A 124 -40.88 -4.84 -33.29
N CYS A 125 -41.52 -5.03 -32.15
CA CYS A 125 -42.27 -6.25 -31.89
C CYS A 125 -43.30 -6.03 -30.79
N ASP A 126 -44.52 -6.50 -31.04
CA ASP A 126 -45.56 -6.47 -30.03
C ASP A 126 -45.46 -7.76 -29.23
N PRO A 127 -44.96 -7.67 -27.99
CA PRO A 127 -44.68 -8.86 -27.19
C PRO A 127 -45.91 -9.37 -26.46
N THR A 128 -47.08 -8.88 -26.84
CA THR A 128 -48.33 -9.32 -26.21
C THR A 128 -48.53 -10.81 -26.38
N GLY A 129 -48.67 -11.51 -25.26
CA GLY A 129 -48.83 -12.96 -25.26
C GLY A 129 -47.55 -13.68 -24.86
N VAL A 130 -46.53 -12.92 -24.52
CA VAL A 130 -45.24 -13.49 -24.14
C VAL A 130 -45.37 -14.27 -22.83
N ASP A 131 -46.34 -13.85 -22.00
CA ASP A 131 -46.56 -14.49 -20.72
C ASP A 131 -47.66 -15.56 -20.79
N SER A 132 -47.71 -16.27 -21.90
CA SER A 132 -48.67 -17.36 -22.06
C SER A 132 -47.93 -18.63 -22.49
N GLU A 133 -48.64 -19.74 -22.55
CA GLU A 133 -48.01 -21.00 -22.94
C GLU A 133 -47.66 -21.01 -24.41
N GLU A 134 -48.52 -20.39 -25.22
CA GLU A 134 -48.28 -20.29 -26.66
C GLU A 134 -47.14 -19.32 -26.95
N GLY A 135 -47.06 -18.27 -26.13
CA GLY A 135 -46.03 -17.27 -26.29
C GLY A 135 -46.32 -16.32 -27.42
N VAL A 136 -45.29 -15.64 -27.89
CA VAL A 136 -45.42 -14.61 -28.92
C VAL A 136 -44.35 -14.81 -30.00
N THR A 137 -44.60 -14.28 -31.19
CA THR A 137 -43.63 -14.36 -32.28
C THR A 137 -43.14 -12.97 -32.69
N CYS A 138 -41.82 -12.81 -32.76
CA CYS A 138 -41.21 -11.59 -33.25
C CYS A 138 -40.46 -11.89 -34.53
N ALA A 139 -40.29 -10.86 -35.37
CA ALA A 139 -39.57 -11.03 -36.62
C ALA A 139 -38.86 -9.75 -37.04
N VAL A 140 -37.65 -9.91 -37.58
CA VAL A 140 -36.88 -8.78 -38.08
C VAL A 140 -36.02 -9.24 -39.27
N LYS A 141 -36.09 -8.49 -40.37
CA LYS A 141 -35.34 -8.80 -41.59
C LYS A 141 -33.98 -8.10 -41.60
N PHE A 142 -33.00 -8.75 -42.23
CA PHE A 142 -31.66 -8.18 -42.37
C PHE A 142 -31.26 -8.25 -43.83
N GLY A 143 -30.63 -7.18 -44.32
CA GLY A 143 -30.16 -7.16 -45.69
C GLY A 143 -29.41 -5.89 -46.02
N SER A 144 -28.88 -5.81 -47.23
CA SER A 144 -28.24 -4.60 -47.72
C SER A 144 -29.23 -3.44 -47.73
N TRP A 145 -28.77 -2.27 -47.30
CA TRP A 145 -29.64 -1.10 -47.32
C TRP A 145 -29.71 -0.49 -48.72
N VAL A 146 -28.57 -0.41 -49.40
CA VAL A 146 -28.51 0.25 -50.70
C VAL A 146 -28.21 -0.64 -51.93
N TYR A 147 -27.84 -1.91 -51.71
CA TYR A 147 -27.58 -2.81 -52.83
C TYR A 147 -28.74 -3.77 -53.11
N SER A 148 -29.18 -3.79 -54.35
CA SER A 148 -30.27 -4.69 -54.74
C SER A 148 -29.78 -6.13 -54.88
N GLY A 149 -30.71 -7.04 -55.18
CA GLY A 149 -30.40 -8.44 -55.37
C GLY A 149 -29.59 -8.73 -56.62
N PHE A 150 -29.39 -7.73 -57.47
CA PHE A 150 -28.55 -7.89 -58.65
C PHE A 150 -27.08 -7.61 -58.29
N GLU A 151 -26.87 -7.06 -57.10
CA GLU A 151 -25.52 -6.66 -56.69
C GLU A 151 -25.07 -7.40 -55.43
N ILE A 152 -25.97 -7.56 -54.47
CA ILE A 152 -25.70 -8.39 -53.31
C ILE A 152 -26.81 -9.41 -53.13
N ASP A 153 -26.44 -10.67 -53.19
CA ASP A 153 -27.37 -11.75 -52.89
C ASP A 153 -27.04 -12.27 -51.49
N LEU A 154 -28.01 -12.87 -50.82
CA LEU A 154 -27.81 -13.37 -49.48
C LEU A 154 -27.98 -14.88 -49.46
N LYS A 155 -27.35 -15.52 -48.49
CA LYS A 155 -27.38 -16.97 -48.40
C LYS A 155 -27.34 -17.37 -46.93
N THR A 156 -27.97 -18.49 -46.60
CA THR A 156 -27.81 -19.07 -45.28
C THR A 156 -27.27 -20.49 -45.40
N ASP A 157 -26.44 -20.90 -44.44
CA ASP A 157 -25.93 -22.26 -44.41
C ASP A 157 -26.93 -23.20 -43.72
N THR A 158 -27.94 -22.61 -43.08
CA THR A 158 -28.94 -23.39 -42.36
C THR A 158 -30.19 -22.53 -42.07
N ASP A 159 -31.32 -23.20 -41.89
CA ASP A 159 -32.57 -22.52 -41.56
C ASP A 159 -32.65 -22.18 -40.09
N GLN A 160 -31.85 -22.88 -39.29
CA GLN A 160 -31.92 -22.74 -37.83
C GLN A 160 -30.95 -21.70 -37.29
N VAL A 161 -31.45 -20.87 -36.38
CA VAL A 161 -30.61 -19.96 -35.62
C VAL A 161 -29.82 -20.75 -34.59
N ASP A 162 -28.52 -20.46 -34.49
CA ASP A 162 -27.67 -21.12 -33.51
C ASP A 162 -28.09 -20.71 -32.10
N LEU A 163 -28.65 -21.66 -31.35
CA LEU A 163 -29.06 -21.43 -29.97
C LEU A 163 -28.14 -22.12 -28.99
N SER A 164 -26.94 -22.50 -29.44
CA SER A 164 -26.03 -23.27 -28.59
C SER A 164 -25.36 -22.41 -27.54
N SER A 165 -25.48 -21.10 -27.66
CA SER A 165 -24.89 -20.19 -26.70
C SER A 165 -25.93 -19.36 -25.98
N TYR A 166 -27.19 -19.78 -26.06
CA TYR A 166 -28.28 -19.07 -25.43
C TYR A 166 -28.19 -19.19 -23.90
N TYR A 167 -28.37 -18.08 -23.21
CA TYR A 167 -28.23 -18.01 -21.75
C TYR A 167 -29.15 -18.99 -21.04
N ALA A 168 -28.56 -19.82 -20.18
CA ALA A 168 -29.29 -20.88 -19.49
C ALA A 168 -30.33 -20.34 -18.51
N SER A 169 -30.04 -19.19 -17.92
CA SER A 169 -30.96 -18.64 -16.92
C SER A 169 -31.71 -17.44 -17.47
N SER A 170 -32.03 -17.49 -18.76
CA SER A 170 -32.75 -16.41 -19.41
C SER A 170 -34.16 -16.24 -18.86
N LYS A 171 -34.64 -15.01 -18.86
CA LYS A 171 -36.03 -14.72 -18.51
C LYS A 171 -36.98 -15.42 -19.47
N TYR A 172 -36.49 -15.73 -20.67
CA TYR A 172 -37.34 -16.29 -21.73
C TYR A 172 -36.83 -17.62 -22.27
N GLU A 173 -37.79 -18.50 -22.58
CA GLU A 173 -37.52 -19.78 -23.20
C GLU A 173 -37.81 -19.67 -24.70
N ILE A 174 -36.92 -20.20 -25.54
CA ILE A 174 -37.10 -20.11 -26.98
C ILE A 174 -37.83 -21.32 -27.55
N LEU A 175 -39.00 -21.09 -28.13
CA LEU A 175 -39.82 -22.18 -28.67
C LEU A 175 -39.39 -22.60 -30.07
N SER A 176 -38.97 -21.62 -30.87
CA SER A 176 -38.40 -21.86 -32.21
C SER A 176 -37.76 -20.58 -32.71
N ALA A 177 -36.72 -20.71 -33.52
CA ALA A 177 -36.00 -19.55 -34.02
C ALA A 177 -35.39 -19.84 -35.39
N THR A 178 -35.90 -19.15 -36.43
CA THR A 178 -35.49 -19.45 -37.79
C THR A 178 -34.89 -18.26 -38.54
N GLN A 179 -34.09 -18.57 -39.54
CA GLN A 179 -33.50 -17.58 -40.42
C GLN A 179 -33.76 -18.01 -41.86
N THR A 180 -34.52 -17.20 -42.60
CA THR A 180 -34.99 -17.60 -43.93
C THR A 180 -34.73 -16.53 -44.97
N ARG A 181 -34.14 -16.94 -46.09
CA ARG A 181 -33.85 -16.03 -47.20
C ARG A 181 -35.12 -15.61 -47.92
N GLN A 182 -35.30 -14.30 -48.11
CA GLN A 182 -36.48 -13.78 -48.81
C GLN A 182 -36.13 -12.88 -49.98
N VAL A 183 -36.93 -12.95 -51.04
CA VAL A 183 -36.78 -12.06 -52.19
C VAL A 183 -37.96 -11.10 -52.29
N GLN A 184 -37.68 -9.80 -52.20
CA GLN A 184 -38.74 -8.80 -52.13
C GLN A 184 -38.73 -7.80 -53.28
N HIS A 185 -39.92 -7.48 -53.79
CA HIS A 185 -40.07 -6.42 -54.78
C HIS A 185 -40.83 -5.25 -54.18
N TYR A 186 -40.11 -4.17 -53.90
CA TYR A 186 -40.71 -2.97 -53.33
C TYR A 186 -41.21 -2.03 -54.42
N SER A 187 -42.33 -1.37 -54.16
CA SER A 187 -42.97 -0.50 -55.14
C SER A 187 -42.07 0.67 -55.54
N CYS A 188 -41.11 0.97 -54.67
CA CYS A 188 -40.22 2.12 -54.86
C CYS A 188 -39.18 1.87 -55.95
N CYS A 189 -38.75 0.61 -56.07
CA CYS A 189 -37.55 0.29 -56.81
C CYS A 189 -37.81 -0.76 -57.90
N PRO A 190 -37.06 -0.69 -59.02
CA PRO A 190 -37.25 -1.61 -60.15
C PRO A 190 -36.57 -2.97 -59.95
N GLU A 191 -35.65 -3.05 -58.99
CA GLU A 191 -34.88 -4.27 -58.77
C GLU A 191 -35.26 -4.92 -57.44
N PRO A 192 -35.22 -6.26 -57.40
CA PRO A 192 -35.51 -7.01 -56.17
C PRO A 192 -34.47 -6.77 -55.08
N TYR A 193 -34.93 -6.76 -53.84
CA TYR A 193 -34.00 -6.72 -52.72
C TYR A 193 -34.05 -8.05 -51.98
N ILE A 194 -32.90 -8.46 -51.44
CA ILE A 194 -32.82 -9.74 -50.76
C ILE A 194 -32.64 -9.50 -49.27
N ASP A 195 -33.46 -10.16 -48.45
CA ASP A 195 -33.26 -10.10 -47.01
C ASP A 195 -33.21 -11.48 -46.38
N VAL A 196 -32.73 -11.55 -45.14
CA VAL A 196 -32.84 -12.75 -44.33
C VAL A 196 -33.72 -12.49 -43.12
N ASN A 197 -34.81 -13.22 -43.04
CA ASN A 197 -35.84 -12.98 -42.03
C ASN A 197 -35.61 -13.77 -40.75
N LEU A 198 -35.37 -13.08 -39.66
CA LEU A 198 -35.15 -13.72 -38.36
C LEU A 198 -36.49 -13.81 -37.61
N VAL A 199 -37.02 -15.02 -37.48
CA VAL A 199 -38.31 -15.24 -36.85
C VAL A 199 -38.16 -16.02 -35.55
N VAL A 200 -38.51 -15.40 -34.43
CA VAL A 200 -38.35 -16.00 -33.12
C VAL A 200 -39.66 -16.07 -32.33
N LYS A 201 -40.06 -17.28 -31.96
CA LYS A 201 -41.23 -17.48 -31.11
C LYS A 201 -40.74 -17.85 -29.71
N PHE A 202 -41.21 -17.12 -28.71
CA PHE A 202 -40.72 -17.31 -27.35
C PHE A 202 -41.75 -16.98 -26.29
N ARG A 203 -41.47 -17.38 -25.04
CA ARG A 203 -42.37 -17.13 -23.92
C ARG A 203 -41.59 -16.93 -22.63
N GLU A 204 -42.26 -16.40 -21.61
CA GLU A 204 -41.64 -16.24 -20.30
C GLU A 204 -41.37 -17.61 -19.67
N ARG A 205 -40.56 -17.62 -18.60
CA ARG A 205 -40.12 -18.85 -17.94
C ARG A 205 -39.34 -19.77 -18.86
N GLN B 1 -15.14 -3.68 -60.86
CA GLN B 1 -14.23 -3.04 -59.92
C GLN B 1 -13.25 -2.09 -60.63
N ALA B 2 -12.72 -2.52 -61.77
CA ALA B 2 -11.70 -1.77 -62.48
C ALA B 2 -12.20 -0.40 -62.95
N ASN B 3 -13.20 -0.41 -63.82
CA ASN B 3 -13.76 0.83 -64.34
C ASN B 3 -14.34 1.72 -63.24
N LEU B 4 -14.99 1.10 -62.26
CA LEU B 4 -15.60 1.85 -61.19
C LEU B 4 -14.58 2.59 -60.33
N MET B 5 -13.48 1.90 -59.99
CA MET B 5 -12.39 2.52 -59.25
C MET B 5 -11.88 3.77 -59.95
N ARG B 6 -11.79 3.70 -61.27
CA ARG B 6 -11.32 4.82 -62.07
C ARG B 6 -12.34 5.94 -62.04
N LEU B 7 -13.61 5.58 -62.20
CA LEU B 7 -14.70 6.54 -62.17
C LEU B 7 -14.69 7.32 -60.85
N LYS B 8 -14.60 6.58 -59.74
CA LYS B 8 -14.58 7.19 -58.42
C LYS B 8 -13.36 8.08 -58.21
N SER B 9 -12.21 7.63 -58.69
CA SER B 9 -10.99 8.40 -58.55
C SER B 9 -11.03 9.65 -59.41
N ASP B 10 -11.74 9.58 -60.53
CA ASP B 10 -11.87 10.73 -61.43
C ASP B 10 -12.84 11.76 -60.87
N LEU B 11 -13.90 11.29 -60.21
CA LEU B 11 -14.89 12.19 -59.65
C LEU B 11 -14.41 12.83 -58.35
N PHE B 12 -13.87 12.00 -57.46
CA PHE B 12 -13.62 12.43 -56.08
C PHE B 12 -12.19 12.88 -55.80
N ASN B 13 -11.24 12.44 -56.62
CA ASN B 13 -9.84 12.77 -56.37
C ASN B 13 -9.21 13.65 -57.45
N ARG B 14 -9.87 13.76 -58.59
CA ARG B 14 -9.35 14.56 -59.69
C ARG B 14 -10.04 15.91 -59.74
N SER B 15 -10.73 16.26 -58.65
CA SER B 15 -11.47 17.51 -58.56
C SER B 15 -11.64 17.91 -57.10
N PRO B 16 -11.86 19.22 -56.85
CA PRO B 16 -12.18 19.63 -55.48
C PRO B 16 -13.58 19.17 -55.14
N MET B 17 -13.99 19.29 -53.87
CA MET B 17 -15.35 18.92 -53.52
C MET B 17 -16.30 20.09 -53.74
N TYR B 18 -17.54 19.75 -54.10
CA TYR B 18 -18.60 20.74 -54.27
C TYR B 18 -18.77 21.56 -52.99
N PRO B 19 -18.56 22.88 -53.08
CA PRO B 19 -18.62 23.79 -51.94
C PRO B 19 -20.05 24.17 -51.54
N GLY B 20 -21.04 23.44 -52.03
CA GLY B 20 -22.43 23.75 -51.73
C GLY B 20 -22.98 24.75 -52.72
N PRO B 21 -24.30 24.94 -52.71
CA PRO B 21 -24.97 25.87 -53.64
C PRO B 21 -24.71 27.33 -53.33
N THR B 22 -24.88 28.18 -54.35
CA THR B 22 -24.87 29.62 -54.15
C THR B 22 -26.08 30.22 -54.85
N LYS B 23 -26.29 31.51 -54.69
CA LYS B 23 -27.41 32.19 -55.32
C LYS B 23 -27.30 32.11 -56.84
N ASP B 24 -26.07 32.06 -57.33
CA ASP B 24 -25.81 31.93 -58.76
C ASP B 24 -26.05 30.50 -59.25
N ASP B 25 -25.73 29.53 -58.41
CA ASP B 25 -25.94 28.13 -58.77
C ASP B 25 -26.77 27.42 -57.70
N PRO B 26 -28.07 27.74 -57.63
CA PRO B 26 -28.96 27.21 -56.59
C PRO B 26 -29.24 25.72 -56.79
N LEU B 27 -29.91 25.11 -55.82
CA LEU B 27 -30.11 23.66 -55.83
C LEU B 27 -31.48 23.31 -55.27
N THR B 28 -32.15 22.35 -55.89
CA THR B 28 -33.43 21.88 -55.38
C THR B 28 -33.33 20.46 -54.83
N VAL B 29 -33.59 20.33 -53.54
CA VAL B 29 -33.57 19.03 -52.89
C VAL B 29 -34.97 18.45 -52.77
N THR B 30 -35.15 17.23 -53.30
CA THR B 30 -36.43 16.53 -53.17
C THR B 30 -36.45 15.77 -51.85
N LEU B 31 -37.60 15.81 -51.18
CA LEU B 31 -37.74 15.28 -49.85
C LEU B 31 -38.96 14.38 -49.76
N GLY B 32 -38.82 13.27 -49.06
CA GLY B 32 -39.91 12.32 -48.90
C GLY B 32 -39.79 11.56 -47.60
N PHE B 33 -40.92 11.26 -46.99
CA PHE B 33 -40.91 10.57 -45.70
C PHE B 33 -41.66 9.24 -45.74
N THR B 34 -41.03 8.23 -45.16
CA THR B 34 -41.63 6.92 -44.97
C THR B 34 -41.70 6.67 -43.48
N LEU B 35 -42.90 6.67 -42.91
CA LEU B 35 -43.08 6.53 -41.47
C LEU B 35 -43.20 5.06 -41.06
N GLN B 36 -42.31 4.61 -40.18
CA GLN B 36 -42.21 3.19 -39.84
C GLN B 36 -43.00 2.85 -38.57
N ASP B 37 -42.83 3.67 -37.53
CA ASP B 37 -43.61 3.49 -36.31
C ASP B 37 -43.56 4.73 -35.45
N ILE B 38 -44.63 4.98 -34.72
CA ILE B 38 -44.59 5.95 -33.64
C ILE B 38 -44.19 5.18 -32.39
N VAL B 39 -42.99 5.46 -31.91
CA VAL B 39 -42.27 4.54 -31.05
C VAL B 39 -42.32 4.89 -29.55
N LYS B 40 -42.55 6.16 -29.24
CA LYS B 40 -42.69 6.58 -27.84
C LYS B 40 -43.54 7.83 -27.71
N VAL B 41 -44.35 7.89 -26.66
CA VAL B 41 -45.14 9.07 -26.38
C VAL B 41 -45.01 9.48 -24.91
N ASP B 42 -44.50 10.68 -24.66
CA ASP B 42 -44.30 11.15 -23.30
C ASP B 42 -45.15 12.41 -23.01
N SER B 43 -46.24 12.23 -22.28
CA SER B 43 -47.16 13.33 -21.99
C SER B 43 -46.65 14.25 -20.89
N SER B 44 -45.65 13.79 -20.13
CA SER B 44 -45.14 14.58 -19.01
C SER B 44 -44.10 15.61 -19.46
N THR B 45 -43.57 15.43 -20.67
CA THR B 45 -42.57 16.36 -21.19
C THR B 45 -42.91 16.86 -22.60
N ASN B 46 -44.06 16.43 -23.12
CA ASN B 46 -44.46 16.75 -24.49
C ASN B 46 -43.39 16.35 -25.50
N GLU B 47 -43.04 15.08 -25.51
CA GLU B 47 -42.05 14.55 -26.43
C GLU B 47 -42.59 13.30 -27.10
N VAL B 48 -42.45 13.23 -28.43
CA VAL B 48 -42.88 12.06 -29.19
C VAL B 48 -41.71 11.55 -30.01
N ASP B 49 -41.61 10.23 -30.15
CA ASP B 49 -40.51 9.62 -30.90
C ASP B 49 -41.01 8.93 -32.15
N LEU B 50 -40.35 9.22 -33.27
CA LEU B 50 -40.69 8.58 -34.54
C LEU B 50 -39.51 7.76 -35.06
N VAL B 51 -39.83 6.72 -35.81
CA VAL B 51 -38.84 6.06 -36.64
C VAL B 51 -39.30 6.18 -38.09
N TYR B 52 -38.44 6.76 -38.94
CA TYR B 52 -38.82 7.04 -40.32
C TYR B 52 -37.63 6.98 -41.26
N TRP B 53 -37.89 6.80 -42.56
CA TRP B 53 -36.85 6.91 -43.56
C TRP B 53 -36.97 8.28 -44.21
N GLU B 54 -35.86 8.99 -44.31
CA GLU B 54 -35.86 10.31 -44.93
C GLU B 54 -35.18 10.24 -46.28
N ARG B 55 -35.96 10.20 -47.34
CA ARG B 55 -35.38 10.14 -48.67
C ARG B 55 -34.97 11.54 -49.15
N GLN B 56 -33.72 11.68 -49.54
CA GLN B 56 -33.20 12.96 -50.06
C GLN B 56 -32.63 12.77 -51.46
N ARG B 57 -33.05 13.64 -52.38
CA ARG B 57 -32.59 13.55 -53.75
C ARG B 57 -32.24 14.94 -54.30
N TRP B 58 -31.09 15.02 -54.95
CA TRP B 58 -30.61 16.25 -55.58
C TRP B 58 -29.71 15.91 -56.76
N LYS B 59 -29.26 16.92 -57.50
CA LYS B 59 -28.45 16.67 -58.68
C LYS B 59 -27.33 17.69 -58.87
N LEU B 60 -26.12 17.21 -59.12
CA LEU B 60 -24.98 18.09 -59.35
C LEU B 60 -24.39 17.85 -60.74
N ASN B 61 -24.08 18.93 -61.44
CA ASN B 61 -23.42 18.84 -62.73
C ASN B 61 -22.04 18.19 -62.61
N SER B 62 -21.39 18.40 -61.48
CA SER B 62 -20.03 17.91 -61.26
C SER B 62 -20.00 16.42 -60.92
N LEU B 63 -21.18 15.81 -60.79
CA LEU B 63 -21.26 14.37 -60.56
C LEU B 63 -21.71 13.60 -61.80
N MET B 64 -21.64 14.26 -62.95
CA MET B 64 -22.05 13.65 -64.20
C MET B 64 -20.90 12.94 -64.89
N TRP B 65 -21.20 11.85 -65.59
CA TRP B 65 -20.23 11.19 -66.44
C TRP B 65 -20.93 10.48 -67.59
N ASP B 66 -20.17 10.16 -68.64
CA ASP B 66 -20.67 9.36 -69.74
C ASP B 66 -20.36 7.90 -69.45
N PRO B 67 -21.37 7.07 -69.35
CA PRO B 67 -21.13 5.67 -69.13
C PRO B 67 -20.22 5.11 -70.18
N ASN B 68 -20.50 5.42 -71.43
CA ASN B 68 -19.75 4.85 -72.55
C ASN B 68 -18.23 4.95 -72.39
N GLU B 69 -17.77 5.81 -71.48
CA GLU B 69 -16.35 5.96 -71.22
C GLU B 69 -15.93 5.35 -69.88
N TYR B 70 -16.84 4.64 -69.26
CA TYR B 70 -16.58 4.06 -67.97
C TYR B 70 -17.19 2.69 -67.88
N GLY B 71 -17.14 1.95 -68.96
CA GLY B 71 -17.60 0.59 -68.97
C GLY B 71 -19.09 0.41 -68.86
N ASN B 72 -19.85 1.32 -69.45
CA ASN B 72 -21.29 1.32 -69.32
C ASN B 72 -21.83 1.34 -67.89
N ILE B 73 -21.08 1.92 -66.97
CA ILE B 73 -21.55 2.07 -65.62
C ILE B 73 -22.57 3.19 -65.54
N THR B 74 -23.78 2.87 -65.11
CA THR B 74 -24.82 3.86 -64.98
C THR B 74 -24.91 4.49 -63.61
N ASP B 75 -24.55 3.73 -62.60
CA ASP B 75 -24.64 4.20 -61.21
C ASP B 75 -23.70 3.45 -60.28
N PHE B 76 -23.50 4.00 -59.08
CA PHE B 76 -22.68 3.36 -58.06
C PHE B 76 -23.07 3.78 -56.64
N ARG B 77 -22.64 2.97 -55.67
CA ARG B 77 -22.86 3.25 -54.27
C ARG B 77 -21.57 3.81 -53.71
N THR B 78 -21.68 4.77 -52.81
CA THR B 78 -20.48 5.31 -52.15
C THR B 78 -20.82 5.89 -50.78
N SER B 79 -19.82 6.01 -49.92
CA SER B 79 -20.01 6.57 -48.60
C SER B 79 -20.54 8.00 -48.70
N ALA B 80 -21.43 8.38 -47.79
CA ALA B 80 -22.01 9.73 -47.78
C ALA B 80 -20.94 10.78 -47.50
N ALA B 81 -19.83 10.36 -46.92
CA ALA B 81 -18.72 11.27 -46.63
C ALA B 81 -17.89 11.60 -47.87
N ASP B 82 -18.11 10.87 -48.96
CA ASP B 82 -17.41 11.12 -50.22
C ASP B 82 -18.01 12.32 -50.95
N ILE B 83 -19.25 12.65 -50.64
CA ILE B 83 -19.95 13.70 -51.36
C ILE B 83 -20.49 14.79 -50.43
N TRP B 84 -20.83 15.93 -51.03
CA TRP B 84 -21.53 16.98 -50.32
C TRP B 84 -22.95 16.51 -50.05
N THR B 85 -23.49 16.85 -48.90
CA THR B 85 -24.88 16.55 -48.57
C THR B 85 -25.53 17.80 -48.01
N PRO B 86 -26.85 17.94 -48.18
CA PRO B 86 -27.56 19.11 -47.66
C PRO B 86 -27.73 19.09 -46.15
N ASP B 87 -27.70 20.26 -45.52
CA ASP B 87 -27.87 20.38 -44.08
C ASP B 87 -29.34 20.34 -43.67
N ILE B 88 -30.10 19.42 -44.24
CA ILE B 88 -31.51 19.27 -43.88
C ILE B 88 -31.65 18.85 -42.43
N THR B 89 -32.49 19.54 -41.68
CA THR B 89 -32.66 19.23 -40.25
C THR B 89 -34.04 19.58 -39.71
N ALA B 90 -34.48 18.81 -38.73
CA ALA B 90 -35.74 19.10 -38.03
C ALA B 90 -35.59 20.34 -37.16
N TYR B 91 -36.57 21.24 -37.24
CA TYR B 91 -36.54 22.49 -36.50
C TYR B 91 -36.77 22.32 -35.01
N SER B 92 -37.57 21.34 -34.64
CA SER B 92 -37.99 21.20 -33.24
C SER B 92 -37.68 19.85 -32.61
N SER B 93 -36.52 19.29 -32.92
CA SER B 93 -36.05 18.09 -32.22
C SER B 93 -35.71 18.42 -30.77
N THR B 94 -35.82 17.42 -29.90
CA THR B 94 -35.52 17.61 -28.49
C THR B 94 -34.22 16.90 -28.09
N ARG B 95 -33.77 15.97 -28.95
CA ARG B 95 -32.53 15.21 -28.73
C ARG B 95 -31.86 14.99 -30.08
N PRO B 96 -30.54 14.77 -30.10
CA PRO B 96 -29.85 14.52 -31.37
C PRO B 96 -30.49 13.36 -32.12
N VAL B 97 -30.81 13.56 -33.39
CA VAL B 97 -31.43 12.51 -34.18
C VAL B 97 -30.43 11.35 -34.32
N GLN B 98 -30.94 10.13 -34.21
CA GLN B 98 -30.10 8.95 -34.33
C GLN B 98 -30.31 8.23 -35.66
N VAL B 99 -29.21 7.93 -36.35
CA VAL B 99 -29.24 7.25 -37.63
C VAL B 99 -29.30 5.72 -37.44
N LEU B 100 -30.17 5.06 -38.18
CA LEU B 100 -30.41 3.63 -37.99
C LEU B 100 -29.93 2.80 -39.17
N SER B 101 -29.51 3.46 -40.23
CA SER B 101 -29.09 2.80 -41.46
C SER B 101 -27.70 3.28 -41.86
N PRO B 102 -26.99 2.51 -42.69
CA PRO B 102 -25.65 2.92 -43.13
C PRO B 102 -25.66 4.23 -43.92
N GLN B 103 -24.59 4.99 -43.82
CA GLN B 103 -24.49 6.30 -44.47
C GLN B 103 -24.00 6.14 -45.91
N ILE B 104 -24.82 5.54 -46.75
CA ILE B 104 -24.43 5.30 -48.14
C ILE B 104 -25.42 5.94 -49.10
N ALA B 105 -24.91 6.47 -50.21
CA ALA B 105 -25.77 7.11 -51.19
C ALA B 105 -25.65 6.43 -52.55
N VAL B 106 -26.66 6.63 -53.39
CA VAL B 106 -26.64 6.15 -54.76
C VAL B 106 -26.39 7.30 -55.71
N VAL B 107 -25.33 7.19 -56.50
CA VAL B 107 -25.00 8.22 -57.46
C VAL B 107 -25.23 7.71 -58.88
N THR B 108 -26.01 8.45 -59.67
CA THR B 108 -26.33 8.06 -61.04
C THR B 108 -25.61 8.96 -62.05
N HIS B 109 -25.43 8.46 -63.27
CA HIS B 109 -24.62 9.13 -64.29
C HIS B 109 -25.16 10.50 -64.72
N ASP B 110 -26.43 10.75 -64.44
CA ASP B 110 -27.02 12.07 -64.72
C ASP B 110 -26.70 13.07 -63.61
N GLY B 111 -25.90 12.65 -62.65
CA GLY B 111 -25.45 13.53 -61.58
C GLY B 111 -26.37 13.57 -60.38
N SER B 112 -27.42 12.75 -60.43
CA SER B 112 -28.40 12.70 -59.35
C SER B 112 -27.92 11.81 -58.20
N VAL B 113 -28.26 12.22 -56.98
CA VAL B 113 -27.88 11.50 -55.78
C VAL B 113 -29.12 11.07 -55.01
N MET B 114 -29.14 9.82 -54.56
CA MET B 114 -30.24 9.32 -53.73
C MET B 114 -29.68 8.85 -52.38
N PHE B 115 -30.26 9.36 -51.30
CA PHE B 115 -29.75 9.09 -49.95
C PHE B 115 -30.95 8.90 -49.03
N ILE B 116 -31.07 7.71 -48.44
CA ILE B 116 -32.24 7.38 -47.62
C ILE B 116 -31.87 6.91 -46.21
N PRO B 117 -31.45 7.83 -45.34
CA PRO B 117 -31.15 7.43 -43.96
C PRO B 117 -32.41 7.07 -43.17
N ALA B 118 -32.40 5.92 -42.50
CA ALA B 118 -33.44 5.61 -41.53
C ALA B 118 -33.04 6.27 -40.21
N GLN B 119 -34.03 6.80 -39.48
CA GLN B 119 -33.73 7.59 -38.30
C GLN B 119 -34.73 7.46 -37.16
N ARG B 120 -34.24 7.65 -35.94
CA ARG B 120 -35.09 7.83 -34.78
C ARG B 120 -35.03 9.28 -34.33
N LEU B 121 -36.19 9.92 -34.19
CA LEU B 121 -36.26 11.35 -33.86
C LEU B 121 -37.19 11.64 -32.69
N SER B 122 -36.66 12.28 -31.66
CA SER B 122 -37.48 12.84 -30.58
C SER B 122 -37.78 14.30 -30.90
N PHE B 123 -39.06 14.67 -30.88
CA PHE B 123 -39.44 16.05 -31.19
C PHE B 123 -40.60 16.56 -30.35
N MET B 124 -40.85 17.87 -30.45
CA MET B 124 -41.83 18.55 -29.61
C MET B 124 -43.28 18.30 -30.05
N CYS B 125 -44.03 17.63 -29.18
CA CYS B 125 -45.46 17.46 -29.42
C CYS B 125 -46.19 17.13 -28.14
N ASP B 126 -47.32 17.81 -27.93
CA ASP B 126 -48.21 17.49 -26.83
C ASP B 126 -49.20 16.45 -27.33
N PRO B 127 -49.13 15.24 -26.78
CA PRO B 127 -49.95 14.12 -27.24
C PRO B 127 -51.26 14.01 -26.48
N THR B 128 -51.65 15.06 -25.76
CA THR B 128 -52.94 15.08 -25.08
C THR B 128 -54.06 14.75 -26.07
N GLY B 129 -54.86 13.75 -25.74
CA GLY B 129 -55.95 13.31 -26.59
C GLY B 129 -55.61 12.11 -27.46
N VAL B 130 -54.39 11.60 -27.33
CA VAL B 130 -53.93 10.47 -28.14
C VAL B 130 -54.74 9.20 -27.88
N ASP B 131 -55.31 9.10 -26.68
CA ASP B 131 -56.06 7.91 -26.31
C ASP B 131 -57.55 8.06 -26.61
N SER B 132 -57.92 9.16 -27.25
CA SER B 132 -59.31 9.39 -27.62
C SER B 132 -59.59 9.02 -29.06
N GLU B 133 -60.86 8.91 -29.40
CA GLU B 133 -61.29 8.55 -30.75
C GLU B 133 -60.76 9.53 -31.79
N GLU B 134 -60.74 10.80 -31.42
CA GLU B 134 -60.37 11.88 -32.31
C GLU B 134 -58.86 11.90 -32.57
N GLY B 135 -58.10 11.43 -31.59
CA GLY B 135 -56.66 11.38 -31.71
C GLY B 135 -56.01 12.74 -31.51
N VAL B 136 -54.78 12.86 -32.01
CA VAL B 136 -53.98 14.05 -31.78
C VAL B 136 -53.17 14.36 -33.04
N THR B 137 -52.76 15.62 -33.19
CA THR B 137 -51.93 16.03 -34.31
C THR B 137 -50.59 16.59 -33.82
N CYS B 138 -49.50 16.04 -34.33
CA CYS B 138 -48.17 16.57 -34.10
C CYS B 138 -47.62 17.07 -35.42
N ALA B 139 -46.66 17.98 -35.36
CA ALA B 139 -46.04 18.49 -36.58
C ALA B 139 -44.57 18.77 -36.35
N VAL B 140 -43.76 18.58 -37.40
CA VAL B 140 -42.35 18.92 -37.33
C VAL B 140 -41.83 19.27 -38.72
N LYS B 141 -41.09 20.38 -38.80
CA LYS B 141 -40.58 20.90 -40.08
C LYS B 141 -39.17 20.40 -40.35
N PHE B 142 -38.88 20.13 -41.62
CA PHE B 142 -37.53 19.77 -42.04
C PHE B 142 -37.07 20.70 -43.15
N GLY B 143 -35.88 21.26 -43.00
CA GLY B 143 -35.30 22.07 -44.04
C GLY B 143 -33.86 22.45 -43.75
N SER B 144 -33.21 23.06 -44.73
CA SER B 144 -31.87 23.58 -44.56
C SER B 144 -31.81 24.54 -43.37
N TRP B 145 -30.73 24.45 -42.61
CA TRP B 145 -30.58 25.27 -41.43
C TRP B 145 -29.95 26.62 -41.72
N VAL B 146 -29.09 26.69 -42.73
CA VAL B 146 -28.35 27.92 -43.02
C VAL B 146 -28.47 28.41 -44.47
N TYR B 147 -29.14 27.63 -45.33
CA TYR B 147 -29.34 28.04 -46.71
C TYR B 147 -30.77 28.53 -46.95
N SER B 148 -30.91 29.74 -47.48
CA SER B 148 -32.23 30.24 -47.85
C SER B 148 -32.73 29.56 -49.12
N GLY B 149 -33.98 29.81 -49.46
CA GLY B 149 -34.59 29.25 -50.65
C GLY B 149 -34.04 29.80 -51.95
N PHE B 150 -33.10 30.73 -51.85
CA PHE B 150 -32.40 31.25 -53.02
C PHE B 150 -31.18 30.39 -53.32
N GLU B 151 -30.82 29.52 -52.38
CA GLU B 151 -29.67 28.64 -52.53
C GLU B 151 -30.09 27.16 -52.47
N ILE B 152 -30.97 26.83 -51.53
CA ILE B 152 -31.56 25.50 -51.46
C ILE B 152 -33.08 25.59 -51.43
N ASP B 153 -33.70 25.13 -52.50
CA ASP B 153 -35.15 25.04 -52.55
C ASP B 153 -35.50 23.61 -52.23
N LEU B 154 -36.70 23.40 -51.70
CA LEU B 154 -37.18 22.05 -51.39
C LEU B 154 -38.36 21.67 -52.27
N LYS B 155 -38.60 20.38 -52.40
CA LYS B 155 -39.66 19.86 -53.25
C LYS B 155 -40.17 18.55 -52.66
N THR B 156 -41.43 18.21 -52.92
CA THR B 156 -41.94 16.88 -52.63
C THR B 156 -42.50 16.26 -53.92
N ASP B 157 -42.36 14.95 -54.06
CA ASP B 157 -42.94 14.25 -55.21
C ASP B 157 -44.39 13.92 -54.93
N THR B 158 -44.76 13.99 -53.66
CA THR B 158 -46.11 13.74 -53.21
C THR B 158 -46.31 14.34 -51.83
N ASP B 159 -47.55 14.64 -51.47
CA ASP B 159 -47.83 15.24 -50.17
CA ASP B 159 -47.84 15.23 -50.17
C ASP B 159 -48.40 14.21 -49.19
N GLN B 160 -48.52 12.96 -49.66
CA GLN B 160 -48.94 11.87 -48.80
C GLN B 160 -47.71 11.14 -48.26
N VAL B 161 -47.64 11.03 -46.94
CA VAL B 161 -46.52 10.31 -46.32
C VAL B 161 -46.66 8.81 -46.58
N ASP B 162 -45.57 8.19 -47.03
CA ASP B 162 -45.56 6.77 -47.34
C ASP B 162 -45.77 5.93 -46.08
N LEU B 163 -46.88 5.20 -46.05
CA LEU B 163 -47.25 4.39 -44.91
C LEU B 163 -47.27 2.91 -45.26
N SER B 164 -46.62 2.57 -46.37
CA SER B 164 -46.61 1.18 -46.83
C SER B 164 -45.68 0.29 -45.98
N SER B 165 -44.79 0.92 -45.21
CA SER B 165 -43.91 0.19 -44.32
C SER B 165 -44.23 0.44 -42.85
N TYR B 166 -45.43 0.93 -42.58
CA TYR B 166 -45.80 1.24 -41.20
C TYR B 166 -46.07 -0.04 -40.44
N TYR B 167 -45.44 -0.18 -39.28
CA TYR B 167 -45.51 -1.40 -38.47
C TYR B 167 -46.95 -1.84 -38.18
N ALA B 168 -47.30 -3.03 -38.63
CA ALA B 168 -48.68 -3.52 -38.56
C ALA B 168 -49.21 -3.64 -37.14
N SER B 169 -48.32 -3.93 -36.19
CA SER B 169 -48.73 -4.14 -34.81
C SER B 169 -48.35 -2.98 -33.90
N SER B 170 -48.22 -1.80 -34.50
CA SER B 170 -47.93 -0.57 -33.77
C SER B 170 -48.98 -0.29 -32.70
N LYS B 171 -48.54 0.37 -31.63
CA LYS B 171 -49.45 0.84 -30.60
C LYS B 171 -50.41 1.88 -31.18
N TYR B 172 -49.98 2.54 -32.23
CA TYR B 172 -50.72 3.69 -32.75
C TYR B 172 -51.28 3.52 -34.15
N GLU B 173 -52.42 4.14 -34.39
CA GLU B 173 -53.08 4.14 -35.67
C GLU B 173 -52.94 5.51 -36.32
N ILE B 174 -52.53 5.53 -37.59
CA ILE B 174 -52.33 6.78 -38.31
C ILE B 174 -53.60 7.24 -39.02
N LEU B 175 -54.14 8.37 -38.59
CA LEU B 175 -55.38 8.91 -39.16
C LEU B 175 -55.11 9.67 -40.46
N SER B 176 -54.04 10.47 -40.46
CA SER B 176 -53.55 11.09 -41.68
C SER B 176 -52.08 11.44 -41.48
N ALA B 177 -51.35 11.63 -42.58
CA ALA B 177 -49.93 11.95 -42.52
C ALA B 177 -49.49 12.65 -43.79
N THR B 178 -49.15 13.93 -43.68
CA THR B 178 -48.82 14.72 -44.85
C THR B 178 -47.46 15.39 -44.77
N GLN B 179 -46.92 15.71 -45.94
CA GLN B 179 -45.65 16.40 -46.07
C GLN B 179 -45.84 17.53 -47.09
N THR B 180 -45.64 18.77 -46.64
CA THR B 180 -46.00 19.93 -47.44
C THR B 180 -44.89 20.97 -47.49
N ARG B 181 -44.50 21.35 -48.70
CA ARG B 181 -43.53 22.43 -48.86
C ARG B 181 -44.08 23.72 -48.27
N GLN B 182 -43.22 24.51 -47.64
CA GLN B 182 -43.61 25.78 -47.07
C GLN B 182 -42.53 26.84 -47.31
N VAL B 183 -42.98 28.06 -47.61
CA VAL B 183 -42.08 29.18 -47.78
C VAL B 183 -42.25 30.07 -46.56
N GLN B 184 -41.16 30.35 -45.85
CA GLN B 184 -41.26 31.09 -44.61
C GLN B 184 -40.29 32.28 -44.52
N HIS B 185 -40.84 33.45 -44.22
CA HIS B 185 -40.03 34.63 -43.94
C HIS B 185 -39.96 34.84 -42.42
N TYR B 186 -38.76 34.66 -41.87
CA TYR B 186 -38.53 34.92 -40.46
C TYR B 186 -38.03 36.35 -40.28
N SER B 187 -38.45 37.02 -39.22
CA SER B 187 -38.17 38.45 -39.05
C SER B 187 -36.68 38.75 -38.90
N CYS B 188 -35.91 37.73 -38.51
CA CYS B 188 -34.48 37.90 -38.35
C CYS B 188 -33.79 38.13 -39.67
N CYS B 189 -34.36 37.56 -40.74
CA CYS B 189 -33.63 37.41 -41.98
C CYS B 189 -34.49 37.76 -43.18
N PRO B 190 -33.96 38.59 -44.08
CA PRO B 190 -34.74 39.13 -45.21
C PRO B 190 -35.06 38.07 -46.25
N GLU B 191 -34.22 37.05 -46.32
CA GLU B 191 -34.42 35.96 -47.28
C GLU B 191 -35.31 34.87 -46.69
N PRO B 192 -36.18 34.30 -47.51
CA PRO B 192 -37.10 33.25 -47.03
C PRO B 192 -36.40 31.90 -46.87
N TYR B 193 -36.93 31.06 -45.98
CA TYR B 193 -36.42 29.71 -45.81
C TYR B 193 -37.49 28.70 -46.18
N ILE B 194 -37.06 27.59 -46.78
CA ILE B 194 -37.97 26.57 -47.25
C ILE B 194 -37.93 25.36 -46.34
N ASP B 195 -39.11 24.86 -45.96
CA ASP B 195 -39.20 23.62 -45.21
C ASP B 195 -40.27 22.68 -45.79
N VAL B 196 -40.19 21.41 -45.40
CA VAL B 196 -41.28 20.48 -45.67
C VAL B 196 -41.90 20.15 -44.32
N ASN B 197 -43.20 20.38 -44.20
CA ASN B 197 -43.86 20.23 -42.91
C ASN B 197 -44.53 18.87 -42.79
N LEU B 198 -44.03 18.06 -41.85
CA LEU B 198 -44.57 16.73 -41.63
C LEU B 198 -45.65 16.80 -40.56
N VAL B 199 -46.90 16.59 -40.96
CA VAL B 199 -48.03 16.65 -40.05
C VAL B 199 -48.63 15.26 -39.89
N VAL B 200 -48.63 14.77 -38.66
CA VAL B 200 -49.11 13.42 -38.39
C VAL B 200 -50.25 13.42 -37.38
N LYS B 201 -51.39 12.92 -37.80
CA LYS B 201 -52.56 12.80 -36.93
C LYS B 201 -52.76 11.34 -36.57
N PHE B 202 -52.75 11.04 -35.27
CA PHE B 202 -52.76 9.65 -34.83
C PHE B 202 -53.48 9.41 -33.51
N ARG B 203 -53.67 8.14 -33.17
CA ARG B 203 -54.30 7.75 -31.92
C ARG B 203 -53.94 6.31 -31.56
N GLU B 204 -54.26 5.90 -30.34
CA GLU B 204 -53.98 4.55 -29.85
C GLU B 204 -54.88 3.51 -30.50
N ARG B 205 -54.63 2.24 -30.19
CA ARG B 205 -55.42 1.11 -30.70
C ARG B 205 -55.39 1.02 -32.22
N GLN C 1 -19.48 27.95 -58.60
CA GLN C 1 -18.72 27.00 -57.80
C GLN C 1 -17.22 27.24 -57.91
N ALA C 2 -16.77 27.71 -59.07
CA ALA C 2 -15.35 27.95 -59.32
C ALA C 2 -14.80 29.08 -58.45
N ASN C 3 -15.52 30.19 -58.38
CA ASN C 3 -15.07 31.33 -57.59
C ASN C 3 -15.13 31.03 -56.10
N LEU C 4 -16.16 30.31 -55.68
CA LEU C 4 -16.33 29.99 -54.26
C LEU C 4 -15.25 29.04 -53.78
N MET C 5 -14.90 28.06 -54.61
CA MET C 5 -13.86 27.10 -54.27
C MET C 5 -12.54 27.82 -54.04
N ARG C 6 -12.26 28.77 -54.93
CA ARG C 6 -11.01 29.53 -54.89
C ARG C 6 -10.97 30.46 -53.68
N LEU C 7 -12.11 31.03 -53.33
CA LEU C 7 -12.21 31.91 -52.16
C LEU C 7 -11.93 31.13 -50.89
N LYS C 8 -12.60 29.98 -50.76
CA LYS C 8 -12.40 29.12 -49.62
C LYS C 8 -10.95 28.65 -49.57
N SER C 9 -10.36 28.46 -50.75
CA SER C 9 -8.96 28.09 -50.83
C SER C 9 -8.06 29.21 -50.30
N ASP C 10 -8.25 30.42 -50.80
CA ASP C 10 -7.44 31.57 -50.38
C ASP C 10 -7.61 31.89 -48.89
N LEU C 11 -8.83 31.74 -48.38
CA LEU C 11 -9.09 32.02 -46.96
C LEU C 11 -8.54 30.95 -46.03
N PHE C 12 -8.69 29.68 -46.43
CA PHE C 12 -8.41 28.57 -45.54
C PHE C 12 -7.09 27.84 -45.82
N ASN C 13 -6.82 27.57 -47.09
CA ASN C 13 -5.60 26.85 -47.46
C ASN C 13 -4.34 27.72 -47.46
N ARG C 14 -4.46 28.94 -47.96
CA ARG C 14 -3.30 29.80 -48.14
C ARG C 14 -2.86 30.51 -46.86
N SER C 15 -3.76 30.63 -45.89
CA SER C 15 -3.41 31.31 -44.65
C SER C 15 -3.67 30.44 -43.42
N PRO C 16 -2.80 30.55 -42.41
CA PRO C 16 -2.95 29.77 -41.17
C PRO C 16 -4.18 30.24 -40.40
N MET C 17 -4.73 29.39 -39.55
CA MET C 17 -5.98 29.73 -38.87
C MET C 17 -5.76 30.75 -37.75
N TYR C 18 -6.75 31.63 -37.60
CA TYR C 18 -6.82 32.59 -36.51
C TYR C 18 -6.58 31.90 -35.16
N PRO C 19 -5.60 32.40 -34.39
CA PRO C 19 -5.16 31.75 -33.15
C PRO C 19 -5.88 32.31 -31.94
N GLY C 20 -7.01 32.96 -32.16
CA GLY C 20 -7.79 33.52 -31.07
C GLY C 20 -7.30 34.89 -30.68
N PRO C 21 -8.10 35.62 -29.89
CA PRO C 21 -7.78 36.99 -29.47
C PRO C 21 -6.72 37.07 -28.37
N THR C 22 -6.18 38.26 -28.16
CA THR C 22 -5.23 38.52 -27.08
C THR C 22 -5.56 39.86 -26.45
N LYS C 23 -4.75 40.27 -25.47
CA LYS C 23 -4.94 41.57 -24.84
C LYS C 23 -4.73 42.70 -25.85
N ASP C 24 -3.81 42.47 -26.78
CA ASP C 24 -3.49 43.48 -27.79
C ASP C 24 -4.50 43.53 -28.95
N ASP C 25 -5.15 42.40 -29.21
CA ASP C 25 -6.16 42.34 -30.27
C ASP C 25 -7.43 41.65 -29.80
N PRO C 26 -8.18 42.31 -28.89
CA PRO C 26 -9.35 41.67 -28.29
C PRO C 26 -10.48 41.48 -29.30
N LEU C 27 -11.50 40.75 -28.89
CA LEU C 27 -12.58 40.37 -29.78
C LEU C 27 -13.91 40.48 -29.04
N THR C 28 -14.91 41.05 -29.70
CA THR C 28 -16.24 41.17 -29.11
C THR C 28 -17.20 40.17 -29.74
N VAL C 29 -17.89 39.40 -28.90
CA VAL C 29 -18.85 38.41 -29.39
C VAL C 29 -20.28 38.78 -29.01
N THR C 30 -21.15 38.85 -30.00
CA THR C 30 -22.56 39.12 -29.77
C THR C 30 -23.28 37.81 -29.51
N LEU C 31 -24.11 37.78 -28.47
CA LEU C 31 -24.92 36.61 -28.16
C LEU C 31 -26.41 36.91 -28.14
N GLY C 32 -27.19 36.00 -28.72
CA GLY C 32 -28.63 36.07 -28.65
C GLY C 32 -29.21 34.69 -28.42
N PHE C 33 -30.25 34.61 -27.60
CA PHE C 33 -30.87 33.34 -27.28
C PHE C 33 -32.31 33.24 -27.76
N THR C 34 -32.64 32.11 -28.38
CA THR C 34 -33.99 31.81 -28.81
C THR C 34 -34.50 30.59 -28.03
N LEU C 35 -35.46 30.81 -27.13
CA LEU C 35 -35.97 29.74 -26.29
C LEU C 35 -37.09 28.97 -27.00
N GLN C 36 -36.85 27.68 -27.23
CA GLN C 36 -37.78 26.88 -28.00
C GLN C 36 -38.76 26.13 -27.09
N ASP C 37 -38.24 25.57 -26.01
CA ASP C 37 -39.10 24.91 -25.02
C ASP C 37 -38.35 24.64 -23.72
N ILE C 38 -39.09 24.56 -22.63
CA ILE C 38 -38.58 24.02 -21.38
C ILE C 38 -38.94 22.54 -21.35
N VAL C 39 -37.95 21.70 -21.57
CA VAL C 39 -38.18 20.31 -21.95
C VAL C 39 -38.24 19.33 -20.78
N LYS C 40 -37.58 19.65 -19.68
CA LYS C 40 -37.63 18.81 -18.49
C LYS C 40 -37.41 19.61 -17.22
N VAL C 41 -38.14 19.24 -16.17
CA VAL C 41 -37.99 19.88 -14.87
C VAL C 41 -37.87 18.81 -13.78
N ASP C 42 -36.74 18.81 -13.08
CA ASP C 42 -36.46 17.78 -12.09
C ASP C 42 -36.25 18.37 -10.69
N SER C 43 -37.25 18.22 -9.83
CA SER C 43 -37.19 18.79 -8.50
C SER C 43 -36.42 17.93 -7.51
N SER C 44 -36.14 16.69 -7.89
CA SER C 44 -35.40 15.80 -7.00
C SER C 44 -33.89 16.03 -7.10
N THR C 45 -33.45 16.66 -8.18
CA THR C 45 -32.02 16.94 -8.39
C THR C 45 -31.73 18.42 -8.61
N ASN C 46 -32.77 19.23 -8.69
CA ASN C 46 -32.64 20.63 -9.09
C ASN C 46 -31.97 20.77 -10.44
N GLU C 47 -32.53 20.09 -11.44
CA GLU C 47 -32.05 20.15 -12.80
C GLU C 47 -33.19 20.52 -13.74
N VAL C 48 -32.92 21.44 -14.67
CA VAL C 48 -33.91 21.82 -15.68
C VAL C 48 -33.28 21.69 -17.08
N ASP C 49 -34.09 21.26 -18.05
CA ASP C 49 -33.62 21.09 -19.43
C ASP C 49 -34.23 22.12 -20.37
N LEU C 50 -33.39 22.82 -21.11
CA LEU C 50 -33.85 23.77 -22.12
C LEU C 50 -33.41 23.33 -23.51
N VAL C 51 -34.28 23.56 -24.49
CA VAL C 51 -33.88 23.51 -25.89
C VAL C 51 -33.89 24.94 -26.41
N TYR C 52 -32.75 25.40 -26.91
CA TYR C 52 -32.62 26.77 -27.37
C TYR C 52 -31.69 26.89 -28.57
N TRP C 53 -31.77 28.01 -29.28
CA TRP C 53 -30.77 28.33 -30.30
C TRP C 53 -29.85 29.38 -29.72
N GLU C 54 -28.55 29.22 -29.95
CA GLU C 54 -27.57 30.15 -29.40
C GLU C 54 -26.86 30.90 -30.52
N ARG C 55 -27.27 32.15 -30.74
CA ARG C 55 -26.67 32.94 -31.81
C ARG C 55 -25.36 33.58 -31.36
N GLN C 56 -24.29 33.28 -32.08
CA GLN C 56 -22.98 33.87 -31.82
C GLN C 56 -22.56 34.64 -33.06
N ARG C 57 -21.98 35.81 -32.86
CA ARG C 57 -21.57 36.65 -33.97
C ARG C 57 -20.29 37.41 -33.62
N TRP C 58 -19.34 37.39 -34.55
CA TRP C 58 -18.07 38.09 -34.37
C TRP C 58 -17.48 38.45 -35.73
N LYS C 59 -16.44 39.28 -35.71
CA LYS C 59 -15.85 39.76 -36.96
C LYS C 59 -14.32 39.65 -36.92
N LEU C 60 -13.76 39.06 -37.96
CA LEU C 60 -12.31 38.92 -38.07
C LEU C 60 -11.78 39.63 -39.32
N ASN C 61 -10.67 40.35 -39.16
CA ASN C 61 -10.02 40.98 -40.30
C ASN C 61 -9.52 39.95 -41.30
N SER C 62 -9.11 38.78 -40.80
CA SER C 62 -8.53 37.74 -41.67
C SER C 62 -9.56 36.97 -42.48
N LEU C 63 -10.83 37.37 -42.37
CA LEU C 63 -11.90 36.69 -43.11
C LEU C 63 -12.60 37.63 -44.09
N MET C 64 -12.01 38.81 -44.32
CA MET C 64 -12.57 39.77 -45.28
C MET C 64 -12.15 39.43 -46.71
N TRP C 65 -13.02 39.75 -47.67
CA TRP C 65 -12.64 39.65 -49.08
C TRP C 65 -13.41 40.66 -49.92
N ASP C 66 -12.80 41.06 -51.03
CA ASP C 66 -13.44 41.95 -51.98
C ASP C 66 -14.29 41.11 -52.94
N PRO C 67 -15.58 41.30 -52.91
CA PRO C 67 -16.48 40.50 -53.72
C PRO C 67 -16.21 40.64 -55.19
N ASN C 68 -15.68 41.77 -55.59
CA ASN C 68 -15.30 42.00 -56.99
C ASN C 68 -14.28 40.99 -57.49
N GLU C 69 -13.48 40.44 -56.57
CA GLU C 69 -12.42 39.50 -56.94
C GLU C 69 -12.90 38.06 -56.95
N TYR C 70 -14.15 37.84 -56.62
CA TYR C 70 -14.65 36.49 -56.47
C TYR C 70 -16.07 36.39 -56.99
N GLY C 71 -16.26 36.92 -58.19
CA GLY C 71 -17.51 36.81 -58.88
C GLY C 71 -18.63 37.43 -58.12
N ASN C 72 -18.31 38.40 -57.28
CA ASN C 72 -19.33 39.08 -56.53
C ASN C 72 -19.98 38.25 -55.42
N ILE C 73 -19.23 37.35 -54.83
CA ILE C 73 -19.74 36.62 -53.68
C ILE C 73 -19.71 37.51 -52.45
N THR C 74 -20.84 37.68 -51.80
CA THR C 74 -20.89 38.51 -50.63
C THR C 74 -20.79 37.68 -49.36
N ASP C 75 -21.23 36.45 -49.44
CA ASP C 75 -21.12 35.55 -48.30
C ASP C 75 -21.11 34.09 -48.75
N PHE C 76 -20.70 33.20 -47.84
CA PHE C 76 -20.76 31.77 -48.11
C PHE C 76 -21.01 30.96 -46.84
N ARG C 77 -21.44 29.71 -47.04
CA ARG C 77 -21.66 28.78 -45.95
C ARG C 77 -20.48 27.82 -45.88
N THR C 78 -20.05 27.51 -44.66
CA THR C 78 -18.96 26.56 -44.47
C THR C 78 -19.02 25.92 -43.09
N SER C 79 -18.44 24.72 -42.98
CA SER C 79 -18.42 23.98 -41.73
C SER C 79 -17.71 24.76 -40.63
N ALA C 80 -18.27 24.68 -39.42
CA ALA C 80 -17.73 25.39 -38.27
C ALA C 80 -16.30 24.95 -37.94
N ALA C 81 -15.93 23.76 -38.40
CA ALA C 81 -14.58 23.24 -38.15
C ALA C 81 -13.54 23.90 -39.05
N ASP C 82 -13.99 24.63 -40.06
CA ASP C 82 -13.07 25.30 -40.97
C ASP C 82 -12.54 26.59 -40.36
N ILE C 83 -13.24 27.08 -39.34
CA ILE C 83 -12.92 28.36 -38.74
C ILE C 83 -12.77 28.29 -37.23
N TRP C 84 -12.14 29.32 -36.67
CA TRP C 84 -12.04 29.47 -35.21
C TRP C 84 -13.41 29.87 -34.67
N THR C 85 -13.74 29.36 -33.48
CA THR C 85 -14.99 29.73 -32.82
C THR C 85 -14.74 30.00 -31.33
N PRO C 86 -15.51 30.93 -30.74
CA PRO C 86 -15.38 31.26 -29.32
C PRO C 86 -15.77 30.12 -28.39
N ASP C 87 -15.05 29.97 -27.28
CA ASP C 87 -15.32 28.92 -26.31
C ASP C 87 -16.42 29.33 -25.34
N ILE C 88 -17.53 29.82 -25.90
CA ILE C 88 -18.68 30.22 -25.09
C ILE C 88 -19.34 28.98 -24.50
N THR C 89 -19.52 28.99 -23.19
CA THR C 89 -20.08 27.83 -22.50
C THR C 89 -20.98 28.27 -21.36
N ALA C 90 -21.93 27.42 -21.00
CA ALA C 90 -22.80 27.66 -19.87
C ALA C 90 -22.01 27.38 -18.59
N TYR C 91 -22.16 28.26 -17.60
CA TYR C 91 -21.35 28.17 -16.39
C TYR C 91 -21.88 27.15 -15.38
N SER C 92 -23.12 26.71 -15.57
CA SER C 92 -23.75 25.84 -14.59
C SER C 92 -24.42 24.60 -15.17
N SER C 93 -23.86 24.05 -16.25
CA SER C 93 -24.40 22.84 -16.84
C SER C 93 -24.17 21.64 -15.92
N THR C 94 -25.04 20.66 -16.02
CA THR C 94 -24.89 19.45 -15.22
C THR C 94 -24.65 18.23 -16.12
N ARG C 95 -24.74 18.43 -17.43
CA ARG C 95 -24.47 17.41 -18.43
C ARG C 95 -23.86 18.05 -19.67
N PRO C 96 -23.12 17.26 -20.47
CA PRO C 96 -22.61 17.80 -21.73
C PRO C 96 -23.75 18.33 -22.58
N VAL C 97 -23.57 19.48 -23.21
CA VAL C 97 -24.60 20.02 -24.07
C VAL C 97 -24.75 19.16 -25.32
N GLN C 98 -25.99 18.92 -25.73
CA GLN C 98 -26.25 18.17 -26.96
C GLN C 98 -26.65 19.08 -28.10
N VAL C 99 -25.90 19.00 -29.20
CA VAL C 99 -26.13 19.82 -30.38
C VAL C 99 -27.23 19.22 -31.24
N LEU C 100 -28.21 20.03 -31.63
CA LEU C 100 -29.37 19.53 -32.34
C LEU C 100 -29.42 19.93 -33.81
N SER C 101 -28.53 20.84 -34.21
CA SER C 101 -28.54 21.39 -35.57
C SER C 101 -27.18 21.18 -36.25
N PRO C 102 -27.11 21.39 -37.58
CA PRO C 102 -25.82 21.31 -38.26
C PRO C 102 -24.80 22.31 -37.69
N GLN C 103 -23.52 21.96 -37.79
CA GLN C 103 -22.46 22.84 -37.33
C GLN C 103 -21.91 23.63 -38.52
N ILE C 104 -22.72 24.54 -39.04
CA ILE C 104 -22.34 25.31 -40.22
C ILE C 104 -22.46 26.81 -39.92
N ALA C 105 -21.47 27.58 -40.36
CA ALA C 105 -21.46 29.02 -40.13
C ALA C 105 -21.66 29.80 -41.43
N VAL C 106 -22.13 31.04 -41.30
CA VAL C 106 -22.21 31.95 -42.42
C VAL C 106 -21.09 32.97 -42.32
N VAL C 107 -20.27 33.06 -43.36
CA VAL C 107 -19.18 34.04 -43.38
C VAL C 107 -19.47 35.12 -44.43
N THR C 108 -19.54 36.37 -43.97
CA THR C 108 -19.84 37.50 -44.84
C THR C 108 -18.55 38.26 -45.16
N HIS C 109 -18.49 38.88 -46.34
CA HIS C 109 -17.26 39.46 -46.87
C HIS C 109 -16.63 40.55 -46.00
N ASP C 110 -17.38 41.07 -45.04
CA ASP C 110 -16.81 42.03 -44.10
C ASP C 110 -16.11 41.31 -42.95
N GLY C 111 -15.90 40.01 -43.11
CA GLY C 111 -15.19 39.22 -42.12
C GLY C 111 -16.03 38.85 -40.92
N SER C 112 -17.33 39.07 -41.02
CA SER C 112 -18.25 38.74 -39.93
C SER C 112 -18.74 37.29 -40.04
N VAL C 113 -18.90 36.64 -38.89
CA VAL C 113 -19.34 35.27 -38.84
C VAL C 113 -20.64 35.16 -38.06
N MET C 114 -21.57 34.36 -38.56
CA MET C 114 -22.83 34.12 -37.87
C MET C 114 -23.03 32.61 -37.66
N PHE C 115 -23.14 32.21 -36.41
CA PHE C 115 -23.21 30.79 -36.03
C PHE C 115 -24.37 30.60 -35.04
N ILE C 116 -25.32 29.73 -35.39
CA ILE C 116 -26.51 29.51 -34.55
C ILE C 116 -26.81 28.04 -34.27
N PRO C 117 -26.05 27.43 -33.36
CA PRO C 117 -26.37 26.04 -33.02
C PRO C 117 -27.60 25.94 -32.14
N ALA C 118 -28.53 25.05 -32.50
CA ALA C 118 -29.64 24.70 -31.63
C ALA C 118 -29.16 23.63 -30.65
N GLN C 119 -29.52 23.76 -29.38
CA GLN C 119 -28.95 22.91 -28.35
C GLN C 119 -29.92 22.47 -27.26
N ARG C 120 -29.64 21.32 -26.65
CA ARG C 120 -30.32 20.92 -25.43
C ARG C 120 -29.33 21.01 -24.28
N LEU C 121 -29.77 21.60 -23.18
CA LEU C 121 -28.90 21.85 -22.04
C LEU C 121 -29.57 21.53 -20.71
N SER C 122 -28.85 20.80 -19.86
CA SER C 122 -29.26 20.58 -18.48
C SER C 122 -28.47 21.52 -17.59
N PHE C 123 -29.13 22.17 -16.64
CA PHE C 123 -28.42 23.10 -15.76
C PHE C 123 -29.01 23.18 -14.36
N MET C 124 -28.24 23.76 -13.44
CA MET C 124 -28.66 23.86 -12.04
C MET C 124 -29.79 24.87 -11.82
N CYS C 125 -30.96 24.36 -11.42
CA CYS C 125 -32.06 25.21 -11.01
C CYS C 125 -32.99 24.46 -10.05
N ASP C 126 -33.28 25.07 -8.92
CA ASP C 126 -34.30 24.58 -8.00
C ASP C 126 -35.65 25.09 -8.49
N PRO C 127 -36.49 24.19 -9.01
CA PRO C 127 -37.77 24.57 -9.62
C PRO C 127 -38.94 24.66 -8.65
N THR C 128 -38.67 24.64 -7.35
CA THR C 128 -39.74 24.72 -6.36
C THR C 128 -40.59 25.97 -6.58
N GLY C 129 -41.89 25.76 -6.83
CA GLY C 129 -42.81 26.86 -7.07
C GLY C 129 -43.24 26.97 -8.51
N VAL C 130 -42.70 26.12 -9.37
CA VAL C 130 -43.06 26.09 -10.78
C VAL C 130 -44.54 25.78 -10.97
N ASP C 131 -45.14 25.12 -9.99
CA ASP C 131 -46.54 24.75 -10.10
C ASP C 131 -47.43 25.71 -9.32
N SER C 132 -46.92 26.91 -9.07
CA SER C 132 -47.71 27.96 -8.44
C SER C 132 -48.08 29.02 -9.48
N GLU C 133 -48.81 30.05 -9.04
CA GLU C 133 -49.21 31.13 -9.93
C GLU C 133 -48.04 32.08 -10.19
N GLU C 134 -47.16 32.19 -9.19
CA GLU C 134 -46.04 33.11 -9.26
C GLU C 134 -44.91 32.48 -10.05
N GLY C 135 -44.91 31.16 -10.10
CA GLY C 135 -43.89 30.43 -10.83
C GLY C 135 -42.54 30.42 -10.13
N VAL C 136 -41.49 30.24 -10.92
CA VAL C 136 -40.13 30.12 -10.40
C VAL C 136 -39.15 30.78 -11.38
N THR C 137 -38.06 31.31 -10.86
CA THR C 137 -37.03 31.89 -11.72
C THR C 137 -35.77 31.03 -11.71
N CYS C 138 -35.31 30.68 -12.91
CA CYS C 138 -34.04 29.99 -13.09
C CYS C 138 -33.10 30.95 -13.79
N ALA C 139 -31.80 30.71 -13.66
CA ALA C 139 -30.83 31.54 -14.37
C ALA C 139 -29.59 30.74 -14.70
N VAL C 140 -28.98 31.03 -15.85
CA VAL C 140 -27.73 30.41 -16.23
C VAL C 140 -26.89 31.36 -17.07
N LYS C 141 -25.61 31.45 -16.73
CA LYS C 141 -24.72 32.37 -17.41
C LYS C 141 -23.95 31.70 -18.54
N PHE C 142 -23.70 32.46 -19.59
CA PHE C 142 -22.95 31.99 -20.74
C PHE C 142 -21.76 32.90 -21.00
N GLY C 143 -20.56 32.34 -20.99
CA GLY C 143 -19.38 33.11 -21.32
C GLY C 143 -18.22 32.28 -21.77
N SER C 144 -17.15 32.95 -22.19
CA SER C 144 -15.89 32.30 -22.49
C SER C 144 -15.40 31.58 -21.24
N TRP C 145 -14.86 30.38 -21.41
CA TRP C 145 -14.38 29.63 -20.26
C TRP C 145 -12.98 30.09 -19.83
N VAL C 146 -12.13 30.43 -20.79
CA VAL C 146 -10.72 30.69 -20.48
C VAL C 146 -10.22 32.07 -20.89
N TYR C 147 -10.96 32.77 -21.74
CA TYR C 147 -10.60 34.15 -22.10
C TYR C 147 -11.25 35.14 -21.13
N SER C 148 -10.46 36.07 -20.60
CA SER C 148 -10.99 37.09 -19.70
C SER C 148 -11.64 38.23 -20.49
N GLY C 149 -12.10 39.24 -19.76
CA GLY C 149 -12.70 40.41 -20.37
C GLY C 149 -11.69 41.23 -21.17
N PHE C 150 -10.41 41.01 -20.90
CA PHE C 150 -9.37 41.71 -21.64
C PHE C 150 -9.20 41.16 -23.05
N GLU C 151 -9.53 39.89 -23.24
CA GLU C 151 -9.37 39.23 -24.53
C GLU C 151 -10.69 39.05 -25.29
N ILE C 152 -11.78 38.79 -24.57
CA ILE C 152 -13.09 38.62 -25.18
C ILE C 152 -14.17 39.40 -24.43
N ASP C 153 -14.86 40.29 -25.14
CA ASP C 153 -16.00 40.99 -24.56
C ASP C 153 -17.26 40.41 -25.17
N LEU C 154 -18.39 40.62 -24.49
CA LEU C 154 -19.67 40.15 -24.98
C LEU C 154 -20.67 41.30 -25.05
N LYS C 155 -21.69 41.12 -25.88
CA LYS C 155 -22.78 42.09 -25.97
C LYS C 155 -24.02 41.42 -26.51
N THR C 156 -25.17 42.03 -26.28
CA THR C 156 -26.42 41.55 -26.83
C THR C 156 -26.98 42.61 -27.78
N ASP C 157 -27.77 42.19 -28.76
CA ASP C 157 -28.43 43.14 -29.65
C ASP C 157 -29.76 43.57 -29.04
N THR C 158 -30.18 42.86 -28.01
CA THR C 158 -31.42 43.15 -27.30
C THR C 158 -31.37 42.44 -25.94
N ASP C 159 -32.20 42.90 -25.01
CA ASP C 159 -32.24 42.32 -23.68
C ASP C 159 -33.30 41.24 -23.56
N GLN C 160 -34.16 41.13 -24.57
CA GLN C 160 -35.24 40.16 -24.54
C GLN C 160 -34.88 38.88 -25.27
N VAL C 161 -35.18 37.74 -24.65
CA VAL C 161 -35.00 36.46 -25.29
C VAL C 161 -36.05 36.26 -26.36
N ASP C 162 -35.63 35.77 -27.53
CA ASP C 162 -36.56 35.51 -28.63
C ASP C 162 -37.52 34.38 -28.26
N LEU C 163 -38.81 34.69 -28.20
CA LEU C 163 -39.83 33.71 -27.82
C LEU C 163 -40.75 33.36 -28.99
N SER C 164 -40.42 33.87 -30.18
CA SER C 164 -41.27 33.68 -31.36
C SER C 164 -41.28 32.23 -31.89
N SER C 165 -40.37 31.41 -31.39
CA SER C 165 -40.33 30.00 -31.78
C SER C 165 -40.58 29.10 -30.58
N TYR C 166 -40.99 29.69 -29.46
CA TYR C 166 -41.36 28.92 -28.29
C TYR C 166 -42.54 28.01 -28.62
N TYR C 167 -42.41 26.72 -28.29
CA TYR C 167 -43.43 25.72 -28.63
C TYR C 167 -44.81 26.13 -28.10
N ALA C 168 -45.78 26.24 -29.01
CA ALA C 168 -47.09 26.80 -28.68
C ALA C 168 -47.87 25.95 -27.68
N SER C 169 -47.61 24.65 -27.68
CA SER C 169 -48.31 23.76 -26.74
C SER C 169 -47.40 23.30 -25.60
N SER C 170 -46.41 24.13 -25.26
CA SER C 170 -45.48 23.80 -24.18
C SER C 170 -46.20 23.54 -22.86
N LYS C 171 -45.56 22.74 -22.01
CA LYS C 171 -46.11 22.44 -20.69
C LYS C 171 -46.04 23.67 -19.79
N TYR C 172 -45.18 24.61 -20.16
CA TYR C 172 -44.93 25.79 -19.34
C TYR C 172 -45.19 27.09 -20.11
N GLU C 173 -45.63 28.11 -19.39
CA GLU C 173 -45.70 29.44 -19.96
C GLU C 173 -44.57 30.30 -19.40
N ILE C 174 -43.99 31.11 -20.27
CA ILE C 174 -42.90 31.98 -19.88
C ILE C 174 -43.43 33.29 -19.31
N LEU C 175 -43.12 33.59 -18.06
CA LEU C 175 -43.49 34.86 -17.45
C LEU C 175 -42.56 35.96 -17.92
N SER C 176 -41.26 35.66 -17.96
CA SER C 176 -40.28 36.59 -18.49
C SER C 176 -38.99 35.87 -18.84
N ALA C 177 -38.26 36.42 -19.80
CA ALA C 177 -36.99 35.85 -20.24
C ALA C 177 -36.09 36.95 -20.76
N THR C 178 -35.00 37.19 -20.06
CA THR C 178 -34.09 38.27 -20.39
C THR C 178 -32.66 37.78 -20.61
N GLN C 179 -31.91 38.51 -21.42
CA GLN C 179 -30.51 38.18 -21.67
C GLN C 179 -29.67 39.44 -21.46
N THR C 180 -28.85 39.41 -20.41
CA THR C 180 -28.17 40.62 -19.97
C THR C 180 -26.68 40.42 -19.79
N ARG C 181 -25.90 41.29 -20.42
CA ARG C 181 -24.46 41.26 -20.25
C ARG C 181 -24.09 41.59 -18.80
N GLN C 182 -23.26 40.74 -18.21
CA GLN C 182 -22.73 41.00 -16.87
C GLN C 182 -21.21 40.94 -16.89
N VAL C 183 -20.60 41.52 -15.87
CA VAL C 183 -19.17 41.36 -15.65
C VAL C 183 -18.98 40.63 -14.33
N GLN C 184 -18.65 39.35 -14.41
CA GLN C 184 -18.49 38.54 -13.19
C GLN C 184 -17.07 38.54 -12.67
N HIS C 185 -16.94 38.31 -11.37
CA HIS C 185 -15.63 38.29 -10.72
C HIS C 185 -15.50 37.02 -9.90
N TYR C 186 -14.28 36.53 -9.76
CA TYR C 186 -14.04 35.33 -9.00
C TYR C 186 -12.91 35.56 -8.00
N SER C 187 -13.04 34.97 -6.82
CA SER C 187 -12.09 35.23 -5.74
C SER C 187 -10.70 34.64 -6.00
N CYS C 188 -10.58 33.83 -7.05
CA CYS C 188 -9.31 33.22 -7.40
C CYS C 188 -8.49 34.15 -8.28
N CYS C 189 -9.19 34.86 -9.16
CA CYS C 189 -8.56 35.55 -10.26
C CYS C 189 -8.88 37.05 -10.25
N PRO C 190 -7.84 37.89 -10.39
CA PRO C 190 -8.03 39.34 -10.42
C PRO C 190 -8.70 39.80 -11.70
N GLU C 191 -8.52 39.03 -12.77
CA GLU C 191 -9.07 39.41 -14.07
C GLU C 191 -10.55 39.04 -14.20
N PRO C 192 -11.34 39.92 -14.83
CA PRO C 192 -12.79 39.70 -14.93
C PRO C 192 -13.14 38.82 -16.12
N TYR C 193 -14.30 38.16 -16.04
CA TYR C 193 -14.82 37.39 -17.15
C TYR C 193 -16.22 37.86 -17.47
N ILE C 194 -16.54 37.99 -18.75
CA ILE C 194 -17.83 38.54 -19.12
C ILE C 194 -18.80 37.42 -19.47
N ASP C 195 -20.04 37.53 -18.99
CA ASP C 195 -21.07 36.57 -19.36
C ASP C 195 -22.37 37.26 -19.74
N VAL C 196 -23.22 36.56 -20.49
CA VAL C 196 -24.58 36.98 -20.69
C VAL C 196 -25.47 36.08 -19.83
N ASN C 197 -26.20 36.70 -18.91
CA ASN C 197 -27.02 35.97 -17.96
C ASN C 197 -28.43 35.73 -18.48
N LEU C 198 -28.76 34.46 -18.69
CA LEU C 198 -30.09 34.08 -19.15
C LEU C 198 -30.99 33.87 -17.95
N VAL C 199 -32.00 34.71 -17.81
CA VAL C 199 -32.91 34.66 -16.66
C VAL C 199 -34.33 34.37 -17.13
N VAL C 200 -34.85 33.21 -16.75
CA VAL C 200 -36.17 32.79 -17.21
C VAL C 200 -37.11 32.54 -16.04
N LYS C 201 -38.23 33.27 -16.02
CA LYS C 201 -39.26 33.08 -15.02
C LYS C 201 -40.43 32.38 -15.69
N PHE C 202 -40.90 31.27 -15.13
CA PHE C 202 -41.88 30.44 -15.80
C PHE C 202 -42.74 29.64 -14.82
N ARG C 203 -43.77 28.99 -15.35
CA ARG C 203 -44.69 28.20 -14.53
C ARG C 203 -45.43 27.18 -15.39
N GLU C 204 -46.07 26.23 -14.75
CA GLU C 204 -46.81 25.19 -15.46
C GLU C 204 -48.11 25.71 -16.06
N ARG C 205 -48.73 24.89 -16.90
CA ARG C 205 -50.04 25.18 -17.47
C ARG C 205 -50.03 26.44 -18.33
N GLN D 1 -1.56 39.16 -33.70
CA GLN D 1 -2.16 37.98 -34.34
C GLN D 1 -1.12 37.23 -35.15
N ALA D 2 -0.13 37.95 -35.68
CA ALA D 2 0.93 37.34 -36.47
C ALA D 2 2.03 36.78 -35.56
N ASN D 3 2.32 37.49 -34.49
CA ASN D 3 3.32 37.02 -33.51
C ASN D 3 2.86 35.75 -32.82
N LEU D 4 1.58 35.69 -32.47
CA LEU D 4 1.03 34.52 -31.81
C LEU D 4 1.06 33.30 -32.71
N MET D 5 0.69 33.48 -33.98
CA MET D 5 0.71 32.40 -34.96
C MET D 5 2.11 31.78 -35.07
N ARG D 6 3.12 32.63 -35.16
CA ARG D 6 4.50 32.17 -35.25
C ARG D 6 4.94 31.48 -33.96
N LEU D 7 4.49 32.00 -32.82
CA LEU D 7 4.84 31.41 -31.53
C LEU D 7 4.29 29.99 -31.42
N LYS D 8 3.00 29.84 -31.66
CA LYS D 8 2.35 28.54 -31.60
C LYS D 8 2.99 27.57 -32.60
N SER D 9 3.41 28.12 -33.74
CA SER D 9 4.08 27.32 -34.76
C SER D 9 5.45 26.86 -34.29
N ASP D 10 6.17 27.75 -33.61
CA ASP D 10 7.49 27.44 -33.09
C ASP D 10 7.43 26.42 -31.95
N LEU D 11 6.30 26.38 -31.25
CA LEU D 11 6.14 25.50 -30.09
C LEU D 11 5.56 24.14 -30.47
N PHE D 12 4.65 24.12 -31.42
CA PHE D 12 3.88 22.91 -31.69
C PHE D 12 4.24 22.20 -33.01
N ASN D 13 4.53 22.98 -34.03
CA ASN D 13 4.72 22.43 -35.38
C ASN D 13 6.17 22.12 -35.72
N ARG D 14 7.10 22.80 -35.06
CA ARG D 14 8.52 22.69 -35.41
C ARG D 14 9.31 21.97 -34.33
N SER D 15 8.58 21.33 -33.43
CA SER D 15 9.20 20.56 -32.34
C SER D 15 8.26 19.44 -31.91
N PRO D 16 8.81 18.25 -31.65
CA PRO D 16 8.02 17.07 -31.26
C PRO D 16 7.24 17.33 -29.99
N MET D 17 6.13 16.64 -29.79
CA MET D 17 5.38 16.80 -28.55
C MET D 17 6.12 16.15 -27.40
N TYR D 18 6.07 16.81 -26.24
CA TYR D 18 6.61 16.29 -25.00
C TYR D 18 6.11 14.86 -24.76
N PRO D 19 7.05 13.91 -24.59
CA PRO D 19 6.70 12.49 -24.48
C PRO D 19 6.21 12.09 -23.09
N GLY D 20 6.19 13.02 -22.15
CA GLY D 20 5.86 12.69 -20.77
C GLY D 20 7.09 12.70 -19.88
N PRO D 21 6.89 12.65 -18.55
CA PRO D 21 8.02 12.67 -17.63
C PRO D 21 8.69 11.30 -17.49
N THR D 22 9.95 11.31 -17.06
CA THR D 22 10.68 10.08 -16.75
C THR D 22 11.29 10.20 -15.38
N LYS D 23 11.88 9.11 -14.89
CA LYS D 23 12.57 9.11 -13.60
C LYS D 23 13.62 10.21 -13.57
N ASP D 24 14.28 10.41 -14.71
CA ASP D 24 15.35 11.39 -14.83
C ASP D 24 14.82 12.82 -14.93
N ASP D 25 13.68 13.01 -15.59
CA ASP D 25 13.05 14.32 -15.69
C ASP D 25 11.62 14.31 -15.16
N PRO D 26 11.47 14.29 -13.83
CA PRO D 26 10.15 14.19 -13.21
C PRO D 26 9.36 15.48 -13.28
N LEU D 27 8.08 15.39 -12.92
CA LEU D 27 7.15 16.48 -13.09
C LEU D 27 6.21 16.55 -11.90
N THR D 28 5.89 17.76 -11.46
CA THR D 28 4.93 17.94 -10.38
C THR D 28 3.64 18.58 -10.89
N VAL D 29 2.51 17.98 -10.54
CA VAL D 29 1.21 18.51 -10.95
C VAL D 29 0.45 19.03 -9.74
N THR D 30 0.02 20.28 -9.82
CA THR D 30 -0.75 20.89 -8.74
C THR D 30 -2.22 20.71 -9.00
N LEU D 31 -2.92 20.16 -8.01
CA LEU D 31 -4.33 19.81 -8.15
C LEU D 31 -5.19 20.60 -7.15
N GLY D 32 -6.35 21.06 -7.61
CA GLY D 32 -7.30 21.74 -6.76
C GLY D 32 -8.72 21.52 -7.26
N PHE D 33 -9.66 21.37 -6.34
CA PHE D 33 -11.04 21.11 -6.72
C PHE D 33 -12.00 22.22 -6.32
N THR D 34 -12.90 22.54 -7.25
CA THR D 34 -13.95 23.54 -7.02
C THR D 34 -15.30 22.85 -7.10
N LEU D 35 -15.95 22.67 -5.96
CA LEU D 35 -17.19 21.91 -5.91
C LEU D 35 -18.40 22.80 -6.23
N GLN D 36 -19.08 22.48 -7.33
CA GLN D 36 -20.17 23.32 -7.79
C GLN D 36 -21.52 22.80 -7.32
N ASP D 37 -21.70 21.48 -7.38
CA ASP D 37 -22.92 20.87 -6.87
C ASP D 37 -22.82 19.37 -6.68
N ILE D 38 -23.50 18.86 -5.65
CA ILE D 38 -23.76 17.44 -5.55
C ILE D 38 -25.09 17.22 -6.22
N VAL D 39 -25.05 16.62 -7.40
CA VAL D 39 -26.19 16.63 -8.31
C VAL D 39 -27.12 15.43 -8.14
N LYS D 40 -26.60 14.33 -7.62
CA LYS D 40 -27.39 13.12 -7.53
C LYS D 40 -26.89 12.16 -6.46
N VAL D 41 -27.82 11.53 -5.78
CA VAL D 41 -27.51 10.59 -4.72
C VAL D 41 -28.38 9.37 -4.91
N ASP D 42 -27.76 8.21 -5.10
CA ASP D 42 -28.49 6.98 -5.34
C ASP D 42 -28.16 5.97 -4.25
N SER D 43 -29.11 5.74 -3.35
CA SER D 43 -28.88 4.82 -2.23
C SER D 43 -29.20 3.38 -2.61
N SER D 44 -29.74 3.16 -3.80
CA SER D 44 -30.01 1.80 -4.24
C SER D 44 -28.76 1.15 -4.82
N THR D 45 -27.86 1.99 -5.33
CA THR D 45 -26.64 1.50 -5.96
C THR D 45 -25.37 2.03 -5.30
N ASN D 46 -25.52 2.98 -4.38
CA ASN D 46 -24.39 3.65 -3.75
C ASN D 46 -23.51 4.44 -4.74
N GLU D 47 -24.16 5.23 -5.60
CA GLU D 47 -23.46 6.16 -6.49
C GLU D 47 -23.77 7.59 -6.08
N VAL D 48 -22.76 8.45 -6.09
CA VAL D 48 -22.97 9.88 -5.91
C VAL D 48 -22.43 10.63 -7.12
N ASP D 49 -23.16 11.64 -7.58
CA ASP D 49 -22.74 12.44 -8.73
C ASP D 49 -22.26 13.84 -8.33
N LEU D 50 -21.05 14.21 -8.75
CA LEU D 50 -20.55 15.56 -8.50
C LEU D 50 -20.39 16.33 -9.79
N VAL D 51 -20.74 17.61 -9.77
CA VAL D 51 -20.25 18.53 -10.79
C VAL D 51 -19.18 19.40 -10.14
N TYR D 52 -18.02 19.47 -10.77
CA TYR D 52 -16.88 20.18 -10.18
C TYR D 52 -15.89 20.64 -11.24
N TRP D 53 -15.02 21.56 -10.85
CA TRP D 53 -13.94 21.98 -11.72
C TRP D 53 -12.66 21.35 -11.21
N GLU D 54 -11.85 20.80 -12.11
CA GLU D 54 -10.59 20.20 -11.73
C GLU D 54 -9.44 21.08 -12.18
N ARG D 55 -8.76 21.71 -11.21
CA ARG D 55 -7.66 22.60 -11.56
C ARG D 55 -6.35 21.84 -11.64
N GLN D 56 -5.75 21.80 -12.83
CA GLN D 56 -4.47 21.15 -13.03
C GLN D 56 -3.40 22.14 -13.46
N ARG D 57 -2.22 22.04 -12.86
CA ARG D 57 -1.13 22.95 -13.19
C ARG D 57 0.23 22.24 -13.16
N TRP D 58 1.02 22.47 -14.20
CA TRP D 58 2.34 21.89 -14.31
C TRP D 58 3.20 22.80 -15.19
N LYS D 59 4.49 22.51 -15.26
CA LYS D 59 5.44 23.38 -15.97
C LYS D 59 6.41 22.57 -16.83
N LEU D 60 6.58 22.99 -18.07
CA LEU D 60 7.49 22.32 -19.00
C LEU D 60 8.50 23.30 -19.58
N ASN D 61 9.77 22.89 -19.61
CA ASN D 61 10.82 23.72 -20.21
C ASN D 61 10.58 23.91 -21.70
N SER D 62 10.01 22.88 -22.33
CA SER D 62 9.75 22.89 -23.76
C SER D 62 8.60 23.82 -24.16
N LEU D 63 7.97 24.45 -23.17
CA LEU D 63 6.88 25.39 -23.44
C LEU D 63 7.29 26.82 -23.13
N MET D 64 8.56 27.03 -22.82
CA MET D 64 9.08 28.35 -22.50
C MET D 64 9.39 29.15 -23.76
N TRP D 65 9.33 30.47 -23.64
CA TRP D 65 9.77 31.37 -24.69
C TRP D 65 10.08 32.73 -24.09
N ASP D 66 10.84 33.54 -24.84
CA ASP D 66 11.12 34.90 -24.43
C ASP D 66 10.12 35.83 -25.09
N PRO D 67 9.35 36.52 -24.28
CA PRO D 67 8.27 37.36 -24.75
C PRO D 67 8.73 38.42 -25.71
N ASN D 68 9.98 38.80 -25.61
CA ASN D 68 10.51 39.86 -26.43
C ASN D 68 10.73 39.40 -27.83
N GLU D 69 10.81 38.10 -28.01
CA GLU D 69 10.98 37.53 -29.34
C GLU D 69 9.63 37.33 -30.02
N TYR D 70 8.57 37.65 -29.33
CA TYR D 70 7.26 37.34 -29.82
C TYR D 70 6.27 38.43 -29.55
N GLY D 71 6.75 39.67 -29.54
CA GLY D 71 5.88 40.81 -29.38
C GLY D 71 5.36 41.06 -28.00
N ASN D 72 6.19 40.78 -27.01
CA ASN D 72 5.79 40.86 -25.62
C ASN D 72 4.55 40.08 -25.25
N ILE D 73 4.38 38.94 -25.89
CA ILE D 73 3.33 38.02 -25.55
C ILE D 73 3.77 37.21 -24.34
N THR D 74 2.96 37.23 -23.31
CA THR D 74 3.31 36.61 -22.07
C THR D 74 2.56 35.31 -21.84
N ASP D 75 1.43 35.14 -22.50
CA ASP D 75 0.65 33.91 -22.43
C ASP D 75 -0.38 33.79 -23.55
N PHE D 76 -0.86 32.57 -23.80
CA PHE D 76 -1.91 32.33 -24.79
C PHE D 76 -2.80 31.17 -24.41
N ARG D 77 -3.97 31.11 -25.02
CA ARG D 77 -4.88 29.98 -24.85
C ARG D 77 -4.78 29.05 -26.04
N THR D 78 -4.76 27.75 -25.77
CA THR D 78 -4.71 26.78 -26.85
C THR D 78 -5.47 25.51 -26.50
N SER D 79 -5.94 24.81 -27.53
CA SER D 79 -6.65 23.56 -27.36
C SER D 79 -5.79 22.58 -26.56
N ALA D 80 -6.42 21.85 -25.66
CA ALA D 80 -5.70 20.89 -24.82
C ALA D 80 -5.06 19.79 -25.66
N ALA D 81 -5.60 19.58 -26.86
CA ALA D 81 -5.07 18.54 -27.74
C ALA D 81 -3.76 18.96 -28.39
N ASP D 82 -3.36 20.22 -28.21
CA ASP D 82 -2.12 20.72 -28.77
C ASP D 82 -0.93 20.42 -27.86
N ILE D 83 -1.22 20.06 -26.61
CA ILE D 83 -0.17 19.88 -25.62
C ILE D 83 -0.32 18.56 -24.90
N TRP D 84 0.72 18.17 -24.16
CA TRP D 84 0.67 16.99 -23.29
C TRP D 84 -0.08 17.33 -22.02
N THR D 85 -0.94 16.42 -21.57
CA THR D 85 -1.69 16.60 -20.33
C THR D 85 -1.51 15.35 -19.45
N PRO D 86 -1.54 15.53 -18.12
CA PRO D 86 -1.40 14.41 -17.18
C PRO D 86 -2.64 13.51 -17.15
N ASP D 87 -2.42 12.22 -16.89
CA ASP D 87 -3.51 11.24 -16.90
C ASP D 87 -4.17 11.13 -15.52
N ILE D 88 -4.43 12.28 -14.91
CA ILE D 88 -5.11 12.30 -13.62
C ILE D 88 -6.52 11.74 -13.77
N THR D 89 -6.86 10.79 -12.90
CA THR D 89 -8.15 10.14 -12.96
C THR D 89 -8.63 9.74 -11.58
N ALA D 90 -9.95 9.62 -11.44
CA ALA D 90 -10.54 9.16 -10.20
C ALA D 90 -10.38 7.66 -10.05
N TYR D 91 -9.96 7.21 -8.87
CA TYR D 91 -9.74 5.77 -8.63
C TYR D 91 -11.03 4.99 -8.56
N SER D 92 -12.13 5.65 -8.18
CA SER D 92 -13.36 4.91 -7.90
C SER D 92 -14.62 5.42 -8.61
N SER D 93 -14.47 5.86 -9.86
CA SER D 93 -15.63 6.24 -10.67
C SER D 93 -16.43 5.00 -11.07
N THR D 94 -17.72 5.19 -11.36
CA THR D 94 -18.58 4.09 -11.79
C THR D 94 -19.06 4.26 -13.23
N ARG D 95 -18.89 5.46 -13.77
CA ARG D 95 -19.25 5.76 -15.16
C ARG D 95 -18.15 6.63 -15.74
N PRO D 96 -18.02 6.67 -17.07
CA PRO D 96 -16.99 7.55 -17.64
C PRO D 96 -17.32 8.99 -17.29
N VAL D 97 -16.32 9.77 -16.91
CA VAL D 97 -16.54 11.15 -16.52
C VAL D 97 -16.99 11.98 -17.72
N GLN D 98 -17.98 12.84 -17.53
CA GLN D 98 -18.48 13.67 -18.62
C GLN D 98 -17.94 15.11 -18.58
N VAL D 99 -17.47 15.60 -19.72
CA VAL D 99 -16.87 16.93 -19.79
C VAL D 99 -17.89 18.03 -20.06
N LEU D 100 -17.91 19.05 -19.20
CA LEU D 100 -18.90 20.11 -19.28
C LEU D 100 -18.37 21.44 -19.79
N SER D 101 -17.06 21.55 -19.95
CA SER D 101 -16.43 22.81 -20.37
C SER D 101 -15.55 22.58 -21.59
N PRO D 102 -15.21 23.66 -22.32
CA PRO D 102 -14.27 23.54 -23.45
C PRO D 102 -12.93 23.00 -22.97
N GLN D 103 -12.20 22.34 -23.86
CA GLN D 103 -10.92 21.76 -23.51
C GLN D 103 -9.79 22.68 -23.97
N ILE D 104 -9.60 23.77 -23.24
CA ILE D 104 -8.57 24.75 -23.60
C ILE D 104 -7.72 25.05 -22.37
N ALA D 105 -6.42 25.21 -22.59
CA ALA D 105 -5.52 25.52 -21.50
C ALA D 105 -4.86 26.87 -21.71
N VAL D 106 -4.39 27.47 -20.62
CA VAL D 106 -3.62 28.70 -20.71
C VAL D 106 -2.14 28.36 -20.52
N VAL D 107 -1.32 28.76 -21.49
CA VAL D 107 0.11 28.52 -21.43
C VAL D 107 0.86 29.83 -21.24
N THR D 108 1.75 29.89 -20.26
CA THR D 108 2.51 31.11 -19.94
C THR D 108 3.97 30.95 -20.35
N HIS D 109 4.65 32.07 -20.61
CA HIS D 109 6.01 32.07 -21.14
C HIS D 109 7.06 31.33 -20.29
N ASP D 110 6.78 31.17 -19.00
CA ASP D 110 7.69 30.40 -18.14
C ASP D 110 7.51 28.90 -18.35
N GLY D 111 6.54 28.53 -19.18
CA GLY D 111 6.30 27.13 -19.47
C GLY D 111 5.23 26.48 -18.60
N SER D 112 4.58 27.28 -17.76
CA SER D 112 3.51 26.76 -16.92
C SER D 112 2.20 26.62 -17.71
N VAL D 113 1.43 25.62 -17.35
CA VAL D 113 0.16 25.35 -18.00
C VAL D 113 -0.94 25.28 -16.96
N MET D 114 -2.03 25.99 -17.22
CA MET D 114 -3.19 25.92 -16.37
C MET D 114 -4.33 25.33 -17.21
N PHE D 115 -4.89 24.23 -16.74
CA PHE D 115 -5.97 23.53 -17.45
C PHE D 115 -7.07 23.20 -16.45
N ILE D 116 -8.29 23.65 -16.73
CA ILE D 116 -9.37 23.55 -15.76
C ILE D 116 -10.69 23.02 -16.36
N PRO D 117 -10.72 21.72 -16.67
CA PRO D 117 -11.95 21.12 -17.18
C PRO D 117 -13.02 21.01 -16.10
N ALA D 118 -14.25 21.42 -16.41
CA ALA D 118 -15.38 21.18 -15.53
C ALA D 118 -16.02 19.84 -15.90
N GLN D 119 -16.37 19.06 -14.88
CA GLN D 119 -16.76 17.68 -15.11
C GLN D 119 -17.92 17.23 -14.26
N ARG D 120 -18.62 16.21 -14.75
CA ARG D 120 -19.59 15.48 -13.94
C ARG D 120 -19.04 14.08 -13.71
N LEU D 121 -19.05 13.65 -12.45
CA LEU D 121 -18.45 12.39 -12.05
C LEU D 121 -19.40 11.57 -11.20
N SER D 122 -19.56 10.29 -11.56
CA SER D 122 -20.27 9.33 -10.71
C SER D 122 -19.24 8.48 -9.99
N PHE D 123 -19.35 8.37 -8.67
CA PHE D 123 -18.38 7.57 -7.91
C PHE D 123 -19.00 6.75 -6.78
N MET D 124 -18.24 5.81 -6.25
CA MET D 124 -18.75 4.90 -5.22
C MET D 124 -18.93 5.61 -3.89
N CYS D 125 -20.16 5.60 -3.37
CA CYS D 125 -20.45 6.17 -2.06
C CYS D 125 -21.80 5.75 -1.50
N ASP D 126 -21.76 5.08 -0.35
CA ASP D 126 -22.98 4.80 0.40
C ASP D 126 -23.43 6.09 1.08
N PRO D 127 -24.58 6.63 0.66
CA PRO D 127 -25.04 7.92 1.20
C PRO D 127 -25.93 7.76 2.42
N THR D 128 -25.88 6.61 3.07
CA THR D 128 -26.70 6.36 4.25
C THR D 128 -26.43 7.42 5.32
N GLY D 129 -27.49 8.06 5.80
CA GLY D 129 -27.35 9.08 6.82
C GLY D 129 -27.34 10.49 6.26
N VAL D 130 -27.41 10.61 4.94
CA VAL D 130 -27.40 11.93 4.29
C VAL D 130 -28.61 12.75 4.71
N ASP D 131 -29.70 12.06 5.07
CA ASP D 131 -30.93 12.72 5.49
C ASP D 131 -30.98 12.86 7.01
N SER D 132 -29.82 13.03 7.63
CA SER D 132 -29.74 13.25 9.06
C SER D 132 -28.83 14.43 9.35
N GLU D 133 -28.93 14.97 10.56
CA GLU D 133 -28.16 16.17 10.93
C GLU D 133 -26.66 15.93 10.84
N GLU D 134 -26.24 14.71 11.11
CA GLU D 134 -24.82 14.37 11.09
C GLU D 134 -24.31 14.23 9.66
N GLY D 135 -25.24 14.06 8.72
CA GLY D 135 -24.88 13.95 7.32
C GLY D 135 -24.15 12.66 7.01
N VAL D 136 -23.34 12.69 5.96
CA VAL D 136 -22.60 11.51 5.52
C VAL D 136 -21.29 11.95 4.86
N THR D 137 -20.27 11.10 4.93
CA THR D 137 -18.98 11.42 4.35
C THR D 137 -18.63 10.49 3.19
N CYS D 138 -18.39 11.07 2.01
CA CYS D 138 -17.91 10.32 0.85
C CYS D 138 -16.45 10.66 0.58
N ALA D 139 -15.76 9.79 -0.14
CA ALA D 139 -14.36 10.03 -0.48
C ALA D 139 -13.97 9.37 -1.80
N VAL D 140 -13.19 10.09 -2.60
CA VAL D 140 -12.67 9.57 -3.86
C VAL D 140 -11.27 10.13 -4.10
N LYS D 141 -10.34 9.26 -4.50
CA LYS D 141 -8.96 9.65 -4.76
C LYS D 141 -8.74 10.03 -6.22
N PHE D 142 -7.90 11.03 -6.45
CA PHE D 142 -7.51 11.41 -7.80
C PHE D 142 -6.00 11.34 -7.91
N GLY D 143 -5.51 10.74 -8.99
CA GLY D 143 -4.09 10.65 -9.23
C GLY D 143 -3.79 10.08 -10.60
N SER D 144 -2.50 10.04 -10.93
CA SER D 144 -2.08 9.45 -12.18
C SER D 144 -2.37 7.95 -12.14
N TRP D 145 -2.83 7.42 -13.27
CA TRP D 145 -3.18 6.01 -13.32
C TRP D 145 -1.94 5.16 -13.56
N VAL D 146 -1.01 5.66 -14.36
CA VAL D 146 0.13 4.84 -14.77
C VAL D 146 1.51 5.43 -14.47
N TYR D 147 1.55 6.68 -13.99
CA TYR D 147 2.83 7.28 -13.61
C TYR D 147 3.01 7.23 -12.10
N SER D 148 4.19 6.83 -11.66
CA SER D 148 4.48 6.76 -10.23
C SER D 148 4.97 8.10 -9.70
N GLY D 149 5.17 8.18 -8.39
CA GLY D 149 5.63 9.39 -7.75
C GLY D 149 7.02 9.80 -8.22
N PHE D 150 7.74 8.86 -8.80
CA PHE D 150 9.05 9.13 -9.38
C PHE D 150 8.95 9.86 -10.72
N GLU D 151 7.81 9.71 -11.40
CA GLU D 151 7.59 10.40 -12.68
C GLU D 151 6.65 11.57 -12.52
N ILE D 152 5.53 11.34 -11.84
CA ILE D 152 4.58 12.41 -11.55
C ILE D 152 4.30 12.53 -10.06
N ASP D 153 4.63 13.70 -9.50
CA ASP D 153 4.29 14.00 -8.12
C ASP D 153 3.08 14.93 -8.10
N LEU D 154 2.25 14.80 -7.07
CA LEU D 154 1.11 15.69 -6.92
C LEU D 154 1.35 16.69 -5.80
N LYS D 155 0.60 17.79 -5.84
CA LYS D 155 0.74 18.86 -4.87
C LYS D 155 -0.59 19.58 -4.82
N THR D 156 -0.95 20.12 -3.67
CA THR D 156 -2.11 20.98 -3.56
C THR D 156 -1.66 22.33 -3.04
N ASP D 157 -2.37 23.40 -3.42
CA ASP D 157 -2.10 24.73 -2.88
C ASP D 157 -2.79 24.89 -1.54
N THR D 158 -3.83 24.11 -1.30
CA THR D 158 -4.57 24.18 -0.05
C THR D 158 -5.28 22.86 0.24
N ASP D 159 -5.56 22.61 1.50
CA ASP D 159 -6.28 21.42 1.95
C ASP D 159 -7.79 21.63 1.85
N GLN D 160 -8.19 22.89 1.68
CA GLN D 160 -9.61 23.21 1.61
C GLN D 160 -10.09 23.18 0.16
N VAL D 161 -11.21 22.51 -0.06
CA VAL D 161 -11.86 22.50 -1.36
C VAL D 161 -12.56 23.84 -1.56
N ASP D 162 -12.40 24.42 -2.75
CA ASP D 162 -13.02 25.69 -3.11
C ASP D 162 -14.55 25.55 -3.19
N LEU D 163 -15.24 26.20 -2.26
CA LEU D 163 -16.69 26.18 -2.22
C LEU D 163 -17.33 27.51 -2.63
N SER D 164 -16.51 28.43 -3.15
CA SER D 164 -17.01 29.77 -3.50
C SER D 164 -18.01 29.78 -4.66
N SER D 165 -18.03 28.73 -5.47
CA SER D 165 -18.97 28.65 -6.57
C SER D 165 -20.02 27.56 -6.35
N TYR D 166 -20.13 27.09 -5.11
CA TYR D 166 -21.13 26.07 -4.79
C TYR D 166 -22.54 26.60 -5.01
N TYR D 167 -23.36 25.80 -5.70
CA TYR D 167 -24.72 26.21 -6.06
C TYR D 167 -25.57 26.56 -4.85
N ALA D 168 -26.09 27.79 -4.82
CA ALA D 168 -26.76 28.33 -3.64
C ALA D 168 -28.07 27.64 -3.27
N SER D 169 -28.75 27.06 -4.26
CA SER D 169 -30.03 26.42 -4.00
C SER D 169 -29.93 24.90 -4.03
N SER D 170 -28.74 24.40 -3.73
CA SER D 170 -28.44 22.97 -3.77
C SER D 170 -29.34 22.14 -2.85
N LYS D 171 -29.53 20.88 -3.21
CA LYS D 171 -30.31 19.96 -2.40
C LYS D 171 -29.51 19.60 -1.14
N TYR D 172 -28.22 19.89 -1.17
CA TYR D 172 -27.32 19.49 -0.09
C TYR D 172 -26.45 20.64 0.41
N GLU D 173 -26.21 20.68 1.71
CA GLU D 173 -25.20 21.59 2.25
C GLU D 173 -23.90 20.84 2.58
N ILE D 174 -22.78 21.49 2.30
CA ILE D 174 -21.47 20.92 2.56
C ILE D 174 -21.01 21.22 3.99
N LEU D 175 -20.83 20.17 4.78
CA LEU D 175 -20.35 20.32 6.15
C LEU D 175 -18.83 20.50 6.20
N SER D 176 -18.13 19.77 5.34
CA SER D 176 -16.68 19.92 5.21
C SER D 176 -16.23 19.38 3.86
N ALA D 177 -15.14 19.94 3.35
CA ALA D 177 -14.65 19.55 2.03
C ALA D 177 -13.14 19.73 1.96
N THR D 178 -12.42 18.60 1.97
CA THR D 178 -10.97 18.65 2.03
C THR D 178 -10.29 17.90 0.86
N GLN D 179 -9.10 18.36 0.51
CA GLN D 179 -8.29 17.74 -0.55
C GLN D 179 -6.87 17.51 -0.02
N THR D 180 -6.46 16.25 0.05
CA THR D 180 -5.25 15.91 0.77
C THR D 180 -4.33 14.96 0.00
N ARG D 181 -3.07 15.35 -0.14
CA ARG D 181 -2.07 14.52 -0.79
C ARG D 181 -1.81 13.25 0.01
N GLN D 182 -1.66 12.12 -0.70
CA GLN D 182 -1.36 10.85 -0.06
C GLN D 182 -0.25 10.11 -0.80
N VAL D 183 0.63 9.46 -0.06
CA VAL D 183 1.64 8.60 -0.65
C VAL D 183 1.29 7.15 -0.37
N GLN D 184 1.09 6.37 -1.43
CA GLN D 184 0.64 4.99 -1.27
C GLN D 184 1.50 3.98 -2.01
N HIS D 185 1.89 2.91 -1.33
CA HIS D 185 2.57 1.79 -1.95
C HIS D 185 1.59 0.62 -2.04
N TYR D 186 1.12 0.33 -3.24
CA TYR D 186 0.22 -0.80 -3.44
C TYR D 186 1.05 -2.06 -3.61
N SER D 187 0.50 -3.20 -3.20
CA SER D 187 1.27 -4.46 -3.20
C SER D 187 1.72 -4.94 -4.58
N CYS D 188 1.09 -4.42 -5.63
CA CYS D 188 1.38 -4.82 -7.00
C CYS D 188 2.72 -4.29 -7.51
N CYS D 189 3.12 -3.14 -6.99
CA CYS D 189 4.21 -2.37 -7.57
C CYS D 189 5.13 -1.81 -6.49
N PRO D 190 6.44 -1.85 -6.72
CA PRO D 190 7.43 -1.40 -5.73
C PRO D 190 7.48 0.13 -5.58
N GLU D 191 7.15 0.84 -6.64
CA GLU D 191 7.15 2.30 -6.61
C GLU D 191 5.87 2.84 -5.99
N PRO D 192 5.94 4.02 -5.37
CA PRO D 192 4.75 4.63 -4.76
C PRO D 192 3.94 5.43 -5.78
N TYR D 193 2.64 5.58 -5.55
CA TYR D 193 1.78 6.38 -6.42
C TYR D 193 1.12 7.48 -5.61
N ILE D 194 1.10 8.69 -6.16
CA ILE D 194 0.59 9.84 -5.43
C ILE D 194 -0.86 10.10 -5.80
N ASP D 195 -1.68 10.39 -4.81
CA ASP D 195 -3.05 10.81 -5.05
C ASP D 195 -3.43 12.00 -4.19
N VAL D 196 -4.50 12.70 -4.60
CA VAL D 196 -5.11 13.69 -3.74
C VAL D 196 -6.48 13.18 -3.37
N ASN D 197 -6.71 13.02 -2.06
CA ASN D 197 -7.96 12.45 -1.57
C ASN D 197 -9.04 13.49 -1.31
N LEU D 198 -10.13 13.42 -2.06
CA LEU D 198 -11.24 14.36 -1.93
C LEU D 198 -12.23 13.82 -0.91
N VAL D 199 -12.30 14.45 0.25
CA VAL D 199 -13.23 14.03 1.30
C VAL D 199 -14.31 15.07 1.51
N VAL D 200 -15.55 14.70 1.21
CA VAL D 200 -16.68 15.61 1.31
C VAL D 200 -17.68 15.09 2.33
N LYS D 201 -18.05 15.94 3.29
CA LYS D 201 -19.07 15.60 4.26
C LYS D 201 -20.26 16.50 4.00
N PHE D 202 -21.45 15.93 3.92
CA PHE D 202 -22.63 16.69 3.50
C PHE D 202 -23.95 16.08 3.96
N ARG D 203 -25.02 16.87 3.86
CA ARG D 203 -26.35 16.43 4.25
C ARG D 203 -27.41 17.18 3.45
N GLU D 204 -28.65 16.72 3.48
CA GLU D 204 -29.74 17.38 2.78
C GLU D 204 -30.02 18.76 3.38
N ARG D 205 -30.77 19.58 2.63
CA ARG D 205 -31.03 20.98 2.96
C ARG D 205 -29.76 21.84 2.87
N GLN E 1 14.23 14.33 -21.85
CA GLN E 1 13.13 13.78 -22.63
C GLN E 1 13.55 13.52 -24.08
N ALA E 2 14.73 14.02 -24.45
CA ALA E 2 15.28 13.80 -25.79
C ALA E 2 15.47 12.30 -26.07
N ASN E 3 15.93 11.56 -25.07
CA ASN E 3 16.11 10.12 -25.24
C ASN E 3 14.79 9.40 -25.43
N LEU E 4 13.78 9.81 -24.67
CA LEU E 4 12.48 9.17 -24.76
C LEU E 4 11.80 9.43 -26.10
N MET E 5 11.99 10.63 -26.64
CA MET E 5 11.45 10.98 -27.96
C MET E 5 12.06 10.10 -29.03
N ARG E 6 13.37 9.91 -28.92
CA ARG E 6 14.13 9.10 -29.87
C ARG E 6 13.72 7.63 -29.81
N LEU E 7 13.58 7.11 -28.59
CA LEU E 7 13.17 5.72 -28.41
C LEU E 7 11.78 5.45 -28.98
N LYS E 8 10.82 6.32 -28.68
CA LYS E 8 9.46 6.15 -29.18
C LYS E 8 9.46 6.26 -30.69
N SER E 9 10.32 7.14 -31.21
CA SER E 9 10.46 7.33 -32.64
C SER E 9 11.03 6.08 -33.30
N ASP E 10 11.96 5.43 -32.59
CA ASP E 10 12.61 4.24 -33.12
C ASP E 10 11.68 3.03 -33.14
N LEU E 11 10.84 2.94 -32.12
CA LEU E 11 9.93 1.81 -31.98
C LEU E 11 8.66 1.98 -32.83
N PHE E 12 8.19 3.22 -32.93
CA PHE E 12 6.88 3.46 -33.53
C PHE E 12 6.90 4.10 -34.92
N ASN E 13 7.99 4.77 -35.27
CA ASN E 13 8.06 5.48 -36.56
C ASN E 13 9.13 4.94 -37.49
N ARG E 14 9.79 3.85 -37.09
CA ARG E 14 10.90 3.29 -37.85
C ARG E 14 10.56 1.86 -38.28
N SER E 15 9.31 1.48 -38.11
CA SER E 15 8.88 0.12 -38.39
C SER E 15 7.37 0.04 -38.50
N PRO E 16 6.86 -0.93 -39.27
CA PRO E 16 5.42 -1.18 -39.32
C PRO E 16 4.94 -1.71 -37.98
N MET E 17 3.69 -1.43 -37.61
CA MET E 17 3.17 -1.89 -36.33
C MET E 17 3.09 -3.41 -36.31
N TYR E 18 3.27 -3.98 -35.13
CA TYR E 18 3.09 -5.42 -34.93
C TYR E 18 1.71 -5.81 -35.45
N PRO E 19 1.66 -6.82 -36.31
CA PRO E 19 0.39 -7.16 -36.97
C PRO E 19 -0.38 -8.25 -36.23
N GLY E 20 0.00 -8.52 -34.98
CA GLY E 20 -0.67 -9.55 -34.21
C GLY E 20 0.03 -10.89 -34.35
N PRO E 21 -0.26 -11.82 -33.44
CA PRO E 21 0.36 -13.15 -33.44
C PRO E 21 -0.13 -14.04 -34.58
N THR E 22 0.67 -15.04 -34.91
CA THR E 22 0.27 -16.09 -35.85
C THR E 22 0.63 -17.45 -35.25
N LYS E 23 0.20 -18.52 -35.89
CA LYS E 23 0.55 -19.87 -35.46
C LYS E 23 2.06 -20.05 -35.35
N ASP E 24 2.80 -19.37 -36.22
CA ASP E 24 4.24 -19.48 -36.26
C ASP E 24 4.93 -18.64 -35.18
N ASP E 25 4.22 -17.62 -34.70
CA ASP E 25 4.73 -16.78 -33.63
C ASP E 25 3.60 -16.44 -32.67
N PRO E 26 3.18 -17.43 -31.87
CA PRO E 26 2.03 -17.21 -30.97
C PRO E 26 2.37 -16.29 -29.80
N LEU E 27 1.33 -15.90 -29.07
CA LEU E 27 1.49 -14.95 -27.97
C LEU E 27 0.76 -15.46 -26.73
N THR E 28 1.37 -15.28 -25.57
CA THR E 28 0.67 -15.58 -24.31
C THR E 28 0.31 -14.29 -23.56
N VAL E 29 -0.99 -14.08 -23.35
CA VAL E 29 -1.46 -12.90 -22.62
C VAL E 29 -1.84 -13.28 -21.20
N THR E 30 -1.28 -12.57 -20.21
CA THR E 30 -1.64 -12.78 -18.82
C THR E 30 -2.81 -11.89 -18.41
N LEU E 31 -3.84 -12.50 -17.81
CA LEU E 31 -5.04 -11.79 -17.39
C LEU E 31 -5.18 -11.81 -15.88
N GLY E 32 -5.57 -10.67 -15.30
CA GLY E 32 -5.90 -10.58 -13.89
C GLY E 32 -7.01 -9.58 -13.65
N PHE E 33 -7.93 -9.91 -12.76
CA PHE E 33 -9.06 -9.04 -12.46
C PHE E 33 -9.06 -8.51 -11.02
N THR E 34 -9.31 -7.21 -10.88
CA THR E 34 -9.50 -6.57 -9.59
C THR E 34 -10.95 -6.11 -9.50
N LEU E 35 -11.75 -6.76 -8.67
CA LEU E 35 -13.17 -6.43 -8.56
C LEU E 35 -13.36 -5.27 -7.58
N GLN E 36 -13.84 -4.15 -8.09
CA GLN E 36 -13.92 -2.94 -7.28
C GLN E 36 -15.29 -2.79 -6.59
N ASP E 37 -16.35 -3.10 -7.31
CA ASP E 37 -17.69 -3.06 -6.73
C ASP E 37 -18.70 -3.76 -7.63
N ILE E 38 -19.73 -4.35 -7.03
CA ILE E 38 -20.88 -4.81 -7.81
C ILE E 38 -21.91 -3.68 -7.75
N VAL E 39 -22.03 -3.00 -8.88
CA VAL E 39 -22.59 -1.66 -8.93
C VAL E 39 -24.11 -1.65 -9.18
N LYS E 40 -24.63 -2.72 -9.77
CA LYS E 40 -26.03 -2.77 -10.12
C LYS E 40 -26.51 -4.19 -10.37
N VAL E 41 -27.71 -4.50 -9.88
CA VAL E 41 -28.33 -5.81 -10.05
C VAL E 41 -29.78 -5.62 -10.53
N ASP E 42 -30.12 -6.24 -11.66
CA ASP E 42 -31.45 -6.07 -12.23
C ASP E 42 -32.09 -7.45 -12.41
N SER E 43 -33.05 -7.77 -11.56
CA SER E 43 -33.66 -9.10 -11.56
C SER E 43 -34.80 -9.23 -12.55
N SER E 44 -35.17 -8.13 -13.18
CA SER E 44 -36.25 -8.17 -14.16
C SER E 44 -35.73 -8.39 -15.58
N THR E 45 -34.42 -8.15 -15.78
CA THR E 45 -33.81 -8.37 -17.10
C THR E 45 -32.59 -9.29 -17.01
N ASN E 46 -32.29 -9.76 -15.80
CA ASN E 46 -31.12 -10.59 -15.57
C ASN E 46 -29.81 -9.99 -16.04
N GLU E 47 -29.57 -8.74 -15.64
CA GLU E 47 -28.30 -8.06 -15.91
C GLU E 47 -27.65 -7.69 -14.60
N VAL E 48 -26.32 -7.76 -14.57
CA VAL E 48 -25.56 -7.37 -13.41
C VAL E 48 -24.42 -6.47 -13.86
N ASP E 49 -24.18 -5.39 -13.13
CA ASP E 49 -23.12 -4.45 -13.50
C ASP E 49 -21.92 -4.54 -12.57
N LEU E 50 -20.74 -4.60 -13.15
CA LEU E 50 -19.50 -4.70 -12.40
C LEU E 50 -18.58 -3.54 -12.72
N VAL E 51 -17.81 -3.12 -11.72
CA VAL E 51 -16.68 -2.24 -11.97
C VAL E 51 -15.41 -2.97 -11.56
N TYR E 52 -14.51 -3.15 -12.50
CA TYR E 52 -13.29 -3.90 -12.24
C TYR E 52 -12.11 -3.30 -12.98
N TRP E 53 -10.90 -3.65 -12.54
CA TRP E 53 -9.70 -3.37 -13.32
C TRP E 53 -9.31 -4.68 -14.01
N GLU E 54 -9.05 -4.61 -15.30
CA GLU E 54 -8.69 -5.80 -16.07
C GLU E 54 -7.24 -5.70 -16.49
N ARG E 55 -6.38 -6.45 -15.81
CA ARG E 55 -4.96 -6.38 -16.13
C ARG E 55 -4.63 -7.28 -17.31
N GLN E 56 -3.89 -6.73 -18.26
CA GLN E 56 -3.42 -7.51 -19.40
C GLN E 56 -1.92 -7.31 -19.55
N ARG E 57 -1.20 -8.40 -19.77
CA ARG E 57 0.24 -8.33 -19.94
C ARG E 57 0.72 -9.29 -21.04
N TRP E 58 1.60 -8.79 -21.91
CA TRP E 58 2.24 -9.59 -22.93
C TRP E 58 3.63 -9.06 -23.26
N LYS E 59 4.38 -9.78 -24.08
CA LYS E 59 5.74 -9.38 -24.40
C LYS E 59 6.03 -9.56 -25.89
N LEU E 60 6.62 -8.54 -26.50
CA LEU E 60 6.94 -8.60 -27.93
C LEU E 60 8.41 -8.32 -28.15
N ASN E 61 9.03 -9.11 -29.02
CA ASN E 61 10.44 -8.89 -29.37
C ASN E 61 10.64 -7.53 -30.02
N SER E 62 9.62 -7.06 -30.74
CA SER E 62 9.68 -5.80 -31.46
C SER E 62 9.62 -4.58 -30.55
N LEU E 63 9.37 -4.80 -29.25
CA LEU E 63 9.31 -3.70 -28.30
C LEU E 63 10.48 -3.69 -27.33
N MET E 64 11.48 -4.54 -27.59
CA MET E 64 12.66 -4.63 -26.74
C MET E 64 13.68 -3.54 -27.09
N TRP E 65 14.48 -3.13 -26.10
CA TRP E 65 15.59 -2.23 -26.35
C TRP E 65 16.66 -2.30 -25.27
N ASP E 66 17.85 -1.83 -25.61
CA ASP E 66 18.94 -1.73 -24.66
C ASP E 66 18.93 -0.35 -24.02
N PRO E 67 18.61 -0.29 -22.75
CA PRO E 67 18.55 0.97 -22.03
C PRO E 67 19.79 1.82 -22.15
N ASN E 68 20.93 1.20 -22.30
CA ASN E 68 22.18 1.93 -22.45
C ASN E 68 22.27 2.78 -23.72
N GLU E 69 21.37 2.52 -24.66
CA GLU E 69 21.36 3.29 -25.90
C GLU E 69 20.35 4.42 -25.80
N TYR E 70 19.67 4.51 -24.67
CA TYR E 70 18.62 5.49 -24.48
C TYR E 70 18.58 6.09 -23.08
N GLY E 71 19.67 6.69 -22.65
CA GLY E 71 19.73 7.32 -21.35
C GLY E 71 19.42 6.47 -20.16
N ASN E 72 19.47 5.16 -20.30
CA ASN E 72 19.15 4.25 -19.22
C ASN E 72 17.68 4.18 -18.87
N ILE E 73 16.85 4.42 -19.87
CA ILE E 73 15.44 4.30 -19.72
C ILE E 73 15.16 2.84 -19.76
N THR E 74 14.41 2.35 -18.80
CA THR E 74 14.04 0.95 -18.72
C THR E 74 12.58 0.69 -19.00
N ASP E 75 11.78 1.72 -18.90
CA ASP E 75 10.35 1.63 -19.17
C ASP E 75 9.78 3.01 -19.46
N PHE E 76 8.67 3.04 -20.18
CA PHE E 76 7.98 4.30 -20.47
C PHE E 76 6.47 4.13 -20.57
N ARG E 77 5.75 5.25 -20.57
CA ARG E 77 4.30 5.24 -20.67
C ARG E 77 3.89 5.76 -22.04
N THR E 78 2.91 5.12 -22.66
CA THR E 78 2.46 5.57 -23.96
C THR E 78 1.01 5.21 -24.23
N SER E 79 0.39 5.99 -25.10
CA SER E 79 -0.98 5.77 -25.53
C SER E 79 -1.16 4.35 -26.06
N ALA E 80 -2.21 3.69 -25.60
CA ALA E 80 -2.53 2.34 -26.05
C ALA E 80 -2.73 2.28 -27.56
N ALA E 81 -2.99 3.43 -28.17
CA ALA E 81 -3.17 3.51 -29.62
C ALA E 81 -1.86 3.40 -30.39
N ASP E 82 -0.75 3.63 -29.70
CA ASP E 82 0.57 3.58 -30.31
C ASP E 82 1.06 2.15 -30.53
N ILE E 83 0.34 1.18 -29.97
CA ILE E 83 0.78 -0.22 -30.02
C ILE E 83 -0.36 -1.19 -30.30
N TRP E 84 0.02 -2.41 -30.69
CA TRP E 84 -0.95 -3.50 -30.84
C TRP E 84 -1.45 -3.94 -29.46
N THR E 85 -2.73 -4.27 -29.37
CA THR E 85 -3.31 -4.79 -28.14
C THR E 85 -4.24 -5.96 -28.44
N PRO E 86 -4.35 -6.93 -27.52
CA PRO E 86 -5.16 -8.13 -27.79
C PRO E 86 -6.65 -7.81 -27.77
N ASP E 87 -7.43 -8.57 -28.55
CA ASP E 87 -8.87 -8.33 -28.65
C ASP E 87 -9.64 -9.10 -27.58
N ILE E 88 -9.19 -8.98 -26.35
CA ILE E 88 -9.83 -9.68 -25.23
C ILE E 88 -11.19 -9.05 -25.00
N THR E 89 -12.22 -9.86 -24.89
CA THR E 89 -13.57 -9.33 -24.77
C THR E 89 -14.45 -10.24 -23.92
N ALA E 90 -15.37 -9.66 -23.16
CA ALA E 90 -16.33 -10.44 -22.40
C ALA E 90 -17.27 -11.13 -23.36
N TYR E 91 -17.65 -12.36 -23.03
CA TYR E 91 -18.36 -13.23 -23.96
C TYR E 91 -19.87 -13.05 -23.86
N SER E 92 -20.31 -12.52 -22.72
CA SER E 92 -21.73 -12.40 -22.45
C SER E 92 -22.12 -11.01 -21.94
N SER E 93 -21.46 -9.98 -22.47
CA SER E 93 -21.85 -8.60 -22.20
C SER E 93 -23.22 -8.29 -22.81
N THR E 94 -23.95 -7.33 -22.22
CA THR E 94 -25.28 -6.97 -22.71
C THR E 94 -25.32 -5.51 -23.18
N ARG E 95 -24.24 -4.78 -22.90
CA ARG E 95 -24.07 -3.40 -23.36
C ARG E 95 -22.59 -3.19 -23.63
N PRO E 96 -22.27 -2.19 -24.46
CA PRO E 96 -20.86 -1.91 -24.72
C PRO E 96 -20.12 -1.61 -23.42
N VAL E 97 -18.95 -2.19 -23.25
CA VAL E 97 -18.16 -1.97 -22.05
C VAL E 97 -17.75 -0.50 -22.01
N GLN E 98 -17.71 0.07 -20.82
CA GLN E 98 -17.34 1.48 -20.64
C GLN E 98 -15.99 1.62 -19.92
N VAL E 99 -15.06 2.33 -20.56
CA VAL E 99 -13.73 2.52 -20.00
C VAL E 99 -13.67 3.68 -19.02
N LEU E 100 -13.09 3.43 -17.85
CA LEU E 100 -13.09 4.40 -16.76
C LEU E 100 -11.75 5.07 -16.52
N SER E 101 -10.69 4.52 -17.11
CA SER E 101 -9.34 5.00 -16.85
C SER E 101 -8.68 5.40 -18.16
N PRO E 102 -7.54 6.11 -18.10
CA PRO E 102 -6.87 6.50 -19.35
C PRO E 102 -6.40 5.29 -20.15
N GLN E 103 -6.47 5.39 -21.47
CA GLN E 103 -5.96 4.33 -22.34
C GLN E 103 -4.47 4.52 -22.53
N ILE E 104 -3.70 4.17 -21.51
CA ILE E 104 -2.24 4.29 -21.56
C ILE E 104 -1.60 2.98 -21.10
N ALA E 105 -0.54 2.57 -21.77
CA ALA E 105 0.15 1.34 -21.41
C ALA E 105 1.55 1.63 -20.88
N VAL E 106 2.11 0.67 -20.16
CA VAL E 106 3.49 0.75 -19.72
C VAL E 106 4.33 -0.27 -20.49
N VAL E 107 5.37 0.23 -21.16
CA VAL E 107 6.24 -0.61 -21.97
C VAL E 107 7.61 -0.71 -21.32
N THR E 108 8.10 -1.93 -21.13
CA THR E 108 9.38 -2.17 -20.46
C THR E 108 10.44 -2.66 -21.45
N HIS E 109 11.70 -2.31 -21.20
CA HIS E 109 12.79 -2.57 -22.13
C HIS E 109 12.95 -4.04 -22.54
N ASP E 110 12.40 -4.96 -21.76
CA ASP E 110 12.40 -6.38 -22.12
C ASP E 110 11.31 -6.69 -23.14
N GLY E 111 10.58 -5.66 -23.55
CA GLY E 111 9.54 -5.81 -24.55
C GLY E 111 8.17 -6.12 -23.99
N SER E 112 8.07 -6.13 -22.66
CA SER E 112 6.79 -6.44 -22.01
C SER E 112 5.88 -5.21 -21.92
N VAL E 113 4.57 -5.47 -22.00
CA VAL E 113 3.58 -4.42 -21.92
C VAL E 113 2.63 -4.71 -20.77
N MET E 114 2.33 -3.68 -19.99
CA MET E 114 1.30 -3.77 -18.95
C MET E 114 0.19 -2.76 -19.23
N PHE E 115 -1.04 -3.26 -19.30
CA PHE E 115 -2.20 -2.44 -19.66
C PHE E 115 -3.37 -2.77 -18.73
N ILE E 116 -3.87 -1.78 -18.00
CA ILE E 116 -4.85 -2.02 -16.94
C ILE E 116 -6.07 -1.10 -16.97
N PRO E 117 -6.99 -1.34 -17.90
CA PRO E 117 -8.19 -0.51 -18.01
C PRO E 117 -9.20 -0.76 -16.91
N ALA E 118 -9.59 0.29 -16.19
CA ALA E 118 -10.74 0.20 -15.31
C ALA E 118 -11.98 0.23 -16.20
N GLN E 119 -12.97 -0.59 -15.87
CA GLN E 119 -14.12 -0.75 -16.76
C GLN E 119 -15.41 -0.96 -16.01
N ARG E 120 -16.52 -0.57 -16.63
CA ARG E 120 -17.84 -0.94 -16.14
C ARG E 120 -18.45 -1.89 -17.14
N LEU E 121 -19.07 -2.95 -16.66
CA LEU E 121 -19.61 -3.98 -17.55
C LEU E 121 -20.96 -4.48 -17.10
N SER E 122 -21.92 -4.46 -18.02
CA SER E 122 -23.17 -5.13 -17.83
C SER E 122 -23.03 -6.51 -18.47
N PHE E 123 -23.56 -7.54 -17.81
CA PHE E 123 -23.50 -8.89 -18.39
C PHE E 123 -24.65 -9.75 -17.89
N MET E 124 -24.87 -10.87 -18.59
CA MET E 124 -25.99 -11.75 -18.27
C MET E 124 -25.81 -12.49 -16.96
N CYS E 125 -26.74 -12.27 -16.04
CA CYS E 125 -26.79 -13.01 -14.79
C CYS E 125 -28.17 -12.96 -14.15
N ASP E 126 -28.71 -14.13 -13.84
CA ASP E 126 -29.91 -14.26 -13.02
C ASP E 126 -29.48 -14.12 -11.56
N PRO E 127 -29.83 -13.00 -10.92
CA PRO E 127 -29.36 -12.74 -9.56
C PRO E 127 -30.29 -13.34 -8.50
N THR E 128 -31.26 -14.13 -8.92
CA THR E 128 -32.20 -14.75 -8.00
C THR E 128 -31.48 -15.45 -6.86
N GLY E 129 -31.73 -15.00 -5.64
CA GLY E 129 -31.12 -15.61 -4.47
C GLY E 129 -30.05 -14.74 -3.82
N VAL E 130 -29.76 -13.60 -4.44
CA VAL E 130 -28.74 -12.69 -3.92
C VAL E 130 -29.15 -12.11 -2.57
N ASP E 131 -30.44 -12.15 -2.27
CA ASP E 131 -30.95 -11.64 -1.00
C ASP E 131 -31.16 -12.76 0.01
N SER E 132 -30.33 -13.80 -0.07
CA SER E 132 -30.37 -14.88 0.89
C SER E 132 -28.99 -15.11 1.50
N GLU E 133 -28.92 -15.93 2.52
CA GLU E 133 -27.65 -16.25 3.16
C GLU E 133 -26.70 -16.95 2.19
N GLU E 134 -27.26 -17.80 1.33
CA GLU E 134 -26.47 -18.59 0.39
C GLU E 134 -25.99 -17.73 -0.77
N GLY E 135 -26.68 -16.63 -1.03
CA GLY E 135 -26.33 -15.73 -2.11
C GLY E 135 -26.55 -16.36 -3.48
N VAL E 136 -25.87 -15.80 -4.48
CA VAL E 136 -26.02 -16.24 -5.86
C VAL E 136 -24.64 -16.27 -6.53
N THR E 137 -24.49 -17.11 -7.53
CA THR E 137 -23.24 -17.19 -8.29
C THR E 137 -23.43 -16.64 -9.70
N CYS E 138 -22.52 -15.77 -10.13
CA CYS E 138 -22.51 -15.28 -11.50
C CYS E 138 -21.24 -15.73 -12.19
N ALA E 139 -21.27 -15.78 -13.52
CA ALA E 139 -20.07 -16.09 -14.28
C ALA E 139 -20.04 -15.31 -15.59
N VAL E 140 -18.84 -14.83 -15.94
CA VAL E 140 -18.60 -14.24 -17.24
C VAL E 140 -17.15 -14.56 -17.64
N LYS E 141 -16.96 -15.03 -18.87
CA LYS E 141 -15.61 -15.38 -19.34
C LYS E 141 -15.05 -14.39 -20.35
N PHE E 142 -13.72 -14.29 -20.37
CA PHE E 142 -13.01 -13.33 -21.20
C PHE E 142 -11.97 -14.04 -22.06
N GLY E 143 -11.95 -13.74 -23.36
CA GLY E 143 -10.94 -14.28 -24.24
C GLY E 143 -10.85 -13.48 -25.53
N SER E 144 -9.85 -13.78 -26.35
CA SER E 144 -9.75 -13.23 -27.70
C SER E 144 -11.01 -13.56 -28.48
N TRP E 145 -11.46 -12.62 -29.30
CA TRP E 145 -12.67 -12.85 -30.09
C TRP E 145 -12.38 -13.71 -31.31
N VAL E 146 -11.24 -13.49 -31.95
CA VAL E 146 -10.96 -14.14 -33.23
C VAL E 146 -9.62 -14.90 -33.35
N TYR E 147 -8.78 -14.87 -32.32
CA TYR E 147 -7.55 -15.66 -32.30
C TYR E 147 -7.71 -16.93 -31.50
N SER E 148 -7.39 -18.07 -32.12
CA SER E 148 -7.46 -19.35 -31.43
C SER E 148 -6.30 -19.52 -30.47
N GLY E 149 -6.34 -20.58 -29.66
CA GLY E 149 -5.27 -20.91 -28.75
C GLY E 149 -3.95 -21.23 -29.43
N PHE E 150 -3.93 -21.29 -30.75
CA PHE E 150 -2.68 -21.48 -31.49
C PHE E 150 -1.97 -20.15 -31.78
N GLU E 151 -2.69 -19.04 -31.71
CA GLU E 151 -2.10 -17.73 -31.88
C GLU E 151 -2.04 -16.96 -30.56
N ILE E 152 -3.15 -16.96 -29.82
CA ILE E 152 -3.17 -16.32 -28.51
C ILE E 152 -3.51 -17.33 -27.42
N ASP E 153 -2.64 -17.46 -26.43
CA ASP E 153 -2.91 -18.27 -25.27
C ASP E 153 -3.14 -17.32 -24.08
N LEU E 154 -3.78 -17.82 -23.03
CA LEU E 154 -4.01 -17.02 -21.83
C LEU E 154 -3.45 -17.71 -20.59
N LYS E 155 -2.98 -16.93 -19.63
CA LYS E 155 -2.68 -17.47 -18.30
C LYS E 155 -3.06 -16.48 -17.22
N THR E 156 -3.19 -16.98 -16.00
CA THR E 156 -3.38 -16.12 -14.84
C THR E 156 -2.22 -16.34 -13.89
N ASP E 157 -1.84 -15.31 -13.14
CA ASP E 157 -0.75 -15.43 -12.18
C ASP E 157 -1.26 -16.06 -10.89
N THR E 158 -2.52 -15.82 -10.59
CA THR E 158 -3.20 -16.42 -9.45
C THR E 158 -4.60 -16.83 -9.91
N ASP E 159 -5.24 -17.70 -9.15
CA ASP E 159 -6.61 -18.07 -9.45
C ASP E 159 -7.63 -17.31 -8.61
N GLN E 160 -7.14 -16.47 -7.70
CA GLN E 160 -8.02 -15.66 -6.87
C GLN E 160 -8.15 -14.27 -7.47
N VAL E 161 -9.39 -13.77 -7.54
CA VAL E 161 -9.62 -12.39 -7.94
C VAL E 161 -9.13 -11.43 -6.86
N ASP E 162 -8.43 -10.39 -7.28
CA ASP E 162 -7.95 -9.35 -6.39
C ASP E 162 -9.13 -8.60 -5.79
N LEU E 163 -9.37 -8.81 -4.50
CA LEU E 163 -10.46 -8.14 -3.78
C LEU E 163 -9.95 -7.05 -2.85
N SER E 164 -8.68 -6.68 -3.00
CA SER E 164 -8.07 -5.75 -2.05
C SER E 164 -8.55 -4.30 -2.24
N SER E 165 -9.21 -4.03 -3.37
CA SER E 165 -9.73 -2.68 -3.63
C SER E 165 -11.26 -2.66 -3.68
N TYR E 166 -11.89 -3.71 -3.16
CA TYR E 166 -13.35 -3.79 -3.17
C TYR E 166 -13.95 -2.77 -2.21
N TYR E 167 -14.98 -2.07 -2.68
CA TYR E 167 -15.59 -0.98 -1.92
C TYR E 167 -16.13 -1.45 -0.56
N ALA E 168 -15.58 -0.88 0.51
CA ALA E 168 -15.92 -1.30 1.86
C ALA E 168 -17.41 -1.18 2.18
N SER E 169 -18.05 -0.13 1.68
CA SER E 169 -19.45 0.12 1.99
C SER E 169 -20.34 -0.36 0.86
N SER E 170 -19.90 -1.40 0.16
CA SER E 170 -20.64 -1.95 -0.97
C SER E 170 -21.98 -2.54 -0.54
N LYS E 171 -22.96 -2.43 -1.43
CA LYS E 171 -24.27 -3.02 -1.23
C LYS E 171 -24.19 -4.53 -1.07
N TYR E 172 -23.12 -5.12 -1.62
CA TYR E 172 -23.03 -6.58 -1.68
C TYR E 172 -21.76 -7.12 -1.02
N GLU E 173 -21.86 -8.35 -0.53
CA GLU E 173 -20.76 -9.04 0.10
C GLU E 173 -20.24 -10.15 -0.82
N ILE E 174 -18.92 -10.18 -1.04
CA ILE E 174 -18.32 -11.18 -1.91
C ILE E 174 -17.95 -12.46 -1.15
N LEU E 175 -18.63 -13.56 -1.49
CA LEU E 175 -18.37 -14.84 -0.83
C LEU E 175 -17.20 -15.60 -1.46
N SER E 176 -17.08 -15.51 -2.78
CA SER E 176 -15.90 -16.04 -3.48
C SER E 176 -15.77 -15.40 -4.86
N ALA E 177 -14.54 -15.32 -5.35
CA ALA E 177 -14.28 -14.80 -6.68
C ALA E 177 -13.03 -15.44 -7.25
N THR E 178 -13.19 -16.22 -8.32
CA THR E 178 -12.06 -16.90 -8.95
C THR E 178 -11.88 -16.50 -10.41
N GLN E 179 -10.64 -16.64 -10.90
CA GLN E 179 -10.34 -16.44 -12.30
C GLN E 179 -9.57 -17.64 -12.84
N THR E 180 -10.17 -18.36 -13.79
CA THR E 180 -9.62 -19.64 -14.22
C THR E 180 -9.50 -19.80 -15.73
N ARG E 181 -8.28 -20.04 -16.20
CA ARG E 181 -8.06 -20.44 -17.58
C ARG E 181 -8.93 -21.63 -17.97
N GLN E 182 -9.52 -21.55 -19.16
CA GLN E 182 -10.32 -22.62 -19.72
C GLN E 182 -10.02 -22.77 -21.22
N VAL E 183 -10.16 -23.99 -21.72
CA VAL E 183 -10.06 -24.22 -23.15
C VAL E 183 -11.44 -24.54 -23.66
N GLN E 184 -11.92 -23.75 -24.61
CA GLN E 184 -13.25 -23.90 -25.16
C GLN E 184 -13.17 -24.45 -26.58
N HIS E 185 -13.92 -25.51 -26.86
CA HIS E 185 -14.03 -26.06 -28.21
C HIS E 185 -15.43 -25.82 -28.78
N TYR E 186 -15.50 -25.02 -29.85
CA TYR E 186 -16.80 -24.72 -30.46
C TYR E 186 -17.09 -25.66 -31.62
N SER E 187 -18.34 -26.04 -31.78
CA SER E 187 -18.74 -26.96 -32.85
C SER E 187 -18.60 -26.35 -34.24
N CYS E 188 -18.47 -25.03 -34.30
CA CYS E 188 -18.30 -24.33 -35.56
C CYS E 188 -16.88 -24.47 -36.10
N CYS E 189 -15.92 -24.57 -35.19
CA CYS E 189 -14.53 -24.36 -35.55
C CYS E 189 -13.63 -25.47 -35.01
N PRO E 190 -12.64 -25.89 -35.81
CA PRO E 190 -11.73 -26.95 -35.38
C PRO E 190 -10.78 -26.53 -34.27
N GLU E 191 -10.19 -25.34 -34.38
CA GLU E 191 -9.21 -24.86 -33.41
C GLU E 191 -9.86 -24.44 -32.10
N PRO E 192 -9.15 -24.63 -30.98
CA PRO E 192 -9.68 -24.28 -29.66
C PRO E 192 -9.43 -22.81 -29.33
N TYR E 193 -10.30 -22.25 -28.47
CA TYR E 193 -10.16 -20.87 -28.02
C TYR E 193 -9.94 -20.80 -26.52
N ILE E 194 -9.11 -19.86 -26.09
CA ILE E 194 -8.76 -19.78 -24.69
C ILE E 194 -9.49 -18.64 -24.00
N ASP E 195 -10.02 -18.91 -22.82
CA ASP E 195 -10.63 -17.85 -22.03
C ASP E 195 -10.38 -17.97 -20.52
N VAL E 196 -10.53 -16.85 -19.82
CA VAL E 196 -10.47 -16.87 -18.37
C VAL E 196 -11.86 -16.68 -17.83
N ASN E 197 -12.31 -17.62 -17.01
CA ASN E 197 -13.65 -17.58 -16.46
C ASN E 197 -13.64 -16.88 -15.12
N LEU E 198 -14.42 -15.80 -15.04
CA LEU E 198 -14.56 -15.03 -13.81
C LEU E 198 -15.83 -15.48 -13.09
N VAL E 199 -15.69 -16.16 -11.96
CA VAL E 199 -16.84 -16.65 -11.21
C VAL E 199 -16.99 -15.89 -9.88
N VAL E 200 -18.13 -15.24 -9.70
CA VAL E 200 -18.37 -14.48 -8.48
C VAL E 200 -19.63 -14.94 -7.78
N LYS E 201 -19.47 -15.27 -6.50
CA LYS E 201 -20.57 -15.63 -5.64
C LYS E 201 -20.74 -14.49 -4.65
N PHE E 202 -21.95 -13.96 -4.55
CA PHE E 202 -22.18 -12.80 -3.69
C PHE E 202 -23.60 -12.74 -3.14
N ARG E 203 -23.82 -11.79 -2.23
CA ARG E 203 -25.13 -11.61 -1.59
C ARG E 203 -25.27 -10.20 -1.05
N GLU E 204 -26.51 -9.81 -0.73
CA GLU E 204 -26.76 -8.48 -0.20
C GLU E 204 -26.22 -8.31 1.22
N ARG E 205 -26.11 -7.06 1.66
CA ARG E 205 -25.68 -6.70 3.01
C ARG E 205 -24.25 -7.15 3.30
N GLN F 1 -6.48 -32.27 26.61
CA GLN F 1 -5.75 -31.19 27.27
C GLN F 1 -6.30 -30.91 28.66
N ALA F 2 -7.48 -31.43 28.95
CA ALA F 2 -8.09 -31.28 30.27
C ALA F 2 -7.31 -32.11 31.29
N ASN F 3 -7.00 -33.35 30.92
CA ASN F 3 -6.27 -34.26 31.79
C ASN F 3 -4.87 -33.74 32.08
N LEU F 4 -4.22 -33.21 31.05
CA LEU F 4 -2.87 -32.69 31.19
C LEU F 4 -2.81 -31.52 32.16
N MET F 5 -3.79 -30.62 32.07
CA MET F 5 -3.89 -29.48 32.98
C MET F 5 -3.99 -29.96 34.44
N ARG F 6 -4.82 -30.97 34.67
CA ARG F 6 -5.00 -31.53 36.01
C ARG F 6 -3.74 -32.25 36.49
N LEU F 7 -3.04 -32.90 35.56
CA LEU F 7 -1.80 -33.59 35.90
C LEU F 7 -0.74 -32.59 36.35
N LYS F 8 -0.50 -31.59 35.50
CA LYS F 8 0.49 -30.56 35.79
C LYS F 8 0.15 -29.80 37.08
N SER F 9 -1.14 -29.68 37.38
CA SER F 9 -1.59 -28.96 38.57
C SER F 9 -1.40 -29.79 39.83
N ASP F 10 -1.50 -31.11 39.68
CA ASP F 10 -1.28 -32.02 40.79
C ASP F 10 0.21 -32.15 41.11
N LEU F 11 1.05 -32.04 40.07
CA LEU F 11 2.48 -32.25 40.24
C LEU F 11 3.26 -31.00 40.65
N PHE F 12 2.80 -29.84 40.18
CA PHE F 12 3.55 -28.61 40.38
C PHE F 12 2.94 -27.66 41.41
N ASN F 13 1.62 -27.53 41.40
CA ASN F 13 0.95 -26.52 42.21
C ASN F 13 0.36 -27.04 43.53
N ARG F 14 -0.03 -28.30 43.54
CA ARG F 14 -0.54 -28.92 44.76
C ARG F 14 0.54 -29.77 45.40
N SER F 15 1.79 -29.40 45.15
CA SER F 15 2.95 -30.09 45.71
C SER F 15 4.09 -29.10 45.93
N PRO F 16 4.81 -29.26 47.04
CA PRO F 16 5.99 -28.42 47.33
C PRO F 16 7.09 -28.66 46.30
N MET F 17 7.93 -27.66 46.07
CA MET F 17 9.00 -27.77 45.09
C MET F 17 10.15 -28.64 45.60
N TYR F 18 10.60 -29.57 44.75
CA TYR F 18 11.71 -30.46 45.05
C TYR F 18 12.97 -29.68 45.42
N PRO F 19 13.52 -29.93 46.62
CA PRO F 19 14.60 -29.12 47.19
C PRO F 19 16.00 -29.58 46.79
N GLY F 20 16.09 -30.54 45.87
CA GLY F 20 17.38 -31.06 45.46
C GLY F 20 17.78 -32.25 46.32
N PRO F 21 18.73 -33.06 45.81
CA PRO F 21 19.15 -34.30 46.47
C PRO F 21 19.97 -34.04 47.72
N THR F 22 20.12 -35.07 48.56
CA THR F 22 20.95 -34.98 49.76
C THR F 22 21.86 -36.20 49.85
N LYS F 23 22.60 -36.28 50.95
CA LYS F 23 23.43 -37.45 51.22
C LYS F 23 22.52 -38.67 51.44
N ASP F 24 21.35 -38.41 52.01
CA ASP F 24 20.38 -39.47 52.31
C ASP F 24 19.65 -39.93 51.05
N ASP F 25 19.15 -38.97 50.27
CA ASP F 25 18.43 -39.27 49.04
C ASP F 25 19.16 -38.67 47.84
N PRO F 26 20.27 -39.31 47.41
CA PRO F 26 21.11 -38.78 46.33
C PRO F 26 20.49 -38.96 44.96
N LEU F 27 21.16 -38.41 43.94
CA LEU F 27 20.61 -38.38 42.59
C LEU F 27 21.69 -38.72 41.57
N THR F 28 21.28 -39.40 40.50
CA THR F 28 22.19 -39.76 39.43
C THR F 28 21.79 -39.04 38.15
N VAL F 29 22.71 -38.23 37.64
CA VAL F 29 22.45 -37.50 36.40
C VAL F 29 23.23 -38.10 35.25
N THR F 30 22.52 -38.53 34.22
CA THR F 30 23.15 -39.10 33.03
C THR F 30 23.45 -37.99 32.03
N LEU F 31 24.67 -37.99 31.51
CA LEU F 31 25.17 -36.90 30.70
C LEU F 31 25.61 -37.37 29.32
N GLY F 32 25.33 -36.57 28.29
CA GLY F 32 25.74 -36.89 26.94
C GLY F 32 25.90 -35.65 26.07
N PHE F 33 26.90 -35.66 25.21
CA PHE F 33 27.18 -34.53 24.33
C PHE F 33 27.03 -34.86 22.85
N THR F 34 26.30 -34.03 22.13
CA THR F 34 26.27 -34.07 20.67
C THR F 34 26.99 -32.83 20.13
N LEU F 35 28.10 -33.04 19.44
CA LEU F 35 28.92 -31.93 18.96
C LEU F 35 28.52 -31.48 17.56
N GLN F 36 28.19 -30.21 17.42
CA GLN F 36 27.62 -29.74 16.15
C GLN F 36 28.64 -29.01 15.29
N ASP F 37 29.49 -28.22 15.93
CA ASP F 37 30.55 -27.51 15.22
C ASP F 37 31.57 -26.91 16.18
N ILE F 38 32.79 -26.71 15.67
CA ILE F 38 33.77 -25.87 16.34
C ILE F 38 33.77 -24.55 15.57
N VAL F 39 33.18 -23.52 16.17
CA VAL F 39 32.82 -22.30 15.45
C VAL F 39 33.86 -21.20 15.54
N LYS F 40 34.76 -21.32 16.50
CA LYS F 40 35.78 -20.28 16.67
C LYS F 40 37.02 -20.81 17.37
N VAL F 41 38.17 -20.36 16.87
CA VAL F 41 39.45 -20.69 17.48
C VAL F 41 40.30 -19.42 17.54
N ASP F 42 40.61 -19.00 18.76
CA ASP F 42 41.39 -17.79 18.98
C ASP F 42 42.75 -18.14 19.57
N SER F 43 43.80 -17.89 18.80
CA SER F 43 45.15 -18.29 19.21
C SER F 43 45.89 -17.19 19.98
N SER F 44 45.27 -16.03 20.10
CA SER F 44 45.89 -14.91 20.81
C SER F 44 45.33 -14.75 22.23
N THR F 45 44.26 -15.48 22.53
CA THR F 45 43.67 -15.46 23.86
C THR F 45 43.47 -16.87 24.41
N ASN F 46 43.80 -17.85 23.58
CA ASN F 46 43.59 -19.26 23.89
C ASN F 46 42.14 -19.57 24.25
N GLU F 47 41.25 -19.28 23.31
CA GLU F 47 39.82 -19.48 23.48
C GLU F 47 39.29 -20.31 22.32
N VAL F 48 38.43 -21.27 22.62
CA VAL F 48 37.78 -22.05 21.57
C VAL F 48 36.27 -22.07 21.81
N ASP F 49 35.50 -21.84 20.75
CA ASP F 49 34.05 -21.81 20.88
C ASP F 49 33.40 -23.05 20.25
N LEU F 50 32.57 -23.72 21.06
CA LEU F 50 31.84 -24.91 20.63
C LEU F 50 30.35 -24.61 20.52
N VAL F 51 29.68 -25.32 19.62
CA VAL F 51 28.23 -25.39 19.64
C VAL F 51 27.83 -26.85 19.77
N TYR F 52 27.02 -27.15 20.78
CA TYR F 52 26.67 -28.55 21.06
C TYR F 52 25.31 -28.66 21.72
N TRP F 53 24.78 -29.88 21.75
CA TRP F 53 23.60 -30.19 22.54
C TRP F 53 24.07 -31.00 23.73
N GLU F 54 23.46 -30.76 24.89
CA GLU F 54 23.88 -31.45 26.11
C GLU F 54 22.71 -32.22 26.70
N ARG F 55 22.65 -33.51 26.39
CA ARG F 55 21.58 -34.38 26.88
C ARG F 55 21.72 -34.64 28.38
N GLN F 56 20.77 -34.15 29.16
CA GLN F 56 20.72 -34.43 30.58
C GLN F 56 19.53 -35.32 30.91
N ARG F 57 19.76 -36.34 31.73
CA ARG F 57 18.69 -37.23 32.15
C ARG F 57 18.81 -37.56 33.64
N TRP F 58 17.67 -37.57 34.32
CA TRP F 58 17.59 -37.93 35.73
C TRP F 58 16.17 -38.32 36.08
N LYS F 59 15.97 -38.84 37.28
CA LYS F 59 14.67 -39.36 37.69
C LYS F 59 14.33 -38.98 39.12
N LEU F 60 13.19 -38.33 39.30
CA LEU F 60 12.67 -38.02 40.62
C LEU F 60 11.51 -38.96 40.90
N ASN F 61 11.38 -39.40 42.14
CA ASN F 61 10.23 -40.20 42.52
C ASN F 61 9.01 -39.28 42.65
N SER F 62 9.29 -38.00 42.87
CA SER F 62 8.25 -37.00 43.05
C SER F 62 7.57 -36.60 41.74
N LEU F 63 8.08 -37.12 40.62
CA LEU F 63 7.48 -36.83 39.32
C LEU F 63 6.85 -38.08 38.71
N MET F 64 6.59 -39.08 39.53
CA MET F 64 5.94 -40.30 39.05
C MET F 64 4.43 -40.14 39.09
N TRP F 65 3.75 -40.83 38.18
CA TRP F 65 2.29 -40.79 38.17
C TRP F 65 1.69 -42.01 37.45
N ASP F 66 0.46 -42.36 37.84
CA ASP F 66 -0.26 -43.44 37.19
C ASP F 66 -1.00 -42.90 35.97
N PRO F 67 -0.58 -43.34 34.77
CA PRO F 67 -1.21 -42.91 33.51
C PRO F 67 -2.70 -43.21 33.50
N ASN F 68 -3.09 -44.29 34.17
CA ASN F 68 -4.47 -44.72 34.22
C ASN F 68 -5.37 -43.73 34.96
N GLU F 69 -4.76 -42.88 35.78
CA GLU F 69 -5.52 -41.88 36.54
C GLU F 69 -5.62 -40.55 35.79
N TYR F 70 -4.77 -40.37 34.78
CA TYR F 70 -4.74 -39.12 34.05
C TYR F 70 -4.88 -39.31 32.54
N GLY F 71 -5.72 -40.26 32.15
CA GLY F 71 -6.04 -40.45 30.75
C GLY F 71 -4.88 -40.99 29.91
N ASN F 72 -4.14 -41.91 30.46
CA ASN F 72 -3.17 -42.63 29.68
C ASN F 72 -2.03 -41.75 29.18
N ILE F 73 -1.79 -40.65 29.86
CA ILE F 73 -0.66 -39.78 29.58
C ILE F 73 0.62 -40.44 30.08
N THR F 74 1.52 -40.75 29.15
CA THR F 74 2.78 -41.40 29.51
C THR F 74 3.89 -40.38 29.71
N ASP F 75 3.77 -39.24 29.04
CA ASP F 75 4.75 -38.16 29.18
C ASP F 75 4.16 -36.81 28.75
N PHE F 76 4.82 -35.73 29.16
CA PHE F 76 4.42 -34.39 28.76
C PHE F 76 5.59 -33.43 28.68
N ARG F 77 5.43 -32.38 27.90
CA ARG F 77 6.44 -31.34 27.79
C ARG F 77 6.10 -30.19 28.71
N THR F 78 7.09 -29.67 29.43
CA THR F 78 6.88 -28.53 30.32
C THR F 78 8.15 -27.70 30.45
N SER F 79 7.97 -26.42 30.78
CA SER F 79 9.08 -25.50 30.94
C SER F 79 10.10 -26.03 31.93
N ALA F 80 11.38 -25.76 31.66
CA ALA F 80 12.45 -26.16 32.57
C ALA F 80 12.36 -25.39 33.88
N ALA F 81 11.59 -24.30 33.88
CA ALA F 81 11.40 -23.48 35.07
C ALA F 81 10.36 -24.07 36.01
N ASP F 82 9.53 -24.96 35.47
CA ASP F 82 8.50 -25.61 36.28
C ASP F 82 9.11 -26.64 37.24
N ILE F 83 10.33 -27.09 36.93
CA ILE F 83 10.94 -28.19 37.66
C ILE F 83 12.37 -27.89 38.11
N TRP F 84 12.86 -28.69 39.04
CA TRP F 84 14.24 -28.61 39.50
C TRP F 84 15.16 -29.13 38.40
N THR F 85 16.34 -28.52 38.28
CA THR F 85 17.32 -28.96 37.28
C THR F 85 18.71 -28.97 37.90
N PRO F 86 19.56 -29.92 37.47
CA PRO F 86 20.93 -30.01 38.00
C PRO F 86 21.78 -28.84 37.56
N ASP F 87 22.73 -28.44 38.40
CA ASP F 87 23.56 -27.29 38.09
C ASP F 87 24.84 -27.68 37.34
N ILE F 88 24.69 -28.53 36.34
CA ILE F 88 25.81 -28.96 35.51
C ILE F 88 26.41 -27.77 34.76
N THR F 89 27.68 -27.50 35.01
CA THR F 89 28.36 -26.38 34.40
C THR F 89 29.78 -26.76 33.95
N ALA F 90 30.27 -26.06 32.93
CA ALA F 90 31.64 -26.22 32.48
C ALA F 90 32.57 -25.60 33.52
N TYR F 91 33.69 -26.24 33.78
CA TYR F 91 34.61 -25.76 34.81
C TYR F 91 35.57 -24.70 34.30
N SER F 92 35.72 -24.59 32.99
CA SER F 92 36.66 -23.62 32.43
C SER F 92 36.10 -22.80 31.28
N SER F 93 34.92 -22.24 31.47
CA SER F 93 34.34 -21.32 30.49
C SER F 93 34.99 -19.96 30.66
N THR F 94 34.99 -19.16 29.59
CA THR F 94 35.59 -17.83 29.63
C THR F 94 34.53 -16.75 29.42
N ARG F 95 33.33 -17.18 29.03
CA ARG F 95 32.19 -16.28 28.82
C ARG F 95 30.94 -17.05 29.23
N PRO F 96 29.87 -16.32 29.62
CA PRO F 96 28.61 -17.00 29.97
C PRO F 96 28.10 -17.87 28.83
N VAL F 97 27.68 -19.09 29.13
CA VAL F 97 27.16 -19.98 28.08
C VAL F 97 25.88 -19.39 27.48
N GLN F 98 25.76 -19.47 26.16
CA GLN F 98 24.61 -18.92 25.46
C GLN F 98 23.65 -20.04 25.01
N VAL F 99 22.43 -20.01 25.51
CA VAL F 99 21.44 -21.04 25.19
C VAL F 99 20.79 -20.80 23.83
N LEU F 100 20.78 -21.86 23.00
CA LEU F 100 20.32 -21.75 21.62
C LEU F 100 18.97 -22.41 21.37
N SER F 101 18.47 -23.16 22.35
CA SER F 101 17.23 -23.90 22.18
C SER F 101 16.23 -23.52 23.28
N PRO F 102 14.93 -23.81 23.05
CA PRO F 102 13.92 -23.55 24.08
C PRO F 102 14.22 -24.25 25.40
N GLN F 103 13.90 -23.59 26.51
CA GLN F 103 14.15 -24.16 27.83
C GLN F 103 13.00 -25.05 28.27
N ILE F 104 12.79 -26.14 27.53
CA ILE F 104 11.67 -27.04 27.78
C ILE F 104 12.19 -28.44 28.01
N ALA F 105 11.56 -29.16 28.94
CA ALA F 105 11.95 -30.52 29.26
C ALA F 105 10.80 -31.51 29.01
N VAL F 106 11.12 -32.80 29.02
CA VAL F 106 10.10 -33.84 28.88
C VAL F 106 10.11 -34.74 30.11
N VAL F 107 8.94 -34.88 30.73
CA VAL F 107 8.82 -35.72 31.92
C VAL F 107 7.97 -36.94 31.62
N THR F 108 8.47 -38.12 31.98
CA THR F 108 7.76 -39.38 31.76
C THR F 108 7.09 -39.82 33.05
N HIS F 109 6.05 -40.64 32.93
CA HIS F 109 5.25 -41.10 34.08
C HIS F 109 6.05 -41.88 35.13
N ASP F 110 7.22 -42.38 34.74
CA ASP F 110 8.07 -43.09 35.68
C ASP F 110 8.88 -42.10 36.52
N GLY F 111 8.71 -40.82 36.22
CA GLY F 111 9.34 -39.76 36.99
C GLY F 111 10.65 -39.26 36.38
N SER F 112 11.03 -39.83 35.25
CA SER F 112 12.28 -39.46 34.60
C SER F 112 12.15 -38.19 33.76
N VAL F 113 13.25 -37.44 33.67
CA VAL F 113 13.26 -36.16 32.97
C VAL F 113 14.39 -36.13 31.95
N MET F 114 14.06 -35.76 30.71
CA MET F 114 15.07 -35.58 29.69
C MET F 114 15.14 -34.11 29.26
N PHE F 115 16.33 -33.52 29.39
CA PHE F 115 16.51 -32.10 29.08
C PHE F 115 17.70 -31.95 28.13
N ILE F 116 17.45 -31.45 26.91
CA ILE F 116 18.50 -31.38 25.89
C ILE F 116 18.69 -29.98 25.30
N PRO F 117 19.38 -29.09 26.04
CA PRO F 117 19.60 -27.71 25.57
C PRO F 117 20.81 -27.56 24.64
N ALA F 118 20.60 -26.88 23.51
CA ALA F 118 21.68 -26.51 22.60
C ALA F 118 22.38 -25.26 23.12
N GLN F 119 23.71 -25.22 23.01
CA GLN F 119 24.50 -24.17 23.66
C GLN F 119 25.71 -23.71 22.87
N ARG F 120 26.14 -22.49 23.14
CA ARG F 120 27.43 -22.00 22.63
C ARG F 120 28.35 -21.72 23.80
N LEU F 121 29.50 -22.38 23.80
CA LEU F 121 30.42 -22.30 24.92
C LEU F 121 31.79 -21.76 24.48
N SER F 122 32.30 -20.80 25.24
CA SER F 122 33.67 -20.34 25.08
C SER F 122 34.52 -20.89 26.23
N PHE F 123 35.60 -21.59 25.91
CA PHE F 123 36.43 -22.19 26.95
C PHE F 123 37.93 -22.10 26.67
N MET F 124 38.72 -22.29 27.73
CA MET F 124 40.17 -22.15 27.66
C MET F 124 40.80 -23.30 26.89
N CYS F 125 41.48 -22.97 25.81
CA CYS F 125 42.22 -23.96 25.03
C CYS F 125 43.26 -23.32 24.14
N ASP F 126 44.52 -23.69 24.35
CA ASP F 126 45.59 -23.31 23.45
C ASP F 126 45.40 -24.11 22.16
N PRO F 127 45.19 -23.41 21.04
CA PRO F 127 44.91 -24.12 19.79
C PRO F 127 46.16 -24.37 18.95
N THR F 128 47.34 -24.15 19.54
CA THR F 128 48.61 -24.30 18.84
C THR F 128 48.73 -25.65 18.16
N GLY F 129 48.81 -25.64 16.83
CA GLY F 129 48.99 -26.86 16.06
C GLY F 129 47.74 -27.36 15.37
N VAL F 130 46.69 -26.54 15.42
CA VAL F 130 45.42 -26.87 14.76
C VAL F 130 45.60 -26.97 13.25
N ASP F 131 46.47 -26.12 12.71
CA ASP F 131 46.73 -26.09 11.27
C ASP F 131 47.74 -27.16 10.85
N SER F 132 48.15 -27.99 11.81
CA SER F 132 49.06 -29.09 11.51
C SER F 132 48.29 -30.36 11.16
N GLU F 133 48.99 -31.38 10.70
CA GLU F 133 48.37 -32.64 10.35
C GLU F 133 47.98 -33.44 11.59
N GLU F 134 48.78 -33.31 12.64
CA GLU F 134 48.49 -34.00 13.91
C GLU F 134 47.34 -33.31 14.62
N GLY F 135 47.13 -32.03 14.29
CA GLY F 135 46.04 -31.27 14.87
C GLY F 135 46.35 -30.80 16.28
N VAL F 136 45.30 -30.60 17.07
CA VAL F 136 45.44 -30.14 18.45
C VAL F 136 44.34 -30.74 19.31
N THR F 137 44.54 -30.75 20.62
CA THR F 137 43.58 -31.35 21.53
C THR F 137 43.08 -30.33 22.57
N CYS F 138 41.76 -30.27 22.75
CA CYS F 138 41.17 -29.46 23.80
C CYS F 138 40.41 -30.37 24.77
N ALA F 139 40.26 -29.92 26.00
CA ALA F 139 39.47 -30.65 26.99
C ALA F 139 38.69 -29.68 27.85
N VAL F 140 37.47 -30.06 28.22
CA VAL F 140 36.67 -29.26 29.14
C VAL F 140 35.84 -30.15 30.07
N LYS F 141 35.91 -29.87 31.37
CA LYS F 141 35.16 -30.62 32.37
C LYS F 141 33.76 -30.04 32.60
N PHE F 142 32.78 -30.93 32.74
CA PHE F 142 31.42 -30.55 33.10
C PHE F 142 31.00 -31.32 34.35
N GLY F 143 30.39 -30.64 35.30
CA GLY F 143 29.93 -31.27 36.52
C GLY F 143 29.15 -30.30 37.38
N SER F 144 28.54 -30.82 38.45
CA SER F 144 27.83 -29.99 39.41
C SER F 144 28.77 -28.97 40.04
N TRP F 145 28.23 -27.81 40.40
CA TRP F 145 29.06 -26.74 40.94
C TRP F 145 28.98 -26.64 42.47
N VAL F 146 27.90 -27.14 43.05
CA VAL F 146 27.72 -27.06 44.51
C VAL F 146 27.47 -28.41 45.18
N TYR F 147 27.30 -29.46 44.38
CA TYR F 147 27.02 -30.78 44.93
C TYR F 147 28.21 -31.73 44.79
N SER F 148 28.43 -32.54 45.81
CA SER F 148 29.48 -33.55 45.78
C SER F 148 28.95 -34.87 45.25
N GLY F 149 29.82 -35.88 45.18
CA GLY F 149 29.42 -37.20 44.74
C GLY F 149 28.37 -37.81 45.63
N PHE F 150 28.37 -37.41 46.90
CA PHE F 150 27.38 -37.89 47.87
C PHE F 150 25.98 -37.45 47.49
N GLU F 151 25.86 -36.26 46.94
CA GLU F 151 24.56 -35.71 46.54
C GLU F 151 24.26 -35.98 45.06
N ILE F 152 25.29 -35.85 44.21
CA ILE F 152 25.08 -36.06 42.77
C ILE F 152 26.20 -36.85 42.13
N ASP F 153 25.84 -37.98 41.54
CA ASP F 153 26.78 -38.77 40.74
C ASP F 153 26.41 -38.60 39.28
N LEU F 154 27.41 -38.72 38.40
CA LEU F 154 27.18 -38.58 36.97
C LEU F 154 27.36 -39.92 36.26
N LYS F 155 26.70 -40.05 35.11
CA LYS F 155 26.79 -41.28 34.31
C LYS F 155 26.77 -40.93 32.83
N THR F 156 27.36 -41.79 32.01
CA THR F 156 27.36 -41.60 30.56
C THR F 156 26.90 -42.89 29.88
N ASP F 157 25.92 -42.78 28.98
CA ASP F 157 25.42 -43.96 28.26
C ASP F 157 26.45 -44.47 27.24
N THR F 158 27.47 -43.66 26.96
CA THR F 158 28.55 -44.07 26.07
C THR F 158 29.81 -43.30 26.39
N ASP F 159 30.84 -43.50 25.58
CA ASP F 159 32.11 -42.84 25.81
C ASP F 159 32.51 -42.04 24.59
N GLN F 160 31.79 -42.27 23.49
CA GLN F 160 32.00 -41.50 22.29
C GLN F 160 31.02 -40.33 22.22
N VAL F 161 31.54 -39.15 21.87
CA VAL F 161 30.70 -37.99 21.67
C VAL F 161 29.99 -38.11 20.33
N ASP F 162 28.67 -37.87 20.33
CA ASP F 162 27.90 -37.96 19.10
C ASP F 162 28.41 -36.95 18.07
N LEU F 163 28.84 -37.46 16.92
CA LEU F 163 29.33 -36.62 15.83
C LEU F 163 28.46 -36.74 14.59
N SER F 164 27.30 -37.38 14.73
CA SER F 164 26.39 -37.60 13.60
C SER F 164 25.75 -36.29 13.10
N SER F 165 25.76 -35.26 13.93
CA SER F 165 25.21 -33.97 13.56
C SER F 165 26.28 -32.91 13.34
N TYR F 166 27.53 -33.35 13.29
CA TYR F 166 28.64 -32.42 13.07
C TYR F 166 28.53 -31.77 11.69
N TYR F 167 28.77 -30.46 11.62
CA TYR F 167 28.62 -29.73 10.37
C TYR F 167 29.61 -30.22 9.32
N ALA F 168 29.08 -30.64 8.17
CA ALA F 168 29.87 -31.28 7.12
C ALA F 168 30.86 -30.34 6.44
N SER F 169 30.49 -29.09 6.27
CA SER F 169 31.35 -28.11 5.61
C SER F 169 32.12 -27.30 6.64
N SER F 170 32.34 -27.89 7.81
CA SER F 170 33.06 -27.24 8.90
C SER F 170 34.48 -26.84 8.51
N LYS F 171 34.99 -25.80 9.16
CA LYS F 171 36.35 -25.36 8.97
C LYS F 171 37.30 -26.42 9.53
N TYR F 172 36.77 -27.29 10.37
CA TYR F 172 37.57 -28.30 11.06
C TYR F 172 36.93 -29.68 11.00
N GLU F 173 37.76 -30.70 10.82
CA GLU F 173 37.28 -32.09 10.95
C GLU F 173 37.74 -32.66 12.29
N ILE F 174 36.93 -33.53 12.87
CA ILE F 174 37.22 -34.13 14.16
C ILE F 174 38.14 -35.34 14.01
N LEU F 175 39.15 -35.43 14.87
CA LEU F 175 40.03 -36.61 14.90
C LEU F 175 39.54 -37.61 15.95
N SER F 176 39.14 -37.10 17.11
CA SER F 176 38.52 -37.92 18.14
C SER F 176 37.70 -37.06 19.09
N ALA F 177 36.65 -37.65 19.66
CA ALA F 177 35.78 -36.93 20.58
C ALA F 177 35.22 -37.87 21.64
N THR F 178 35.75 -37.77 22.85
CA THR F 178 35.35 -38.66 23.93
C THR F 178 34.68 -37.93 25.09
N GLN F 179 33.78 -38.62 25.77
CA GLN F 179 33.13 -38.10 26.96
C GLN F 179 33.27 -39.13 28.09
N THR F 180 34.15 -38.84 29.03
CA THR F 180 34.61 -39.83 30.01
C THR F 180 34.46 -39.38 31.47
N ARG F 181 33.76 -40.19 32.25
CA ARG F 181 33.53 -39.89 33.66
C ARG F 181 34.83 -39.91 34.44
N GLN F 182 35.01 -38.94 35.33
CA GLN F 182 36.21 -38.85 36.16
C GLN F 182 35.86 -38.43 37.59
N VAL F 183 36.56 -39.02 38.56
CA VAL F 183 36.34 -38.70 39.96
C VAL F 183 37.57 -38.01 40.53
N GLN F 184 37.39 -36.79 41.01
CA GLN F 184 38.48 -35.98 41.51
C GLN F 184 38.53 -35.96 43.03
N HIS F 185 39.50 -35.20 43.56
CA HIS F 185 39.61 -34.96 44.99
C HIS F 185 40.40 -33.68 45.25
N TYR F 186 39.75 -32.55 45.03
CA TYR F 186 40.36 -31.23 45.24
C TYR F 186 40.69 -31.03 46.71
N SER F 187 41.80 -30.32 46.98
CA SER F 187 42.33 -30.18 48.32
C SER F 187 41.41 -29.43 49.29
N CYS F 188 40.51 -28.60 48.74
CA CYS F 188 39.65 -27.75 49.55
C CYS F 188 38.65 -28.56 50.37
N CYS F 189 38.27 -29.72 49.85
CA CYS F 189 37.15 -30.47 50.41
C CYS F 189 37.48 -31.94 50.63
N PRO F 190 36.98 -32.52 51.74
CA PRO F 190 37.18 -33.95 52.03
C PRO F 190 36.19 -34.85 51.30
N GLU F 191 35.26 -34.27 50.55
CA GLU F 191 34.30 -35.06 49.77
C GLU F 191 34.66 -35.05 48.28
N PRO F 192 34.41 -36.18 47.58
CA PRO F 192 34.71 -36.30 46.15
C PRO F 192 33.69 -35.61 45.26
N TYR F 193 34.14 -35.18 44.09
CA TYR F 193 33.26 -34.56 43.11
C TYR F 193 33.35 -35.30 41.78
N ILE F 194 32.21 -35.41 41.10
CA ILE F 194 32.16 -36.11 39.82
C ILE F 194 32.10 -35.12 38.66
N ASP F 195 32.79 -35.45 37.58
CA ASP F 195 32.73 -34.64 36.38
C ASP F 195 32.88 -35.50 35.14
N VAL F 196 32.42 -34.97 34.01
CA VAL F 196 32.58 -35.65 32.74
C VAL F 196 33.50 -34.82 31.84
N ASN F 197 34.58 -35.43 31.39
CA ASN F 197 35.60 -34.71 30.66
C ASN F 197 35.49 -34.89 29.15
N LEU F 198 34.97 -33.86 28.49
CA LEU F 198 34.87 -33.83 27.03
C LEU F 198 36.23 -33.49 26.42
N VAL F 199 36.76 -34.43 25.63
CA VAL F 199 38.08 -34.28 25.04
C VAL F 199 38.00 -34.34 23.52
N VAL F 200 38.47 -33.30 22.85
CA VAL F 200 38.35 -33.20 21.39
C VAL F 200 39.68 -32.92 20.70
N LYS F 201 40.10 -33.85 19.86
CA LYS F 201 41.25 -33.63 19.00
C LYS F 201 40.74 -33.32 17.60
N PHE F 202 41.31 -32.29 16.97
CA PHE F 202 40.80 -31.81 15.69
C PHE F 202 41.83 -30.99 14.93
N ARG F 203 41.50 -30.66 13.68
CA ARG F 203 42.41 -29.89 12.82
C ARG F 203 41.66 -29.23 11.68
N GLU F 204 42.35 -28.34 10.97
CA GLU F 204 41.76 -27.62 9.85
C GLU F 204 41.48 -28.54 8.65
N ARG F 205 40.75 -28.01 7.68
CA ARG F 205 40.43 -28.74 6.45
C ARG F 205 39.68 -30.03 6.72
N GLN G 1 14.39 -35.08 51.24
CA GLN G 1 13.39 -34.14 50.78
C GLN G 1 12.22 -34.05 51.76
N ALA G 2 12.25 -34.91 52.78
CA ALA G 2 11.20 -34.95 53.79
C ALA G 2 11.29 -33.74 54.71
N ASN G 3 12.36 -33.70 55.50
CA ASN G 3 12.57 -32.60 56.44
C ASN G 3 13.26 -31.40 55.81
N LEU G 4 13.87 -31.61 54.64
CA LEU G 4 14.57 -30.53 53.95
C LEU G 4 13.60 -29.51 53.39
N MET G 5 12.42 -29.97 52.98
CA MET G 5 11.36 -29.08 52.52
C MET G 5 10.82 -28.26 53.69
N ARG G 6 10.70 -28.92 54.84
CA ARG G 6 10.15 -28.28 56.02
C ARG G 6 11.16 -27.31 56.65
N LEU G 7 12.44 -27.61 56.49
CA LEU G 7 13.49 -26.74 57.03
C LEU G 7 13.57 -25.43 56.25
N LYS G 8 13.61 -25.54 54.92
CA LYS G 8 13.72 -24.36 54.07
C LYS G 8 12.52 -23.44 54.20
N SER G 9 11.35 -24.01 54.50
CA SER G 9 10.15 -23.21 54.70
C SER G 9 10.25 -22.43 55.99
N ASP G 10 10.73 -23.10 57.04
CA ASP G 10 10.86 -22.48 58.35
C ASP G 10 11.89 -21.35 58.38
N LEU G 11 12.79 -21.35 57.41
CA LEU G 11 13.84 -20.34 57.36
C LEU G 11 13.50 -19.16 56.48
N PHE G 12 12.77 -19.40 55.40
CA PHE G 12 12.59 -18.39 54.37
C PHE G 12 11.18 -17.82 54.31
N ASN G 13 10.18 -18.70 54.36
CA ASN G 13 8.79 -18.26 54.23
C ASN G 13 8.21 -17.68 55.52
N ARG G 14 8.39 -18.41 56.62
CA ARG G 14 7.84 -17.96 57.90
C ARG G 14 8.57 -16.73 58.43
N SER G 15 9.89 -16.84 58.57
CA SER G 15 10.70 -15.72 59.03
C SER G 15 10.94 -14.72 57.90
N PRO G 16 11.13 -13.44 58.25
CA PRO G 16 11.55 -12.44 57.26
C PRO G 16 13.02 -12.62 56.89
N MET G 17 13.53 -11.79 56.00
CA MET G 17 14.91 -11.92 55.54
C MET G 17 15.83 -10.85 56.13
N TYR G 18 17.11 -11.22 56.29
CA TYR G 18 18.15 -10.32 56.75
C TYR G 18 18.15 -9.02 55.94
N PRO G 19 17.95 -7.88 56.62
CA PRO G 19 17.99 -6.56 55.98
C PRO G 19 19.40 -6.00 55.92
N GLY G 20 20.40 -6.87 56.08
CA GLY G 20 21.78 -6.44 56.05
C GLY G 20 22.29 -6.05 57.42
N PRO G 21 23.62 -6.04 57.60
CA PRO G 21 24.22 -5.69 58.88
C PRO G 21 24.06 -4.21 59.21
N THR G 22 24.21 -3.87 60.49
CA THR G 22 24.18 -2.49 60.94
C THR G 22 25.34 -2.26 61.89
N LYS G 23 25.51 -1.03 62.35
CA LYS G 23 26.60 -0.69 63.26
C LYS G 23 26.48 -1.46 64.58
N ASP G 24 25.24 -1.75 64.98
CA ASP G 24 24.97 -2.45 66.23
C ASP G 24 25.06 -3.95 66.05
N ASP G 25 24.91 -4.41 64.81
CA ASP G 25 24.98 -5.84 64.50
C ASP G 25 25.80 -6.09 63.24
N PRO G 26 27.11 -5.79 63.30
CA PRO G 26 27.96 -5.82 62.12
C PRO G 26 28.26 -7.26 61.67
N LEU G 27 28.85 -7.38 60.48
CA LEU G 27 29.06 -8.68 59.86
C LEU G 27 30.47 -8.78 59.29
N THR G 28 31.10 -9.93 59.45
CA THR G 28 32.43 -10.15 58.88
C THR G 28 32.34 -11.14 57.73
N VAL G 29 32.79 -10.70 56.55
CA VAL G 29 32.75 -11.51 55.35
C VAL G 29 34.15 -11.96 54.98
N THR G 30 34.34 -13.27 54.86
CA THR G 30 35.64 -13.82 54.48
C THR G 30 35.76 -13.91 52.97
N LEU G 31 36.90 -13.45 52.45
CA LEU G 31 37.08 -13.33 51.01
C LEU G 31 38.32 -14.06 50.52
N GLY G 32 38.14 -14.92 49.51
CA GLY G 32 39.24 -15.64 48.91
C GLY G 32 39.08 -15.77 47.40
N PHE G 33 40.17 -15.55 46.67
CA PHE G 33 40.13 -15.58 45.22
C PHE G 33 40.88 -16.78 44.64
N THR G 34 40.30 -17.38 43.61
CA THR G 34 40.96 -18.43 42.84
C THR G 34 41.17 -17.95 41.41
N LEU G 35 42.42 -17.62 41.06
CA LEU G 35 42.73 -17.15 39.72
C LEU G 35 42.83 -18.31 38.71
N GLN G 36 42.02 -18.24 37.65
CA GLN G 36 41.94 -19.36 36.70
C GLN G 36 42.66 -19.08 35.38
N ASP G 37 42.57 -17.85 34.87
CA ASP G 37 43.27 -17.47 33.64
C ASP G 37 43.23 -15.96 33.38
N ILE G 38 44.32 -15.44 32.80
CA ILE G 38 44.32 -14.09 32.27
C ILE G 38 44.02 -14.17 30.78
N VAL G 39 42.80 -13.76 30.40
CA VAL G 39 42.28 -14.04 29.08
C VAL G 39 42.65 -12.99 28.04
N LYS G 40 42.63 -11.73 28.44
CA LYS G 40 42.87 -10.65 27.49
C LYS G 40 43.70 -9.52 28.10
N VAL G 41 44.52 -8.91 27.27
CA VAL G 41 45.34 -7.79 27.68
C VAL G 41 45.32 -6.74 26.57
N ASP G 42 44.66 -5.62 26.83
CA ASP G 42 44.56 -4.54 25.86
C ASP G 42 45.44 -3.37 26.27
N SER G 43 46.52 -3.15 25.53
CA SER G 43 47.46 -2.08 25.84
C SER G 43 47.00 -0.75 25.26
N SER G 44 46.05 -0.81 24.34
CA SER G 44 45.54 0.39 23.70
C SER G 44 44.56 1.13 24.61
N THR G 45 43.90 0.40 25.51
CA THR G 45 42.87 0.96 26.37
C THR G 45 43.12 0.70 27.86
N ASN G 46 44.21 0.00 28.14
CA ASN G 46 44.52 -0.41 29.51
C ASN G 46 43.45 -1.27 30.16
N GLU G 47 43.13 -2.40 29.53
CA GLU G 47 42.15 -3.33 30.06
C GLU G 47 42.73 -4.73 30.17
N VAL G 48 42.45 -5.38 31.29
CA VAL G 48 42.85 -6.77 31.47
C VAL G 48 41.67 -7.60 31.98
N ASP G 49 41.42 -8.74 31.33
CA ASP G 49 40.30 -9.58 31.70
C ASP G 49 40.75 -10.81 32.50
N LEU G 50 40.16 -11.00 33.68
CA LEU G 50 40.44 -12.17 34.50
C LEU G 50 39.25 -13.11 34.55
N VAL G 51 39.53 -14.41 34.65
CA VAL G 51 38.52 -15.38 35.02
C VAL G 51 38.92 -15.93 36.39
N TYR G 52 38.04 -15.79 37.37
CA TYR G 52 38.37 -16.17 38.72
C TYR G 52 37.16 -16.70 39.48
N TRP G 53 37.42 -17.42 40.56
CA TRP G 53 36.37 -17.84 41.48
C TRP G 53 36.44 -16.94 42.69
N GLU G 54 35.29 -16.49 43.16
CA GLU G 54 35.24 -15.59 44.29
C GLU G 54 34.61 -16.29 45.50
N ARG G 55 35.45 -16.71 46.43
CA ARG G 55 34.93 -17.34 47.64
C ARG G 55 34.45 -16.27 48.60
N GLN G 56 33.17 -16.34 48.96
CA GLN G 56 32.60 -15.45 49.96
C GLN G 56 32.03 -16.28 51.09
N ARG G 57 32.26 -15.85 52.33
CA ARG G 57 31.73 -16.57 53.48
C ARG G 57 31.36 -15.65 54.62
N TRP G 58 30.19 -15.89 55.20
CA TRP G 58 29.68 -15.10 56.32
C TRP G 58 28.73 -15.97 57.15
N LYS G 59 28.27 -15.44 58.28
CA LYS G 59 27.43 -16.21 59.19
C LYS G 59 26.32 -15.37 59.81
N LEU G 60 25.09 -15.90 59.76
CA LEU G 60 23.94 -15.22 60.34
C LEU G 60 23.25 -16.11 61.36
N ASN G 61 22.86 -15.53 62.49
CA ASN G 61 22.10 -16.25 63.50
C ASN G 61 20.78 -16.78 62.95
N SER G 62 20.13 -15.97 62.12
CA SER G 62 18.80 -16.28 61.60
C SER G 62 18.82 -17.36 60.52
N LEU G 63 19.96 -18.01 60.34
CA LEU G 63 20.04 -19.15 59.42
C LEU G 63 20.36 -20.46 60.15
N MET G 64 20.78 -20.34 61.41
CA MET G 64 21.12 -21.50 62.23
C MET G 64 19.91 -22.38 62.50
N TRP G 65 20.15 -23.66 62.74
CA TRP G 65 19.10 -24.58 63.17
C TRP G 65 19.71 -25.76 63.92
N ASP G 66 18.84 -26.59 64.50
CA ASP G 66 19.28 -27.78 65.21
C ASP G 66 19.01 -29.04 64.37
N PRO G 67 20.08 -29.69 63.89
CA PRO G 67 20.02 -30.87 63.03
C PRO G 67 19.09 -31.96 63.57
N ASN G 68 19.07 -32.15 64.89
CA ASN G 68 18.24 -33.19 65.50
C ASN G 68 16.74 -32.95 65.33
N GLU G 69 16.37 -31.78 64.83
CA GLU G 69 14.96 -31.48 64.58
C GLU G 69 14.62 -31.53 63.09
N TYR G 70 15.62 -31.84 62.26
CA TYR G 70 15.42 -31.91 60.82
C TYR G 70 16.19 -33.07 60.19
N GLY G 71 15.91 -34.29 60.62
CA GLY G 71 16.52 -35.48 60.05
C GLY G 71 18.04 -35.50 60.04
N ASN G 72 18.62 -34.88 61.07
CA ASN G 72 20.08 -34.80 61.21
C ASN G 72 20.79 -34.09 60.04
N ILE G 73 20.06 -33.19 59.38
CA ILE G 73 20.61 -32.40 58.28
C ILE G 73 21.60 -31.35 58.78
N THR G 74 22.82 -31.40 58.26
CA THR G 74 23.87 -30.49 58.70
C THR G 74 24.05 -29.29 57.76
N ASP G 75 23.72 -29.48 56.48
CA ASP G 75 23.88 -28.43 55.48
C ASP G 75 23.06 -28.69 54.23
N PHE G 76 22.81 -27.64 53.44
CA PHE G 76 22.03 -27.78 52.22
C PHE G 76 22.43 -26.76 51.14
N ARG G 77 21.89 -26.97 49.94
CA ARG G 77 22.13 -26.05 48.83
C ARG G 77 20.85 -25.34 48.44
N THR G 78 20.96 -24.08 48.05
CA THR G 78 19.80 -23.30 47.65
C THR G 78 20.21 -22.14 46.76
N SER G 79 19.27 -21.63 45.98
CA SER G 79 19.51 -20.48 45.12
C SER G 79 19.99 -19.29 45.94
N ALA G 80 20.99 -18.59 45.44
CA ALA G 80 21.57 -17.44 46.14
C ALA G 80 20.59 -16.28 46.22
N ALA G 81 19.47 -16.41 45.52
CA ALA G 81 18.43 -15.40 45.56
C ALA G 81 17.45 -15.68 46.69
N ASP G 82 17.67 -16.77 47.40
CA ASP G 82 16.82 -17.14 48.53
C ASP G 82 17.30 -16.47 49.80
N ILE G 83 18.57 -16.07 49.80
CA ILE G 83 19.19 -15.49 50.98
C ILE G 83 19.83 -14.15 50.67
N TRP G 84 20.16 -13.42 51.72
CA TRP G 84 20.87 -12.15 51.59
C TRP G 84 22.31 -12.41 51.19
N THR G 85 22.89 -11.49 50.42
CA THR G 85 24.29 -11.58 50.02
C THR G 85 24.95 -10.20 50.13
N PRO G 86 26.26 -10.18 50.43
CA PRO G 86 26.96 -8.88 50.57
C PRO G 86 27.20 -8.21 49.23
N ASP G 87 27.23 -6.88 49.21
CA ASP G 87 27.41 -6.13 47.97
C ASP G 87 28.89 -5.98 47.59
N ILE G 88 29.65 -7.07 47.75
CA ILE G 88 31.06 -7.10 47.40
C ILE G 88 31.27 -6.82 45.91
N THR G 89 32.15 -5.88 45.59
CA THR G 89 32.32 -5.45 44.20
C THR G 89 33.71 -4.87 43.94
N ALA G 90 34.15 -4.93 42.69
CA ALA G 90 35.44 -4.38 42.30
C ALA G 90 35.39 -2.86 42.17
N TYR G 91 36.46 -2.19 42.56
CA TYR G 91 36.49 -0.74 42.57
C TYR G 91 36.85 -0.13 41.22
N SER G 92 37.39 -0.94 40.33
CA SER G 92 37.94 -0.41 39.08
C SER G 92 37.66 -1.28 37.87
N SER G 93 36.50 -1.94 37.88
CA SER G 93 36.04 -2.68 36.71
C SER G 93 35.68 -1.71 35.62
N THR G 94 35.86 -2.12 34.36
CA THR G 94 35.52 -1.23 33.25
C THR G 94 34.26 -1.68 32.53
N ARG G 95 33.75 -2.86 32.88
CA ARG G 95 32.56 -3.41 32.27
C ARG G 95 31.79 -4.19 33.32
N PRO G 96 30.50 -4.44 33.09
CA PRO G 96 29.77 -5.30 34.04
C PRO G 96 30.40 -6.69 34.11
N VAL G 97 30.60 -7.20 35.31
CA VAL G 97 31.16 -8.54 35.48
C VAL G 97 30.17 -9.59 34.93
N GLN G 98 30.71 -10.59 34.25
CA GLN G 98 29.89 -11.70 33.74
C GLN G 98 30.04 -12.94 34.62
N VAL G 99 28.92 -13.60 34.91
CA VAL G 99 28.93 -14.76 35.80
C VAL G 99 29.01 -16.08 35.02
N LEU G 100 29.89 -16.97 35.47
CA LEU G 100 30.17 -18.20 34.73
C LEU G 100 29.61 -19.44 35.39
N SER G 101 29.24 -19.33 36.66
CA SER G 101 28.80 -20.48 37.44
C SER G 101 27.35 -20.31 37.87
N PRO G 102 26.70 -21.42 38.27
CA PRO G 102 25.40 -21.33 38.92
C PRO G 102 25.45 -20.47 40.19
N GLN G 103 24.38 -19.75 40.46
CA GLN G 103 24.30 -18.92 41.66
C GLN G 103 23.65 -19.70 42.79
N ILE G 104 24.42 -20.59 43.40
CA ILE G 104 23.91 -21.42 44.49
C ILE G 104 24.87 -21.35 45.66
N ALA G 105 24.31 -21.19 46.86
CA ALA G 105 25.13 -21.12 48.07
C ALA G 105 24.90 -22.36 48.93
N VAL G 106 25.87 -22.67 49.78
CA VAL G 106 25.71 -23.76 50.74
C VAL G 106 25.48 -23.19 52.13
N VAL G 107 24.44 -23.66 52.81
CA VAL G 107 24.08 -23.16 54.12
C VAL G 107 24.24 -24.25 55.19
N THR G 108 25.07 -23.98 56.19
CA THR G 108 25.34 -24.94 57.25
C THR G 108 24.62 -24.55 58.54
N HIS G 109 24.30 -25.54 59.37
CA HIS G 109 23.46 -25.36 60.55
C HIS G 109 23.96 -24.34 61.58
N ASP G 110 25.22 -23.91 61.45
CA ASP G 110 25.74 -22.87 62.31
C ASP G 110 25.39 -21.49 61.78
N GLY G 111 24.71 -21.46 60.63
CA GLY G 111 24.32 -20.21 60.01
C GLY G 111 25.38 -19.65 59.07
N SER G 112 26.42 -20.44 58.82
CA SER G 112 27.47 -20.03 57.89
C SER G 112 27.05 -20.30 56.45
N VAL G 113 27.33 -19.36 55.56
CA VAL G 113 26.98 -19.53 54.16
C VAL G 113 28.25 -19.57 53.30
N MET G 114 28.27 -20.46 52.33
CA MET G 114 29.39 -20.57 51.40
C MET G 114 28.92 -20.31 49.98
N PHE G 115 29.44 -19.24 49.37
CA PHE G 115 29.02 -18.82 48.04
C PHE G 115 30.24 -18.54 47.17
N ILE G 116 30.37 -19.26 46.06
CA ILE G 116 31.55 -19.14 45.22
C ILE G 116 31.24 -18.97 43.73
N PRO G 117 30.94 -17.73 43.32
CA PRO G 117 30.67 -17.43 41.90
C PRO G 117 31.93 -17.42 41.06
N ALA G 118 31.88 -18.11 39.92
CA ALA G 118 32.93 -17.99 38.91
C ALA G 118 32.58 -16.78 38.04
N GLN G 119 33.54 -15.87 37.86
CA GLN G 119 33.27 -14.63 37.14
C GLN G 119 34.34 -14.29 36.10
N ARG G 120 33.98 -13.41 35.16
CA ARG G 120 34.93 -12.78 34.26
C ARG G 120 34.92 -11.27 34.48
N LEU G 121 36.10 -10.66 34.52
CA LEU G 121 36.21 -9.27 34.92
C LEU G 121 37.22 -8.47 34.09
N SER G 122 36.75 -7.41 33.45
CA SER G 122 37.65 -6.44 32.84
C SER G 122 37.91 -5.34 33.87
N PHE G 123 39.17 -4.95 34.01
CA PHE G 123 39.52 -3.89 34.95
C PHE G 123 40.71 -3.04 34.48
N MET G 124 40.96 -1.94 35.19
CA MET G 124 41.97 -0.97 34.77
C MET G 124 43.40 -1.44 35.07
N CYS G 125 44.21 -1.53 34.02
CA CYS G 125 45.61 -1.92 34.16
C CYS G 125 46.41 -1.48 32.94
N ASP G 126 47.50 -0.75 33.17
CA ASP G 126 48.48 -0.50 32.11
C ASP G 126 49.42 -1.70 32.07
N PRO G 127 49.28 -2.55 31.04
CA PRO G 127 49.97 -3.84 30.99
C PRO G 127 51.37 -3.73 30.40
N THR G 128 51.88 -2.51 30.31
CA THR G 128 53.21 -2.26 29.77
C THR G 128 54.26 -3.05 30.55
N GLY G 129 55.02 -3.89 29.84
CA GLY G 129 56.10 -4.65 30.45
C GLY G 129 55.78 -6.12 30.60
N VAL G 130 54.60 -6.52 30.15
CA VAL G 130 54.15 -7.89 30.28
C VAL G 130 55.02 -8.84 29.44
N ASP G 131 55.58 -8.32 28.35
CA ASP G 131 56.40 -9.13 27.46
C ASP G 131 57.89 -9.05 27.81
N SER G 132 58.17 -8.65 29.05
CA SER G 132 59.54 -8.64 29.54
C SER G 132 59.74 -9.75 30.57
N GLU G 133 60.99 -9.97 30.97
CA GLU G 133 61.29 -10.96 31.99
C GLU G 133 60.72 -10.53 33.33
N GLU G 134 60.74 -9.21 33.58
CA GLU G 134 60.29 -8.64 34.85
C GLU G 134 58.77 -8.61 34.94
N GLY G 135 58.10 -8.71 33.80
CA GLY G 135 56.66 -8.76 33.76
C GLY G 135 56.00 -7.44 34.11
N VAL G 136 54.75 -7.51 34.56
CA VAL G 136 54.00 -6.33 34.97
C VAL G 136 53.11 -6.65 36.16
N THR G 137 52.88 -5.66 37.02
CA THR G 137 52.00 -5.84 38.16
C THR G 137 50.68 -5.09 37.98
N CYS G 138 49.57 -5.72 38.36
CA CYS G 138 48.27 -5.07 38.39
C CYS G 138 47.57 -5.30 39.72
N ALA G 139 46.58 -4.47 40.02
CA ALA G 139 45.82 -4.60 41.27
C ALA G 139 44.38 -4.12 41.12
N VAL G 140 43.46 -4.86 41.74
CA VAL G 140 42.06 -4.46 41.77
C VAL G 140 41.44 -4.74 43.13
N LYS G 141 40.85 -3.69 43.71
CA LYS G 141 40.24 -3.77 45.05
C LYS G 141 38.85 -4.40 45.01
N PHE G 142 38.55 -5.22 46.01
CA PHE G 142 37.23 -5.81 46.16
C PHE G 142 36.68 -5.51 47.55
N GLY G 143 35.46 -5.01 47.63
CA GLY G 143 34.87 -4.65 48.90
C GLY G 143 33.41 -4.24 48.80
N SER G 144 32.78 -4.04 49.95
CA SER G 144 31.40 -3.57 49.99
C SER G 144 31.32 -2.20 49.33
N TRP G 145 30.24 -1.95 48.61
CA TRP G 145 30.11 -0.69 47.91
C TRP G 145 29.51 0.41 48.79
N VAL G 146 28.58 0.03 49.67
CA VAL G 146 27.85 1.03 50.45
C VAL G 146 27.94 0.85 51.97
N TYR G 147 28.37 -0.33 52.44
CA TYR G 147 28.53 -0.56 53.87
C TYR G 147 29.92 -0.18 54.36
N SER G 148 30.00 0.52 55.48
CA SER G 148 31.28 0.96 56.03
C SER G 148 31.95 -0.13 56.87
N GLY G 149 33.21 0.09 57.22
CA GLY G 149 33.96 -0.84 58.04
C GLY G 149 33.30 -1.16 59.37
N PHE G 150 32.35 -0.32 59.78
CA PHE G 150 31.63 -0.52 61.03
C PHE G 150 30.40 -1.40 60.83
N GLU G 151 30.09 -1.73 59.58
CA GLU G 151 28.95 -2.57 59.29
C GLU G 151 29.41 -3.88 58.64
N ILE G 152 30.32 -3.77 57.69
CA ILE G 152 30.93 -4.96 57.11
C ILE G 152 32.45 -4.88 57.16
N ASP G 153 33.04 -5.87 57.83
CA ASP G 153 34.48 -6.01 57.88
C ASP G 153 34.81 -7.19 56.98
N LEU G 154 36.01 -7.17 56.39
CA LEU G 154 36.47 -8.27 55.56
C LEU G 154 37.63 -9.00 56.24
N LYS G 155 37.84 -10.25 55.87
CA LYS G 155 39.02 -11.00 56.29
C LYS G 155 39.36 -12.04 55.24
N THR G 156 40.62 -12.45 55.19
CA THR G 156 41.05 -13.53 54.32
C THR G 156 41.59 -14.67 55.16
N ASP G 157 41.51 -15.89 54.63
CA ASP G 157 42.04 -17.05 55.34
C ASP G 157 43.52 -17.24 54.97
N THR G 158 43.98 -16.44 54.00
CA THR G 158 45.38 -16.48 53.57
C THR G 158 45.68 -15.27 52.69
N ASP G 159 46.94 -14.83 52.68
CA ASP G 159 47.35 -13.72 51.84
C ASP G 159 47.72 -14.19 50.44
N GLN G 160 47.68 -15.50 50.23
CA GLN G 160 48.04 -16.07 48.93
C GLN G 160 46.81 -16.45 48.12
N VAL G 161 46.80 -16.01 46.87
CA VAL G 161 45.74 -16.37 45.94
C VAL G 161 45.91 -17.82 45.49
N ASP G 162 44.80 -18.58 45.53
CA ASP G 162 44.81 -19.96 45.07
C ASP G 162 45.12 -20.04 43.57
N LEU G 163 46.22 -20.70 43.23
CA LEU G 163 46.64 -20.83 41.83
C LEU G 163 46.61 -22.27 41.37
N SER G 164 46.00 -23.15 42.16
CA SER G 164 46.01 -24.58 41.89
C SER G 164 45.07 -24.96 40.76
N SER G 165 44.33 -23.99 40.24
CA SER G 165 43.44 -24.22 39.12
C SER G 165 43.72 -23.22 38.00
N TYR G 166 44.91 -22.63 38.04
CA TYR G 166 45.31 -21.71 36.97
C TYR G 166 45.55 -22.49 35.69
N TYR G 167 44.90 -22.05 34.62
CA TYR G 167 44.97 -22.75 33.34
C TYR G 167 46.40 -22.92 32.86
N ALA G 168 46.75 -24.16 32.52
CA ALA G 168 48.12 -24.54 32.19
C ALA G 168 48.68 -23.83 30.98
N SER G 169 47.96 -23.92 29.86
CA SER G 169 48.44 -23.37 28.61
C SER G 169 48.00 -21.91 28.45
N SER G 170 48.03 -21.18 29.55
CA SER G 170 47.68 -19.77 29.54
C SER G 170 48.71 -18.96 28.76
N LYS G 171 48.25 -17.88 28.13
CA LYS G 171 49.12 -16.98 27.40
C LYS G 171 50.12 -16.32 28.35
N TYR G 172 49.78 -16.31 29.64
CA TYR G 172 50.60 -15.65 30.66
C TYR G 172 50.88 -16.58 31.83
N GLU G 173 52.03 -16.41 32.46
CA GLU G 173 52.34 -17.13 33.69
C GLU G 173 52.33 -16.17 34.88
N ILE G 174 51.75 -16.61 35.99
CA ILE G 174 51.66 -15.79 37.19
C ILE G 174 52.96 -15.79 37.98
N LEU G 175 53.49 -14.61 38.24
CA LEU G 175 54.69 -14.48 39.06
C LEU G 175 54.33 -14.42 40.54
N SER G 176 53.43 -13.50 40.88
CA SER G 176 52.93 -13.39 42.25
C SER G 176 51.48 -12.93 42.27
N ALA G 177 50.69 -13.49 43.18
CA ALA G 177 49.29 -13.14 43.33
C ALA G 177 48.89 -13.09 44.80
N THR G 178 48.63 -11.88 45.30
CA THR G 178 48.38 -11.68 46.72
C THR G 178 47.07 -10.95 47.01
N GLN G 179 46.31 -11.47 47.95
CA GLN G 179 45.07 -10.84 48.39
C GLN G 179 45.25 -10.27 49.80
N THR G 180 45.11 -8.96 49.95
CA THR G 180 45.45 -8.30 51.20
C THR G 180 44.41 -7.31 51.72
N ARG G 181 43.80 -7.63 52.85
CA ARG G 181 42.82 -6.76 53.51
C ARG G 181 43.39 -5.39 53.85
N GLN G 182 42.72 -4.34 53.37
CA GLN G 182 43.11 -2.97 53.70
C GLN G 182 41.94 -2.22 54.32
N VAL G 183 42.25 -1.23 55.15
CA VAL G 183 41.24 -0.32 55.68
C VAL G 183 41.45 1.04 55.05
N GLN G 184 40.48 1.47 54.25
CA GLN G 184 40.60 2.69 53.48
C GLN G 184 39.78 3.84 54.03
N HIS G 185 40.44 4.96 54.29
CA HIS G 185 39.75 6.16 54.75
C HIS G 185 39.70 7.18 53.62
N TYR G 186 38.53 7.33 53.01
CA TYR G 186 38.38 8.23 51.88
C TYR G 186 38.05 9.66 52.31
N SER G 187 38.57 10.62 51.55
CA SER G 187 38.40 12.05 51.85
C SER G 187 36.94 12.51 51.80
N CYS G 188 36.10 11.71 51.16
CA CYS G 188 34.70 12.05 50.97
C CYS G 188 33.87 11.79 52.21
N CYS G 189 34.18 10.70 52.91
CA CYS G 189 33.27 10.14 53.89
C CYS G 189 33.91 9.95 55.25
N PRO G 190 33.14 10.17 56.33
CA PRO G 190 33.64 10.09 57.70
C PRO G 190 33.85 8.65 58.16
N GLU G 191 33.28 7.70 57.43
CA GLU G 191 33.42 6.30 57.78
C GLU G 191 34.40 5.60 56.85
N PRO G 192 35.19 4.67 57.39
CA PRO G 192 36.16 3.94 56.57
C PRO G 192 35.52 2.80 55.80
N TYR G 193 36.16 2.40 54.71
CA TYR G 193 35.71 1.24 53.96
C TYR G 193 36.82 0.22 53.84
N ILE G 194 36.45 -1.05 53.89
CA ILE G 194 37.43 -2.13 53.92
C ILE G 194 37.42 -2.93 52.63
N ASP G 195 38.59 -3.14 52.06
CA ASP G 195 38.71 -3.92 50.84
C ASP G 195 39.76 -5.01 50.96
N VAL G 196 39.69 -5.99 50.07
CA VAL G 196 40.76 -6.96 49.91
C VAL G 196 41.44 -6.68 48.58
N ASN G 197 42.75 -6.47 48.61
CA ASN G 197 43.47 -6.04 47.42
C ASN G 197 44.09 -7.19 46.62
N LEU G 198 43.47 -7.51 45.49
CA LEU G 198 44.00 -8.54 44.61
C LEU G 198 45.13 -7.97 43.75
N VAL G 199 46.36 -8.35 44.06
CA VAL G 199 47.52 -7.87 43.32
C VAL G 199 48.21 -9.00 42.54
N VAL G 200 48.37 -8.81 41.25
CA VAL G 200 48.96 -9.86 40.39
C VAL G 200 50.11 -9.33 39.53
N LYS G 201 51.28 -9.96 39.69
CA LYS G 201 52.38 -9.74 38.77
C LYS G 201 52.47 -10.91 37.81
N PHE G 202 52.59 -10.60 36.53
CA PHE G 202 52.57 -11.64 35.50
C PHE G 202 53.32 -11.22 34.24
N ARG G 203 53.52 -12.18 33.35
CA ARG G 203 54.21 -11.94 32.08
C ARG G 203 53.78 -12.95 31.04
N GLU G 204 54.09 -12.67 29.78
CA GLU G 204 53.74 -13.55 28.67
C GLU G 204 54.44 -14.90 28.69
N ARG G 205 53.96 -15.80 27.84
CA ARG G 205 54.56 -17.11 27.57
C ARG G 205 55.00 -17.87 28.82
N GLN H 1 18.92 -5.89 63.45
CA GLN H 1 18.05 -6.60 62.52
C GLN H 1 16.59 -6.51 62.96
N ALA H 2 16.38 -6.33 64.27
CA ALA H 2 15.02 -6.29 64.81
C ALA H 2 14.32 -4.99 64.46
N ASN H 3 14.90 -3.87 64.87
CA ASN H 3 14.31 -2.55 64.63
C ASN H 3 14.37 -2.13 63.17
N LEU H 4 15.35 -2.64 62.44
CA LEU H 4 15.53 -2.29 61.04
C LEU H 4 14.42 -2.86 60.18
N MET H 5 13.99 -4.09 60.49
CA MET H 5 12.91 -4.72 59.76
C MET H 5 11.61 -3.93 59.93
N ARG H 6 11.29 -3.57 61.17
CA ARG H 6 10.12 -2.77 61.46
C ARG H 6 10.17 -1.45 60.72
N LEU H 7 11.35 -0.82 60.71
CA LEU H 7 11.55 0.47 60.07
C LEU H 7 11.34 0.38 58.56
N LYS H 8 11.90 -0.64 57.95
CA LYS H 8 11.80 -0.81 56.50
C LYS H 8 10.37 -1.10 56.06
N SER H 9 9.61 -1.76 56.93
CA SER H 9 8.23 -2.12 56.59
C SER H 9 7.28 -0.95 56.80
N ASP H 10 7.58 -0.13 57.81
CA ASP H 10 6.79 1.06 58.06
C ASP H 10 6.97 2.08 56.95
N LEU H 11 8.18 2.13 56.40
CA LEU H 11 8.48 3.06 55.32
C LEU H 11 7.97 2.58 53.97
N PHE H 12 8.11 1.29 53.70
CA PHE H 12 7.83 0.76 52.36
C PHE H 12 6.52 0.00 52.23
N ASN H 13 6.18 -0.81 53.23
CA ASN H 13 4.98 -1.64 53.16
C ASN H 13 3.70 -0.94 53.61
N ARG H 14 3.85 0.23 54.25
CA ARG H 14 2.71 0.92 54.82
C ARG H 14 2.29 2.19 54.07
N SER H 15 3.04 2.52 53.02
CA SER H 15 2.70 3.65 52.16
C SER H 15 3.01 3.32 50.72
N PRO H 16 2.21 3.84 49.78
CA PRO H 16 2.53 3.68 48.36
C PRO H 16 3.80 4.45 48.05
N MET H 17 4.51 4.06 47.00
CA MET H 17 5.78 4.70 46.68
C MET H 17 5.58 6.19 46.36
N TYR H 18 6.60 6.99 46.63
CA TYR H 18 6.61 8.40 46.28
C TYR H 18 6.45 8.55 44.77
N PRO H 19 5.34 9.19 44.34
CA PRO H 19 4.99 9.25 42.92
C PRO H 19 5.89 10.19 42.12
N GLY H 20 6.79 10.89 42.80
CA GLY H 20 7.67 11.82 42.13
C GLY H 20 7.30 13.25 42.45
N PRO H 21 8.16 14.19 42.06
CA PRO H 21 7.90 15.62 42.32
C PRO H 21 6.84 16.18 41.40
N THR H 22 6.19 17.26 41.84
CA THR H 22 5.20 17.97 41.04
C THR H 22 5.51 19.46 41.09
N LYS H 23 4.72 20.26 40.37
CA LYS H 23 4.88 21.72 40.40
C LYS H 23 4.72 22.25 41.82
N ASP H 24 3.75 21.71 42.55
CA ASP H 24 3.44 22.16 43.90
C ASP H 24 4.49 21.69 44.91
N ASP H 25 5.08 20.53 44.65
CA ASP H 25 6.04 19.95 45.57
C ASP H 25 7.34 19.57 44.88
N PRO H 26 8.13 20.57 44.47
CA PRO H 26 9.35 20.33 43.70
C PRO H 26 10.45 19.66 44.54
N LEU H 27 11.46 19.16 43.86
CA LEU H 27 12.55 18.43 44.51
C LEU H 27 13.91 18.89 43.99
N THR H 28 14.90 18.92 44.87
CA THR H 28 16.25 19.28 44.48
C THR H 28 17.18 18.07 44.53
N VAL H 29 17.71 17.70 43.37
CA VAL H 29 18.68 16.62 43.30
C VAL H 29 20.08 17.21 43.19
N THR H 30 20.95 16.84 44.12
CA THR H 30 22.34 17.26 44.07
C THR H 30 23.12 16.23 43.25
N LEU H 31 24.04 16.71 42.42
CA LEU H 31 24.74 15.85 41.48
C LEU H 31 26.24 16.09 41.58
N GLY H 32 27.01 15.01 41.51
CA GLY H 32 28.46 15.12 41.53
C GLY H 32 29.13 13.97 40.79
N PHE H 33 30.20 14.30 40.07
CA PHE H 33 30.89 13.27 39.29
C PHE H 33 32.30 12.96 39.76
N THR H 34 32.63 11.67 39.80
CA THR H 34 33.99 11.22 40.10
C THR H 34 34.55 10.49 38.89
N LEU H 35 35.46 11.15 38.16
CA LEU H 35 36.03 10.57 36.96
C LEU H 35 37.11 9.54 37.31
N GLN H 36 36.82 8.27 37.02
CA GLN H 36 37.71 7.19 37.37
C GLN H 36 38.74 6.92 36.27
N ASP H 37 38.29 6.87 35.02
CA ASP H 37 39.19 6.76 33.88
C ASP H 37 38.50 7.03 32.54
N ILE H 38 39.25 7.58 31.59
CA ILE H 38 38.81 7.66 30.20
C ILE H 38 39.26 6.37 29.50
N VAL H 39 38.29 5.56 29.09
CA VAL H 39 38.55 4.17 28.72
C VAL H 39 38.72 3.92 27.21
N LYS H 40 38.02 4.69 26.38
CA LYS H 40 38.12 4.47 24.95
C LYS H 40 37.99 5.77 24.18
N VAL H 41 38.78 5.89 23.11
CA VAL H 41 38.71 7.05 22.23
C VAL H 41 38.63 6.58 20.79
N ASP H 42 37.55 6.95 20.10
CA ASP H 42 37.35 6.53 18.73
C ASP H 42 37.19 7.75 17.82
N SER H 43 38.24 8.07 17.07
CA SER H 43 38.23 9.20 16.15
C SER H 43 37.50 8.88 14.85
N SER H 44 37.13 7.61 14.67
CA SER H 44 36.45 7.19 13.45
C SER H 44 34.94 7.32 13.59
N THR H 45 34.45 7.32 14.82
CA THR H 45 33.01 7.43 15.07
C THR H 45 32.69 8.62 15.97
N ASN H 46 33.74 9.26 16.47
CA ASN H 46 33.61 10.32 17.47
C ASN H 46 32.87 9.86 18.71
N GLU H 47 33.32 8.76 19.29
CA GLU H 47 32.82 8.24 20.57
C GLU H 47 33.95 8.17 21.59
N VAL H 48 33.69 8.70 22.78
CA VAL H 48 34.62 8.55 23.88
C VAL H 48 33.92 7.84 25.02
N ASP H 49 34.61 6.93 25.68
CA ASP H 49 34.02 6.16 26.77
C ASP H 49 34.60 6.56 28.11
N LEU H 50 33.72 6.77 29.09
CA LEU H 50 34.14 7.12 30.44
C LEU H 50 33.75 6.05 31.45
N VAL H 51 34.49 6.00 32.54
CA VAL H 51 34.10 5.25 33.73
C VAL H 51 34.10 6.21 34.89
N TYR H 52 32.93 6.39 35.51
CA TYR H 52 32.82 7.38 36.55
C TYR H 52 31.82 6.95 37.63
N TRP H 53 31.83 7.65 38.73
CA TRP H 53 30.83 7.46 39.77
C TRP H 53 29.91 8.67 39.72
N GLU H 54 28.61 8.41 39.69
CA GLU H 54 27.63 9.48 39.64
C GLU H 54 26.90 9.57 40.97
N ARG H 55 27.23 10.60 41.75
CA ARG H 55 26.62 10.80 43.04
C ARG H 55 25.31 11.58 42.92
N GLN H 56 24.24 10.99 43.42
CA GLN H 56 22.93 11.63 43.41
C GLN H 56 22.43 11.75 44.86
N ARG H 57 21.95 12.94 45.22
CA ARG H 57 21.42 13.15 46.55
C ARG H 57 20.11 13.94 46.50
N TRP H 58 19.12 13.49 47.27
CA TRP H 58 17.85 14.17 47.40
C TRP H 58 17.23 13.84 48.76
N LYS H 59 16.15 14.51 49.10
CA LYS H 59 15.51 14.29 50.39
C LYS H 59 14.00 14.23 50.28
N LEU H 60 13.40 13.25 50.95
CA LEU H 60 11.95 13.07 50.93
C LEU H 60 11.40 13.06 52.35
N ASN H 61 10.35 13.83 52.57
CA ASN H 61 9.69 13.86 53.87
C ASN H 61 9.13 12.50 54.24
N SER H 62 8.69 11.75 53.22
CA SER H 62 8.10 10.44 53.42
C SER H 62 9.13 9.37 53.82
N LEU H 63 10.40 9.76 53.81
CA LEU H 63 11.47 8.86 54.21
C LEU H 63 12.10 9.30 55.53
N MET H 64 11.35 10.08 56.32
CA MET H 64 11.85 10.56 57.60
C MET H 64 11.38 9.64 58.72
N TRP H 65 12.22 9.50 59.74
CA TRP H 65 11.82 8.79 60.95
C TRP H 65 12.54 9.36 62.17
N ASP H 66 12.06 8.97 63.35
CA ASP H 66 12.71 9.31 64.60
C ASP H 66 13.47 8.09 65.09
N PRO H 67 14.81 8.16 65.16
CA PRO H 67 15.65 7.04 65.58
C PRO H 67 15.24 6.48 66.94
N ASN H 68 14.89 7.36 67.88
CA ASN H 68 14.46 6.93 69.21
C ASN H 68 13.34 5.89 69.15
N GLU H 69 12.54 5.96 68.10
CA GLU H 69 11.45 5.03 67.90
C GLU H 69 11.97 3.69 67.39
N TYR H 70 13.16 3.71 66.79
CA TYR H 70 13.71 2.53 66.13
C TYR H 70 15.11 2.14 66.62
N GLY H 71 15.26 1.96 67.92
CA GLY H 71 16.53 1.52 68.50
C GLY H 71 17.70 2.44 68.17
N ASN H 72 17.40 3.77 67.86
CA ASN H 72 18.38 4.77 67.45
C ASN H 72 19.09 4.46 66.13
N ILE H 73 18.40 3.75 65.18
CA ILE H 73 18.93 3.61 63.84
C ILE H 73 18.85 4.97 63.16
N THR H 74 19.99 5.48 62.71
CA THR H 74 20.04 6.79 62.08
C THR H 74 20.01 6.69 60.55
N ASP H 75 20.44 5.54 60.03
CA ASP H 75 20.45 5.30 58.60
C ASP H 75 20.53 3.82 58.29
N PHE H 76 20.15 3.44 57.08
CA PHE H 76 20.20 2.06 56.64
C PHE H 76 20.43 1.99 55.14
N ARG H 77 20.91 0.85 54.66
CA ARG H 77 21.06 0.64 53.23
C ARG H 77 19.96 -0.24 52.67
N THR H 78 19.47 0.11 51.48
CA THR H 78 18.43 -0.68 50.85
C THR H 78 18.57 -0.68 49.33
N SER H 79 17.93 -1.65 48.68
CA SER H 79 17.94 -1.74 47.23
C SER H 79 17.33 -0.49 46.60
N ALA H 80 17.94 -0.01 45.52
CA ALA H 80 17.43 1.17 44.82
C ALA H 80 16.04 0.94 44.23
N ALA H 81 15.65 -0.33 44.11
CA ALA H 81 14.34 -0.69 43.57
C ALA H 81 13.23 -0.57 44.61
N ASP H 82 13.60 -0.33 45.86
CA ASP H 82 12.63 -0.14 46.94
C ASP H 82 12.13 1.29 46.97
N ILE H 83 12.96 2.21 46.47
CA ILE H 83 12.67 3.63 46.54
C ILE H 83 12.57 4.28 45.17
N TRP H 84 11.94 5.45 45.14
CA TRP H 84 11.89 6.27 43.93
C TRP H 84 13.26 6.86 43.65
N THR H 85 13.64 6.91 42.38
CA THR H 85 14.90 7.52 41.99
C THR H 85 14.71 8.47 40.81
N PRO H 86 15.49 9.57 40.76
CA PRO H 86 15.37 10.56 39.69
C PRO H 86 15.79 10.01 38.33
N ASP H 87 15.20 10.52 37.25
CA ASP H 87 15.51 10.06 35.91
C ASP H 87 16.67 10.85 35.27
N ILE H 88 17.74 11.01 36.03
CA ILE H 88 18.95 11.67 35.52
C ILE H 88 19.58 10.85 34.40
N THR H 89 19.71 11.47 33.23
CA THR H 89 20.32 10.81 32.08
C THR H 89 21.30 11.74 31.37
N ALA H 90 22.27 11.14 30.67
CA ALA H 90 23.16 11.88 29.79
C ALA H 90 22.40 12.24 28.53
N TYR H 91 22.60 13.44 28.02
CA TYR H 91 21.82 13.92 26.88
C TYR H 91 22.44 13.55 25.54
N SER H 92 23.68 13.06 25.55
CA SER H 92 24.37 12.74 24.30
C SER H 92 25.06 11.37 24.29
N SER H 93 24.45 10.38 24.95
CA SER H 93 25.03 9.04 24.94
C SER H 93 24.80 8.37 23.59
N THR H 94 25.61 7.36 23.28
CA THR H 94 25.51 6.65 22.02
C THR H 94 25.19 5.19 22.25
N ARG H 95 25.40 4.72 23.48
CA ARG H 95 25.08 3.35 23.84
C ARG H 95 24.42 3.36 25.21
N PRO H 96 23.60 2.34 25.52
CA PRO H 96 23.01 2.25 26.85
C PRO H 96 24.10 2.27 27.91
N VAL H 97 23.90 3.03 28.99
CA VAL H 97 24.91 3.13 30.04
C VAL H 97 24.99 1.78 30.77
N GLN H 98 26.21 1.35 31.08
CA GLN H 98 26.41 0.08 31.77
C GLN H 98 26.76 0.27 33.25
N VAL H 99 25.99 -0.38 34.12
CA VAL H 99 26.15 -0.21 35.56
C VAL H 99 27.23 -1.14 36.13
N LEU H 100 28.20 -0.56 36.83
CA LEU H 100 29.37 -1.30 37.31
C LEU H 100 29.29 -1.66 38.80
N SER H 101 28.41 -0.98 39.53
CA SER H 101 28.31 -1.20 40.97
C SER H 101 26.94 -1.75 41.35
N PRO H 102 26.78 -2.21 42.60
CA PRO H 102 25.47 -2.58 43.14
C PRO H 102 24.46 -1.43 43.12
N GLN H 103 23.18 -1.78 43.00
CA GLN H 103 22.11 -0.80 42.95
C GLN H 103 21.53 -0.56 44.34
N ILE H 104 22.36 -0.03 45.23
CA ILE H 104 21.96 0.16 46.62
C ILE H 104 22.13 1.62 47.03
N ALA H 105 21.17 2.13 47.80
CA ALA H 105 21.21 3.51 48.25
C ALA H 105 21.27 3.61 49.77
N VAL H 106 21.64 4.79 50.27
CA VAL H 106 21.72 5.05 51.71
C VAL H 106 20.65 6.03 52.16
N VAL H 107 19.70 5.54 52.97
CA VAL H 107 18.63 6.40 53.48
C VAL H 107 18.91 6.81 54.93
N THR H 108 18.74 8.09 55.23
CA THR H 108 19.00 8.62 56.56
C THR H 108 17.70 9.13 57.19
N HIS H 109 17.66 9.17 58.52
CA HIS H 109 16.45 9.53 59.25
C HIS H 109 15.87 10.91 58.91
N ASP H 110 16.74 11.81 58.44
CA ASP H 110 16.29 13.14 58.04
C ASP H 110 15.52 13.08 56.72
N GLY H 111 15.52 11.90 56.10
CA GLY H 111 14.79 11.67 54.86
C GLY H 111 15.67 11.75 53.62
N SER H 112 16.98 11.90 53.82
CA SER H 112 17.91 12.06 52.71
C SER H 112 18.37 10.71 52.13
N VAL H 113 18.65 10.72 50.83
CA VAL H 113 19.09 9.54 50.12
C VAL H 113 20.38 9.81 49.37
N MET H 114 21.37 8.94 49.56
CA MET H 114 22.62 9.00 48.80
C MET H 114 22.70 7.77 47.90
N PHE H 115 22.95 8.00 46.61
CA PHE H 115 23.00 6.93 45.63
C PHE H 115 24.14 7.22 44.66
N ILE H 116 25.13 6.32 44.63
CA ILE H 116 26.32 6.53 43.81
C ILE H 116 26.63 5.35 42.88
N PRO H 117 25.91 5.26 41.76
CA PRO H 117 26.24 4.20 40.79
C PRO H 117 27.53 4.47 40.03
N ALA H 118 28.40 3.46 39.97
CA ALA H 118 29.55 3.47 39.06
C ALA H 118 29.09 3.04 37.67
N GLN H 119 29.58 3.71 36.63
CA GLN H 119 29.04 3.53 35.29
C GLN H 119 30.04 3.66 34.16
N ARG H 120 29.78 2.94 33.08
CA ARG H 120 30.49 3.14 31.83
C ARG H 120 29.58 3.83 30.82
N LEU H 121 30.03 4.98 30.32
CA LEU H 121 29.22 5.77 29.41
C LEU H 121 29.96 6.02 28.10
N SER H 122 29.28 5.74 26.99
CA SER H 122 29.76 6.13 25.66
C SER H 122 28.98 7.36 25.23
N PHE H 123 29.67 8.43 24.88
CA PHE H 123 29.00 9.65 24.46
C PHE H 123 29.70 10.30 23.26
N MET H 124 29.08 11.35 22.76
CA MET H 124 29.54 12.01 21.54
C MET H 124 30.67 13.00 21.79
N CYS H 125 31.85 12.68 21.26
CA CYS H 125 32.98 13.61 21.33
C CYS H 125 33.98 13.38 20.20
N ASP H 126 34.31 14.45 19.50
CA ASP H 126 35.36 14.42 18.49
C ASP H 126 36.68 14.58 19.21
N PRO H 127 37.50 13.52 19.25
CA PRO H 127 38.74 13.50 20.01
C PRO H 127 39.95 13.95 19.18
N THR H 128 39.71 14.64 18.08
CA THR H 128 40.80 15.14 17.26
C THR H 128 41.62 16.15 18.06
N GLY H 129 42.93 15.94 18.10
CA GLY H 129 43.82 16.81 18.83
C GLY H 129 44.23 16.21 20.17
N VAL H 130 43.71 15.02 20.46
CA VAL H 130 44.02 14.34 21.71
C VAL H 130 45.52 14.05 21.84
N ASP H 131 46.18 13.87 20.70
CA ASP H 131 47.60 13.56 20.68
C ASP H 131 48.46 14.81 20.56
N SER H 132 47.88 15.96 20.90
CA SER H 132 48.61 17.22 20.89
C SER H 132 48.88 17.69 22.32
N GLU H 133 49.72 18.70 22.47
CA GLU H 133 50.04 19.24 23.78
C GLU H 133 48.83 19.96 24.38
N GLU H 134 48.04 20.59 23.53
CA GLU H 134 46.89 21.37 23.96
C GLU H 134 45.73 20.47 24.38
N GLY H 135 45.66 19.30 23.77
CA GLY H 135 44.62 18.32 24.10
C GLY H 135 43.31 18.56 23.39
N VAL H 136 42.25 17.95 23.89
CA VAL H 136 40.93 18.10 23.33
C VAL H 136 39.89 18.16 24.44
N THR H 137 38.83 18.92 24.23
CA THR H 137 37.78 19.06 25.22
C THR H 137 36.51 18.34 24.78
N CYS H 138 35.99 17.51 25.67
CA CYS H 138 34.70 16.85 25.44
C CYS H 138 33.69 17.44 26.41
N ALA H 139 32.41 17.30 26.09
CA ALA H 139 31.37 17.72 27.00
C ALA H 139 30.12 16.89 26.86
N VAL H 140 29.48 16.59 27.98
CA VAL H 140 28.23 15.84 27.99
C VAL H 140 27.37 16.36 29.12
N LYS H 141 26.09 16.60 28.84
CA LYS H 141 25.19 17.16 29.84
C LYS H 141 24.33 16.08 30.48
N PHE H 142 24.09 16.22 31.78
CA PHE H 142 23.23 15.32 32.50
C PHE H 142 22.03 16.08 33.07
N GLY H 143 20.86 15.48 32.99
CA GLY H 143 19.67 16.09 33.56
C GLY H 143 18.49 15.13 33.56
N SER H 144 17.39 15.56 34.16
CA SER H 144 16.16 14.79 34.11
C SER H 144 15.68 14.73 32.66
N TRP H 145 15.14 13.58 32.28
CA TRP H 145 14.68 13.41 30.90
C TRP H 145 13.26 13.98 30.71
N VAL H 146 12.42 13.89 31.73
CA VAL H 146 11.01 14.25 31.59
C VAL H 146 10.49 15.29 32.58
N TYR H 147 11.32 15.64 33.56
CA TYR H 147 10.93 16.65 34.54
C TYR H 147 11.55 18.00 34.23
N SER H 148 10.73 19.05 34.19
CA SER H 148 11.24 20.40 34.00
C SER H 148 11.82 20.89 35.32
N GLY H 149 12.51 22.03 35.26
CA GLY H 149 13.07 22.66 36.44
C GLY H 149 12.01 23.07 37.46
N PHE H 150 10.75 23.03 37.06
CA PHE H 150 9.66 23.32 37.97
C PHE H 150 9.34 22.15 38.88
N GLU H 151 9.79 20.96 38.50
CA GLU H 151 9.61 19.78 39.32
C GLU H 151 10.94 19.32 39.91
N ILE H 152 11.97 19.31 39.07
CA ILE H 152 13.29 18.90 39.51
C ILE H 152 14.33 20.00 39.28
N ASP H 153 14.91 20.48 40.37
CA ASP H 153 16.00 21.44 40.29
C ASP H 153 17.31 20.69 40.49
N LEU H 154 18.34 21.08 39.75
CA LEU H 154 19.65 20.46 39.90
C LEU H 154 20.60 21.36 40.69
N LYS H 155 21.67 20.78 41.18
CA LYS H 155 22.59 21.47 42.07
C LYS H 155 23.88 20.68 42.22
N THR H 156 24.99 21.38 42.34
CA THR H 156 26.28 20.76 42.61
C THR H 156 26.89 21.39 43.85
N ASP H 157 27.63 20.58 44.62
CA ASP H 157 28.26 21.09 45.84
C ASP H 157 29.63 21.65 45.50
N THR H 158 30.06 21.47 44.27
CA THR H 158 31.32 22.00 43.79
C THR H 158 31.38 21.97 42.27
N ASP H 159 32.14 22.89 41.70
CA ASP H 159 32.24 23.01 40.25
C ASP H 159 33.27 22.04 39.70
N GLN H 160 34.13 21.52 40.58
CA GLN H 160 35.22 20.64 40.18
C GLN H 160 34.85 19.16 40.24
N VAL H 161 35.08 18.46 39.15
CA VAL H 161 34.88 17.02 39.11
C VAL H 161 35.89 16.35 40.02
N ASP H 162 35.44 15.39 40.82
CA ASP H 162 36.32 14.62 41.69
C ASP H 162 37.30 13.80 40.85
N LEU H 163 38.58 14.07 41.03
CA LEU H 163 39.64 13.36 40.32
C LEU H 163 40.57 12.66 41.29
N SER H 164 40.14 12.48 42.53
CA SER H 164 40.99 11.90 43.57
C SER H 164 41.18 10.40 43.37
N SER H 165 40.32 9.80 42.56
CA SER H 165 40.37 8.35 42.34
C SER H 165 40.70 8.03 40.88
N TYR H 166 41.23 9.01 40.16
CA TYR H 166 41.55 8.82 38.74
C TYR H 166 42.71 7.85 38.59
N TYR H 167 42.62 6.97 37.59
CA TYR H 167 43.61 5.92 37.42
C TYR H 167 45.02 6.48 37.31
N ALA H 168 45.87 6.07 38.26
CA ALA H 168 47.23 6.58 38.35
C ALA H 168 48.04 6.32 37.08
N SER H 169 47.80 5.18 36.44
CA SER H 169 48.51 4.81 35.22
C SER H 169 47.58 4.82 34.01
N SER H 170 46.83 5.91 33.86
CA SER H 170 45.88 6.04 32.77
C SER H 170 46.56 6.35 31.44
N LYS H 171 45.86 6.05 30.35
CA LYS H 171 46.34 6.36 29.01
C LYS H 171 46.29 7.88 28.77
N TYR H 172 45.47 8.58 29.54
CA TYR H 172 45.28 10.01 29.35
C TYR H 172 45.46 10.79 30.65
N GLU H 173 45.83 12.06 30.51
CA GLU H 173 45.90 12.94 31.67
C GLU H 173 44.84 14.03 31.57
N ILE H 174 44.16 14.26 32.69
CA ILE H 174 43.11 15.26 32.77
C ILE H 174 43.72 16.66 32.95
N LEU H 175 43.32 17.59 32.10
CA LEU H 175 43.85 18.96 32.18
C LEU H 175 42.92 19.87 32.97
N SER H 176 41.62 19.63 32.84
CA SER H 176 40.61 20.30 33.65
C SER H 176 39.34 19.47 33.66
N ALA H 177 38.59 19.52 34.76
CA ALA H 177 37.35 18.75 34.88
C ALA H 177 36.30 19.50 35.70
N THR H 178 35.37 20.13 35.01
CA THR H 178 34.36 20.96 35.66
C THR H 178 32.94 20.42 35.53
N GLN H 179 32.15 20.60 36.59
CA GLN H 179 30.73 20.23 36.57
C GLN H 179 29.85 21.45 36.83
N THR H 180 29.12 21.89 35.82
CA THR H 180 28.41 23.17 35.89
C THR H 180 26.90 23.07 35.64
N ARG H 181 26.12 23.66 36.55
CA ARG H 181 24.67 23.70 36.41
C ARG H 181 24.30 24.76 35.37
N GLN H 182 23.40 24.41 34.47
CA GLN H 182 22.97 25.33 33.43
C GLN H 182 21.44 25.31 33.31
N VAL H 183 20.86 26.48 33.09
CA VAL H 183 19.41 26.59 33.00
C VAL H 183 18.92 27.15 31.66
N GLN H 184 18.20 26.32 30.92
CA GLN H 184 17.59 26.74 29.67
C GLN H 184 16.16 27.17 29.92
N HIS H 185 15.89 28.47 29.78
CA HIS H 185 14.51 28.96 29.86
C HIS H 185 13.77 28.66 28.57
N TYR H 186 14.49 28.09 27.62
CA TYR H 186 13.89 27.57 26.40
C TYR H 186 14.72 26.41 25.82
N SER H 187 14.06 25.28 25.63
CA SER H 187 14.66 24.12 25.00
C SER H 187 13.63 23.46 24.10
N CYS H 188 13.13 24.20 23.11
CA CYS H 188 12.13 23.69 22.18
C CYS H 188 10.76 23.49 22.81
N CYS H 189 10.71 23.55 24.15
CA CYS H 189 9.46 23.55 24.88
C CYS H 189 9.38 24.72 25.85
N PRO H 190 8.24 25.41 25.85
CA PRO H 190 8.05 26.56 26.74
C PRO H 190 8.06 26.16 28.21
N GLU H 191 9.24 25.82 28.73
CA GLU H 191 9.37 25.43 30.13
C GLU H 191 10.86 25.40 30.51
N PRO H 192 11.21 25.92 31.69
CA PRO H 192 12.60 25.93 32.15
C PRO H 192 13.18 24.52 32.37
N TYR H 193 14.28 24.24 31.70
CA TYR H 193 14.94 22.94 31.82
C TYR H 193 16.37 23.12 32.32
N ILE H 194 16.81 22.19 33.17
CA ILE H 194 18.09 22.33 33.88
C ILE H 194 19.00 21.12 33.72
N ASP H 195 20.26 21.38 33.37
CA ASP H 195 21.24 20.30 33.25
C ASP H 195 22.54 20.62 34.00
N VAL H 196 23.34 19.59 34.27
CA VAL H 196 24.68 19.79 34.78
C VAL H 196 25.69 19.41 33.70
N ASN H 197 26.41 20.40 33.20
CA ASN H 197 27.34 20.19 32.10
C ASN H 197 28.69 19.69 32.58
N LEU H 198 29.10 18.52 32.09
CA LEU H 198 30.38 17.92 32.42
C LEU H 198 31.41 18.22 31.34
N VAL H 199 32.40 19.05 31.66
CA VAL H 199 33.41 19.44 30.69
C VAL H 199 34.77 18.84 31.06
N VAL H 200 35.33 18.05 30.15
CA VAL H 200 36.58 17.36 30.42
C VAL H 200 37.65 17.65 29.35
N LYS H 201 38.77 18.19 29.79
CA LYS H 201 39.88 18.50 28.89
C LYS H 201 41.02 17.54 29.17
N PHE H 202 41.51 16.86 28.14
CA PHE H 202 42.50 15.81 28.34
C PHE H 202 43.36 15.58 27.10
N ARG H 203 44.51 14.94 27.31
CA ARG H 203 45.40 14.60 26.22
C ARG H 203 46.07 13.26 26.49
N GLU H 204 46.65 12.67 25.45
CA GLU H 204 47.41 11.43 25.58
C GLU H 204 48.65 11.65 26.43
N ARG H 205 49.27 10.56 26.89
CA ARG H 205 50.43 10.60 27.77
C ARG H 205 50.10 11.30 29.10
N GLN I 1 1.81 15.16 46.70
CA GLN I 1 2.10 13.73 46.62
C GLN I 1 0.87 12.90 46.97
N ALA I 2 0.07 13.39 47.91
CA ALA I 2 -1.11 12.67 48.37
C ALA I 2 -2.13 12.56 47.24
N ASN I 3 -2.33 13.66 46.53
CA ASN I 3 -3.30 13.70 45.45
C ASN I 3 -2.79 12.96 44.21
N LEU I 4 -1.49 13.05 43.95
CA LEU I 4 -0.93 12.37 42.79
C LEU I 4 -0.95 10.87 42.99
N MET I 5 -0.67 10.43 44.22
CA MET I 5 -0.76 9.02 44.55
C MET I 5 -2.16 8.52 44.27
N ARG I 6 -3.14 9.33 44.64
CA ARG I 6 -4.55 8.99 44.48
C ARG I 6 -4.94 8.95 43.00
N LEU I 7 -4.45 9.93 42.23
CA LEU I 7 -4.76 9.99 40.80
C LEU I 7 -4.21 8.76 40.09
N LYS I 8 -2.97 8.41 40.38
CA LYS I 8 -2.32 7.25 39.76
C LYS I 8 -3.02 5.94 40.14
N SER I 9 -3.40 5.82 41.40
CA SER I 9 -4.09 4.63 41.87
C SER I 9 -5.45 4.51 41.18
N ASP I 10 -6.13 5.64 41.02
CA ASP I 10 -7.43 5.67 40.37
C ASP I 10 -7.32 5.30 38.89
N LEU I 11 -6.24 5.71 38.26
CA LEU I 11 -6.03 5.44 36.84
C LEU I 11 -5.51 4.02 36.57
N PHE I 12 -4.53 3.59 37.36
CA PHE I 12 -3.79 2.37 37.04
C PHE I 12 -4.18 1.15 37.87
N ASN I 13 -4.83 1.37 39.01
CA ASN I 13 -5.13 0.26 39.92
C ASN I 13 -6.62 -0.03 40.14
N ARG I 14 -7.49 0.72 39.49
CA ARG I 14 -8.93 0.52 39.69
C ARG I 14 -9.70 0.30 38.38
N SER I 15 -8.96 0.24 37.28
CA SER I 15 -9.56 -0.10 35.99
C SER I 15 -8.58 -0.93 35.17
N PRO I 16 -9.09 -1.93 34.44
CA PRO I 16 -8.25 -2.80 33.61
C PRO I 16 -7.48 -1.96 32.60
N MET I 17 -6.30 -2.43 32.21
CA MET I 17 -5.48 -1.66 31.28
C MET I 17 -6.18 -1.55 29.95
N TYR I 18 -5.95 -0.44 29.25
CA TYR I 18 -6.45 -0.25 27.90
C TYR I 18 -5.95 -1.42 27.06
N PRO I 19 -6.86 -2.08 26.33
CA PRO I 19 -6.52 -3.28 25.57
C PRO I 19 -6.04 -2.94 24.17
N GLY I 20 -5.66 -1.68 23.95
CA GLY I 20 -5.25 -1.24 22.63
C GLY I 20 -6.46 -0.85 21.82
N PRO I 21 -6.23 -0.25 20.64
CA PRO I 21 -7.33 0.22 19.80
C PRO I 21 -8.00 -0.90 19.00
N THR I 22 -9.15 -0.59 18.42
CA THR I 22 -9.86 -1.52 17.55
C THR I 22 -10.41 -0.74 16.37
N LYS I 23 -10.98 -1.47 15.41
CA LYS I 23 -11.63 -0.86 14.26
C LYS I 23 -12.72 0.10 14.74
N ASP I 24 -13.45 -0.33 15.76
CA ASP I 24 -14.57 0.42 16.31
C ASP I 24 -14.12 1.67 17.09
N ASP I 25 -12.90 1.64 17.61
CA ASP I 25 -12.39 2.78 18.39
C ASP I 25 -10.93 3.02 18.06
N PRO I 26 -10.67 3.60 16.87
CA PRO I 26 -9.29 3.72 16.38
C PRO I 26 -8.51 4.77 17.13
N LEU I 27 -7.24 4.87 16.81
CA LEU I 27 -6.35 5.77 17.52
C LEU I 27 -5.40 6.40 16.51
N THR I 28 -5.03 7.66 16.74
CA THR I 28 -4.06 8.31 15.89
C THR I 28 -2.81 8.69 16.67
N VAL I 29 -1.67 8.19 16.22
CA VAL I 29 -0.41 8.45 16.88
C VAL I 29 0.42 9.45 16.09
N THR I 30 0.87 10.50 16.76
CA THR I 30 1.70 11.50 16.10
C THR I 30 3.18 11.17 16.30
N LEU I 31 3.93 11.25 15.21
CA LEU I 31 5.31 10.80 15.19
C LEU I 31 6.22 11.93 14.71
N GLY I 32 7.35 12.09 15.40
CA GLY I 32 8.36 13.06 15.01
C GLY I 32 9.74 12.55 15.40
N PHE I 33 10.72 12.81 14.54
CA PHE I 33 12.07 12.35 14.81
C PHE I 33 13.03 13.51 15.00
N THR I 34 13.98 13.34 15.93
CA THR I 34 15.00 14.33 16.19
C THR I 34 16.37 13.68 16.03
N LEU I 35 17.04 13.97 14.92
CA LEU I 35 18.29 13.31 14.57
C LEU I 35 19.47 13.92 15.32
N GLN I 36 20.05 13.14 16.22
CA GLN I 36 21.13 13.65 17.05
C GLN I 36 22.50 13.41 16.41
N ASP I 37 22.71 12.21 15.87
CA ASP I 37 23.96 11.91 15.17
C ASP I 37 23.90 10.63 14.34
N ILE I 38 24.67 10.61 13.25
CA ILE I 38 24.92 9.38 12.52
C ILE I 38 26.26 8.85 13.03
N VAL I 39 26.20 7.75 13.77
CA VAL I 39 27.34 7.33 14.59
C VAL I 39 28.24 6.28 13.94
N LYS I 40 27.69 5.53 12.99
CA LYS I 40 28.48 4.48 12.35
C LYS I 40 28.01 4.17 10.93
N VAL I 41 28.96 4.04 10.03
CA VAL I 41 28.70 3.66 8.65
C VAL I 41 29.55 2.44 8.32
N ASP I 42 28.92 1.36 7.84
CA ASP I 42 29.63 0.12 7.54
C ASP I 42 29.35 -0.33 6.10
N SER I 43 30.28 0.00 5.20
CA SER I 43 30.08 -0.26 3.78
C SER I 43 30.31 -1.72 3.40
N SER I 44 30.82 -2.52 4.33
CA SER I 44 31.06 -3.92 4.06
C SER I 44 29.81 -4.75 4.34
N THR I 45 28.91 -4.23 5.17
CA THR I 45 27.67 -4.94 5.50
C THR I 45 26.43 -4.14 5.15
N ASN I 46 26.63 -2.91 4.68
CA ASN I 46 25.52 -1.99 4.40
C ASN I 46 24.66 -1.74 5.64
N GLU I 47 25.30 -1.29 6.70
CA GLU I 47 24.61 -0.89 7.91
C GLU I 47 24.99 0.54 8.25
N VAL I 48 24.02 1.30 8.72
CA VAL I 48 24.27 2.64 9.21
C VAL I 48 23.65 2.76 10.61
N ASP I 49 24.32 3.44 11.52
CA ASP I 49 23.81 3.60 12.87
C ASP I 49 23.36 5.04 13.14
N LEU I 50 22.14 5.18 13.63
CA LEU I 50 21.59 6.50 13.95
C LEU I 50 21.32 6.63 15.44
N VAL I 51 21.50 7.84 15.96
CA VAL I 51 21.03 8.16 17.29
C VAL I 51 20.03 9.28 17.17
N TYR I 52 18.82 9.03 17.64
CA TYR I 52 17.70 9.93 17.46
C TYR I 52 16.75 9.86 18.66
N TRP I 53 15.89 10.86 18.80
CA TRP I 53 14.79 10.78 19.75
C TRP I 53 13.50 10.60 18.95
N GLU I 54 12.70 9.62 19.34
CA GLU I 54 11.43 9.36 18.67
C GLU I 54 10.27 9.90 19.51
N ARG I 55 9.65 10.97 19.05
CA ARG I 55 8.51 11.53 19.79
C ARG I 55 7.21 10.85 19.38
N GLN I 56 6.49 10.31 20.36
CA GLN I 56 5.20 9.67 20.11
C GLN I 56 4.11 10.33 20.94
N ARG I 57 2.97 10.61 20.30
CA ARG I 57 1.85 11.26 20.97
C ARG I 57 0.50 10.63 20.60
N TRP I 58 -0.32 10.36 21.62
CA TRP I 58 -1.66 9.85 21.40
C TRP I 58 -2.60 10.25 22.53
N LYS I 59 -3.88 9.94 22.38
CA LYS I 59 -4.87 10.33 23.38
C LYS I 59 -5.83 9.18 23.70
N LEU I 60 -6.04 8.93 24.98
CA LEU I 60 -6.97 7.90 25.45
C LEU I 60 -7.97 8.54 26.40
N ASN I 61 -9.25 8.28 26.17
CA ASN I 61 -10.29 8.77 27.06
C ASN I 61 -10.17 8.17 28.46
N SER I 62 -9.56 6.98 28.54
CA SER I 62 -9.43 6.26 29.80
C SER I 62 -8.30 6.83 30.68
N LEU I 63 -7.65 7.89 30.22
CA LEU I 63 -6.60 8.53 30.99
C LEU I 63 -6.96 9.99 31.29
N MET I 64 -8.21 10.34 30.99
CA MET I 64 -8.69 11.68 31.29
C MET I 64 -9.03 11.83 32.77
N TRP I 65 -8.87 13.04 33.30
CA TRP I 65 -9.32 13.34 34.65
C TRP I 65 -9.60 14.83 34.80
N ASP I 66 -10.50 15.16 35.72
CA ASP I 66 -10.81 16.54 36.06
C ASP I 66 -9.86 16.99 37.16
N PRO I 67 -8.99 17.93 36.86
CA PRO I 67 -8.03 18.46 37.82
C PRO I 67 -8.67 18.86 39.14
N ASN I 68 -9.87 19.41 39.10
CA ASN I 68 -10.52 19.85 40.30
C ASN I 68 -10.69 18.72 41.28
N GLU I 69 -10.82 17.51 40.77
CA GLU I 69 -10.99 16.35 41.66
C GLU I 69 -9.66 15.86 42.23
N TYR I 70 -8.55 16.44 41.81
CA TYR I 70 -7.24 15.97 42.23
C TYR I 70 -6.20 17.08 42.44
N GLY I 71 -6.48 18.01 43.31
CA GLY I 71 -5.53 19.05 43.66
C GLY I 71 -5.04 19.96 42.56
N ASN I 72 -5.85 20.11 41.53
CA ASN I 72 -5.49 20.88 40.36
C ASN I 72 -4.30 20.35 39.58
N ILE I 73 -3.96 19.09 39.77
CA ILE I 73 -2.96 18.45 38.97
C ILE I 73 -3.44 18.42 37.54
N THR I 74 -2.62 18.91 36.63
CA THR I 74 -2.98 18.93 35.23
C THR I 74 -2.24 17.88 34.41
N ASP I 75 -1.17 17.37 34.97
CA ASP I 75 -0.33 16.39 34.28
C ASP I 75 0.72 15.79 35.22
N PHE I 76 1.12 14.57 34.93
CA PHE I 76 2.13 13.89 35.74
C PHE I 76 3.03 12.99 34.90
N ARG I 77 4.15 12.58 35.47
CA ARG I 77 5.04 11.63 34.84
C ARG I 77 4.88 10.26 35.47
N THR I 78 4.92 9.22 34.64
CA THR I 78 4.83 7.86 35.14
C THR I 78 5.64 6.94 34.24
N SER I 79 5.94 5.76 34.76
CA SER I 79 6.68 4.76 34.00
C SER I 79 5.86 4.30 32.80
N ALA I 80 6.51 4.18 31.65
CA ALA I 80 5.85 3.74 30.42
C ALA I 80 5.20 2.38 30.58
N ALA I 81 5.69 1.60 31.55
CA ALA I 81 5.11 0.29 31.82
C ALA I 81 3.71 0.39 32.40
N ASP I 82 3.38 1.55 32.97
CA ASP I 82 2.10 1.76 33.63
C ASP I 82 0.96 1.96 32.62
N ILE I 83 1.32 2.29 31.39
CA ILE I 83 0.32 2.59 30.36
C ILE I 83 0.53 1.75 29.10
N TRP I 84 -0.51 1.66 28.29
CA TRP I 84 -0.39 1.04 26.98
C TRP I 84 0.45 1.92 26.08
N THR I 85 1.29 1.32 25.26
CA THR I 85 2.07 2.07 24.28
C THR I 85 1.91 1.42 22.91
N PRO I 86 1.98 2.23 21.84
CA PRO I 86 1.84 1.66 20.50
C PRO I 86 3.07 0.86 20.08
N ASP I 87 2.86 -0.19 19.28
CA ASP I 87 3.96 -1.03 18.79
C ASP I 87 4.64 -0.45 17.55
N ILE I 88 5.03 0.81 17.61
CA ILE I 88 5.75 1.42 16.50
C ILE I 88 7.15 0.83 16.47
N THR I 89 7.57 0.39 15.29
CA THR I 89 8.91 -0.16 15.15
C THR I 89 9.49 0.18 13.79
N ALA I 90 10.81 0.21 13.71
CA ALA I 90 11.49 0.40 12.43
C ALA I 90 11.34 -0.86 11.59
N TYR I 91 11.13 -0.67 10.29
CA TYR I 91 10.82 -1.77 9.39
C TYR I 91 12.08 -2.54 8.95
N SER I 92 13.21 -1.86 8.92
CA SER I 92 14.42 -2.46 8.37
C SER I 92 15.64 -2.41 9.31
N SER I 93 15.42 -2.68 10.59
CA SER I 93 16.54 -2.78 11.52
C SER I 93 17.32 -4.07 11.26
N THR I 94 18.60 -4.07 11.61
CA THR I 94 19.43 -5.25 11.47
C THR I 94 19.89 -5.75 12.83
N ARG I 95 19.69 -4.92 13.86
CA ARG I 95 20.00 -5.30 15.23
C ARG I 95 18.90 -4.76 16.14
N PRO I 96 18.73 -5.37 17.33
CA PRO I 96 17.72 -4.88 18.27
C PRO I 96 17.95 -3.41 18.62
N VAL I 97 16.92 -2.59 18.51
CA VAL I 97 17.06 -1.17 18.83
C VAL I 97 17.42 -0.98 20.31
N GLN I 98 18.34 -0.05 20.57
CA GLN I 98 18.80 0.23 21.94
C GLN I 98 18.25 1.55 22.49
N VAL I 99 17.73 1.49 23.71
CA VAL I 99 17.12 2.65 24.35
C VAL I 99 18.14 3.42 25.18
N LEU I 100 18.20 4.74 25.00
CA LEU I 100 19.23 5.53 25.65
C LEU I 100 18.69 6.42 26.77
N SER I 101 17.38 6.40 26.97
CA SER I 101 16.75 7.30 27.94
C SER I 101 15.75 6.56 28.81
N PRO I 102 15.34 7.15 29.94
CA PRO I 102 14.35 6.51 30.81
C PRO I 102 13.03 6.22 30.11
N GLN I 103 12.39 5.11 30.46
CA GLN I 103 11.11 4.75 29.87
C GLN I 103 9.97 5.41 30.64
N ILE I 104 9.90 6.72 30.53
CA ILE I 104 8.92 7.49 31.28
C ILE I 104 8.11 8.38 30.34
N ALA I 105 6.81 8.48 30.59
CA ALA I 105 5.92 9.26 29.72
C ALA I 105 5.21 10.35 30.50
N VAL I 106 4.81 11.40 29.80
CA VAL I 106 3.99 12.46 30.38
C VAL I 106 2.53 12.23 30.02
N VAL I 107 1.67 12.18 31.02
CA VAL I 107 0.23 12.08 30.82
C VAL I 107 -0.43 13.40 31.21
N THR I 108 -1.37 13.86 30.40
CA THR I 108 -2.06 15.12 30.64
C THR I 108 -3.54 14.82 30.92
N HIS I 109 -4.22 15.76 31.57
CA HIS I 109 -5.59 15.56 32.03
C HIS I 109 -6.60 15.35 30.90
N ASP I 110 -6.27 15.81 29.70
CA ASP I 110 -7.16 15.62 28.56
C ASP I 110 -7.00 14.22 27.95
N GLY I 111 -6.15 13.39 28.58
CA GLY I 111 -5.96 12.03 28.15
C GLY I 111 -4.80 11.83 27.20
N SER I 112 -4.03 12.88 26.97
CA SER I 112 -2.94 12.84 26.01
C SER I 112 -1.64 12.34 26.62
N VAL I 113 -0.93 11.52 25.85
CA VAL I 113 0.34 10.95 26.30
C VAL I 113 1.48 11.43 25.42
N MET I 114 2.56 11.86 26.05
CA MET I 114 3.78 12.24 25.33
C MET I 114 4.92 11.32 25.74
N PHE I 115 5.48 10.59 24.80
CA PHE I 115 6.51 9.59 25.08
C PHE I 115 7.69 9.74 24.13
N ILE I 116 8.86 10.07 24.66
CA ILE I 116 10.02 10.42 23.83
C ILE I 116 11.31 9.62 24.11
N PRO I 117 11.34 8.35 23.70
CA PRO I 117 12.53 7.52 23.92
C PRO I 117 13.69 7.86 22.99
N ALA I 118 14.85 8.20 23.57
CA ALA I 118 16.08 8.32 22.80
C ALA I 118 16.61 6.92 22.45
N GLN I 119 17.07 6.74 21.21
CA GLN I 119 17.40 5.41 20.71
C GLN I 119 18.64 5.37 19.81
N ARG I 120 19.31 4.23 19.78
CA ARG I 120 20.33 3.97 18.78
C ARG I 120 19.82 2.83 17.90
N LEU I 121 19.85 3.04 16.58
CA LEU I 121 19.32 2.07 15.63
C LEU I 121 20.31 1.75 14.51
N SER I 122 20.50 0.45 14.25
CA SER I 122 21.23 0.00 13.08
C SER I 122 20.23 -0.41 12.02
N PHE I 123 20.40 0.07 10.80
CA PHE I 123 19.43 -0.25 9.74
C PHE I 123 20.11 -0.45 8.39
N MET I 124 19.36 -0.98 7.43
CA MET I 124 19.91 -1.31 6.13
C MET I 124 20.12 -0.08 5.27
N CYS I 125 21.38 0.20 4.97
CA CYS I 125 21.74 1.29 4.06
C CYS I 125 23.08 1.05 3.41
N ASP I 126 23.09 1.07 2.08
CA ASP I 126 24.33 1.06 1.32
C ASP I 126 24.83 2.50 1.23
N PRO I 127 25.90 2.81 1.97
CA PRO I 127 26.44 4.18 2.09
C PRO I 127 27.39 4.54 0.95
N THR I 128 27.38 3.76 -0.12
CA THR I 128 28.24 4.03 -1.26
C THR I 128 28.03 5.44 -1.78
N GLY I 129 29.10 6.23 -1.81
CA GLY I 129 29.04 7.59 -2.28
C GLY I 129 29.01 8.62 -1.16
N VAL I 130 29.20 8.16 0.07
CA VAL I 130 29.15 9.04 1.24
C VAL I 130 30.34 9.99 1.29
N ASP I 131 31.44 9.59 0.66
CA ASP I 131 32.63 10.42 0.59
C ASP I 131 32.63 11.30 -0.67
N SER I 132 31.48 11.37 -1.34
CA SER I 132 31.34 12.21 -2.51
C SER I 132 30.73 13.55 -2.13
N GLU I 133 30.76 14.49 -3.07
CA GLU I 133 30.23 15.83 -2.85
C GLU I 133 28.70 15.78 -2.79
N GLU I 134 28.13 14.81 -3.49
CA GLU I 134 26.69 14.69 -3.60
C GLU I 134 26.13 13.93 -2.40
N GLY I 135 26.91 12.98 -1.90
CA GLY I 135 26.52 12.24 -0.72
C GLY I 135 25.76 10.97 -1.03
N VAL I 136 25.00 10.49 -0.06
CA VAL I 136 24.24 9.26 -0.20
C VAL I 136 22.90 9.44 0.49
N THR I 137 21.89 8.69 0.06
CA THR I 137 20.57 8.78 0.68
C THR I 137 20.13 7.46 1.28
N CYS I 138 19.81 7.48 2.57
CA CYS I 138 19.31 6.29 3.24
C CYS I 138 17.87 6.53 3.64
N ALA I 139 17.10 5.46 3.78
CA ALA I 139 15.73 5.57 4.26
C ALA I 139 15.34 4.41 5.14
N VAL I 140 14.66 4.72 6.24
CA VAL I 140 14.00 3.70 7.05
C VAL I 140 12.60 4.19 7.40
N LYS I 141 11.61 3.31 7.26
CA LYS I 141 10.25 3.66 7.61
C LYS I 141 9.85 3.05 8.95
N PHE I 142 9.01 3.76 9.69
CA PHE I 142 8.54 3.32 11.00
C PHE I 142 7.03 3.16 11.01
N GLY I 143 6.55 2.05 11.56
CA GLY I 143 5.11 1.84 11.66
C GLY I 143 4.72 0.84 12.73
N SER I 144 3.42 0.75 13.00
CA SER I 144 2.90 -0.28 13.87
C SER I 144 3.18 -1.63 13.20
N TRP I 145 3.39 -2.67 14.01
CA TRP I 145 3.73 -3.97 13.44
C TRP I 145 2.49 -4.80 13.12
N VAL I 146 1.47 -4.70 13.97
CA VAL I 146 0.31 -5.57 13.83
C VAL I 146 -1.02 -4.84 13.74
N TYR I 147 -1.01 -3.52 13.91
CA TYR I 147 -2.23 -2.73 13.79
C TYR I 147 -2.36 -2.05 12.43
N SER I 148 -3.45 -2.31 11.73
CA SER I 148 -3.66 -1.70 10.43
C SER I 148 -4.08 -0.24 10.57
N GLY I 149 -4.21 0.43 9.44
CA GLY I 149 -4.64 1.82 9.42
C GLY I 149 -6.04 2.01 9.97
N PHE I 150 -6.79 0.92 10.07
CA PHE I 150 -8.15 0.95 10.61
C PHE I 150 -8.14 1.02 12.13
N GLU I 151 -7.01 0.70 12.74
CA GLU I 151 -6.90 0.74 14.20
C GLU I 151 -5.91 1.81 14.67
N ILE I 152 -4.77 1.90 13.99
CA ILE I 152 -3.80 2.95 14.28
C ILE I 152 -3.44 3.71 13.03
N ASP I 153 -3.69 5.03 13.05
CA ASP I 153 -3.23 5.90 11.99
C ASP I 153 -2.04 6.70 12.51
N LEU I 154 -1.22 7.20 11.59
CA LEU I 154 -0.10 8.03 11.96
C LEU I 154 -0.18 9.36 11.23
N LYS I 155 0.29 10.41 11.88
CA LYS I 155 0.49 11.69 11.22
C LYS I 155 1.77 12.31 11.74
N THR I 156 2.15 13.44 11.15
CA THR I 156 3.33 14.17 11.56
C THR I 156 2.93 15.63 11.74
N ASP I 157 3.56 16.32 12.69
CA ASP I 157 3.31 17.74 12.89
C ASP I 157 4.08 18.56 11.87
N THR I 158 5.20 18.03 11.42
CA THR I 158 5.99 18.63 10.35
C THR I 158 6.59 17.54 9.47
N ASP I 159 6.98 17.90 8.26
CA ASP I 159 7.59 16.95 7.35
CA ASP I 159 7.59 16.93 7.36
C ASP I 159 9.11 17.00 7.45
N GLN I 160 9.62 18.00 8.16
CA GLN I 160 11.05 18.16 8.36
C GLN I 160 11.52 17.51 9.66
N VAL I 161 12.57 16.71 9.56
CA VAL I 161 13.19 16.13 10.74
C VAL I 161 13.87 17.22 11.54
N ASP I 162 13.72 17.17 12.88
CA ASP I 162 14.36 18.14 13.76
C ASP I 162 15.87 17.96 13.80
N LEU I 163 16.60 18.96 13.33
CA LEU I 163 18.05 18.92 13.28
C LEU I 163 18.67 19.96 14.22
N SER I 164 17.86 20.48 15.13
CA SER I 164 18.33 21.55 16.02
C SER I 164 19.23 21.01 17.13
N SER I 165 19.25 19.69 17.32
CA SER I 165 20.10 19.07 18.32
C SER I 165 21.09 18.09 17.70
N TYR I 166 21.41 18.28 16.43
CA TYR I 166 22.36 17.43 15.75
C TYR I 166 23.78 17.77 16.20
N TYR I 167 24.59 16.74 16.45
CA TYR I 167 25.95 16.92 16.95
C TYR I 167 26.78 17.86 16.07
N ALA I 168 27.30 18.93 16.66
CA ALA I 168 27.99 19.97 15.90
C ALA I 168 29.32 19.49 15.31
N SER I 169 29.90 18.46 15.91
CA SER I 169 31.17 17.93 15.43
C SER I 169 31.02 16.52 14.89
N SER I 170 29.82 16.22 14.38
CA SER I 170 29.56 14.92 13.78
C SER I 170 30.52 14.66 12.64
N LYS I 171 30.74 13.38 12.35
CA LYS I 171 31.57 12.99 11.22
C LYS I 171 30.84 13.32 9.92
N TYR I 172 29.52 13.50 10.00
CA TYR I 172 28.68 13.65 8.84
C TYR I 172 27.79 14.90 8.91
N GLU I 173 27.67 15.61 7.79
CA GLU I 173 26.75 16.73 7.72
C GLU I 173 25.47 16.30 7.01
N ILE I 174 24.35 16.81 7.49
CA ILE I 174 23.04 16.43 6.96
C ILE I 174 22.64 17.37 5.82
N LEU I 175 22.34 16.79 4.66
CA LEU I 175 21.97 17.57 3.48
C LEU I 175 20.46 17.77 3.41
N SER I 176 19.72 16.76 3.84
CA SER I 176 18.27 16.85 3.97
C SER I 176 17.73 15.69 4.79
N ALA I 177 16.69 15.95 5.56
CA ALA I 177 16.08 14.93 6.40
C ALA I 177 14.58 15.16 6.49
N THR I 178 13.82 14.23 5.93
CA THR I 178 12.37 14.35 5.88
C THR I 178 11.68 13.19 6.60
N GLN I 179 10.45 13.45 7.04
CA GLN I 179 9.60 12.42 7.63
C GLN I 179 8.21 12.52 7.00
N THR I 180 7.78 11.45 6.33
CA THR I 180 6.58 11.48 5.50
C THR I 180 5.60 10.34 5.79
N ARG I 181 4.33 10.69 5.98
CA ARG I 181 3.29 9.70 6.13
C ARG I 181 3.15 8.91 4.82
N GLN I 182 2.94 7.61 4.94
CA GLN I 182 2.81 6.72 3.79
C GLN I 182 1.82 5.60 4.08
N VAL I 183 1.02 5.24 3.09
CA VAL I 183 0.16 4.08 3.20
C VAL I 183 0.83 2.88 2.53
N GLN I 184 0.94 1.78 3.25
CA GLN I 184 1.53 0.55 2.71
C GLN I 184 0.49 -0.55 2.57
N HIS I 185 0.42 -1.15 1.40
CA HIS I 185 -0.37 -2.36 1.22
C HIS I 185 0.54 -3.58 1.03
N TYR I 186 0.20 -4.68 1.69
CA TYR I 186 0.95 -5.92 1.55
C TYR I 186 0.15 -6.97 0.78
N SER I 187 0.85 -7.81 0.03
CA SER I 187 0.22 -8.87 -0.76
C SER I 187 -0.57 -9.82 0.12
N CYS I 188 -0.09 -10.03 1.33
CA CYS I 188 -0.69 -10.97 2.26
C CYS I 188 -2.07 -10.52 2.72
N CYS I 189 -2.24 -9.21 2.85
CA CYS I 189 -3.37 -8.67 3.60
C CYS I 189 -4.12 -7.57 2.86
N PRO I 190 -5.46 -7.57 2.99
CA PRO I 190 -6.32 -6.55 2.37
C PRO I 190 -6.16 -5.19 3.03
N GLU I 191 -6.16 -5.17 4.35
CA GLU I 191 -6.11 -3.92 5.11
C GLU I 191 -4.78 -3.18 4.90
N PRO I 192 -4.86 -1.84 4.74
CA PRO I 192 -3.67 -1.00 4.60
C PRO I 192 -3.03 -0.70 5.94
N TYR I 193 -1.71 -0.54 5.95
CA TYR I 193 -0.98 -0.19 7.15
C TYR I 193 -0.36 1.17 6.92
N ILE I 194 -0.20 1.94 7.99
CA ILE I 194 0.33 3.29 7.84
C ILE I 194 1.69 3.40 8.49
N ASP I 195 2.64 3.98 7.76
CA ASP I 195 3.95 4.23 8.34
C ASP I 195 4.47 5.65 8.09
N VAL I 196 5.64 5.93 8.63
CA VAL I 196 6.29 7.22 8.43
C VAL I 196 7.71 6.97 7.92
N ASN I 197 8.02 7.54 6.77
CA ASN I 197 9.29 7.29 6.12
C ASN I 197 10.34 8.33 6.49
N LEU I 198 11.44 7.86 7.07
CA LEU I 198 12.55 8.73 7.43
C LEU I 198 13.59 8.68 6.34
N VAL I 199 13.68 9.75 5.55
CA VAL I 199 14.67 9.82 4.48
C VAL I 199 15.79 10.81 4.82
N VAL I 200 17.01 10.33 4.80
CA VAL I 200 18.17 11.14 5.18
C VAL I 200 19.28 11.06 4.14
N LYS I 201 19.64 12.22 3.60
CA LYS I 201 20.73 12.33 2.66
C LYS I 201 21.88 13.05 3.34
N PHE I 202 23.06 12.42 3.36
CA PHE I 202 24.20 12.98 4.08
C PHE I 202 25.51 12.68 3.38
N ARG I 203 26.59 13.30 3.87
CA ARG I 203 27.93 13.04 3.35
C ARG I 203 28.98 13.21 4.44
N GLU I 204 30.21 12.84 4.12
CA GLU I 204 31.31 12.98 5.07
C GLU I 204 31.70 14.45 5.21
N ARG I 205 32.46 14.75 6.25
CA ARG I 205 33.06 16.07 6.43
C ARG I 205 32.01 17.18 6.52
N GLN J 1 -14.19 -0.49 23.92
CA GLN J 1 -13.07 -1.17 24.55
C GLN J 1 -13.55 -2.08 25.68
N ALA J 2 -14.80 -1.93 26.08
CA ALA J 2 -15.38 -2.76 27.14
C ALA J 2 -15.48 -4.22 26.70
N ASN J 3 -16.01 -4.45 25.51
CA ASN J 3 -16.13 -5.80 24.97
C ASN J 3 -14.78 -6.50 24.81
N LEU J 4 -13.77 -5.77 24.36
CA LEU J 4 -12.45 -6.34 24.18
C LEU J 4 -11.85 -6.80 25.52
N MET J 5 -11.88 -5.92 26.51
CA MET J 5 -11.38 -6.26 27.84
C MET J 5 -12.12 -7.48 28.40
N ARG J 6 -13.42 -7.54 28.15
CA ARG J 6 -14.24 -8.65 28.62
C ARG J 6 -13.84 -9.94 27.91
N LEU J 7 -13.66 -9.85 26.59
CA LEU J 7 -13.25 -10.99 25.78
C LEU J 7 -11.89 -11.51 26.25
N LYS J 8 -10.95 -10.59 26.42
CA LYS J 8 -9.61 -10.95 26.88
C LYS J 8 -9.65 -11.55 28.28
N SER J 9 -10.50 -11.01 29.13
CA SER J 9 -10.64 -11.55 30.48
C SER J 9 -11.16 -12.98 30.42
N ASP J 10 -12.12 -13.23 29.53
CA ASP J 10 -12.73 -14.55 29.40
C ASP J 10 -11.76 -15.61 28.86
N LEU J 11 -10.85 -15.20 27.99
CA LEU J 11 -9.94 -16.15 27.34
C LEU J 11 -8.70 -16.43 28.19
N PHE J 12 -8.18 -15.40 28.84
CA PHE J 12 -6.87 -15.49 29.48
C PHE J 12 -6.94 -15.59 31.00
N ASN J 13 -8.10 -15.27 31.58
CA ASN J 13 -8.24 -15.30 33.04
C ASN J 13 -9.24 -16.33 33.56
N ARG J 14 -10.35 -16.50 32.86
CA ARG J 14 -11.35 -17.50 33.27
C ARG J 14 -10.94 -18.91 32.86
N SER J 15 -9.70 -19.05 32.41
CA SER J 15 -9.19 -20.34 31.96
C SER J 15 -7.68 -20.45 32.18
N PRO J 16 -7.18 -21.68 32.33
CA PRO J 16 -5.73 -21.92 32.42
C PRO J 16 -5.06 -21.80 31.05
N MET J 17 -3.77 -21.52 31.01
CA MET J 17 -3.08 -21.45 29.72
C MET J 17 -3.01 -22.84 29.08
N TYR J 18 -3.15 -22.87 27.76
CA TYR J 18 -2.99 -24.07 26.96
C TYR J 18 -1.67 -24.77 27.30
N PRO J 19 -1.76 -26.04 27.75
CA PRO J 19 -0.59 -26.80 28.20
C PRO J 19 0.24 -27.33 27.04
N GLY J 20 -0.19 -27.06 25.81
CA GLY J 20 0.52 -27.55 24.64
C GLY J 20 -0.16 -28.76 24.04
N PRO J 21 0.23 -29.14 22.82
CA PRO J 21 -0.38 -30.28 22.12
C PRO J 21 0.10 -31.62 22.66
N THR J 22 -0.74 -32.64 22.55
CA THR J 22 -0.37 -34.01 22.92
C THR J 22 -0.67 -34.95 21.74
N LYS J 23 -0.44 -36.24 21.96
CA LYS J 23 -0.67 -37.23 20.91
C LYS J 23 -2.17 -37.38 20.63
N ASP J 24 -2.99 -37.13 21.64
CA ASP J 24 -4.45 -37.22 21.50
C ASP J 24 -5.02 -35.94 20.90
N ASP J 25 -4.32 -34.84 21.10
CA ASP J 25 -4.74 -33.56 20.56
C ASP J 25 -3.57 -32.84 19.90
N PRO J 26 -3.18 -33.30 18.70
CA PRO J 26 -2.02 -32.71 18.03
C PRO J 26 -2.34 -31.35 17.44
N LEU J 27 -1.29 -30.65 17.00
CA LEU J 27 -1.43 -29.29 16.52
C LEU J 27 -0.62 -29.11 15.25
N THR J 28 -1.16 -28.36 14.30
CA THR J 28 -0.44 -28.09 13.05
C THR J 28 -0.01 -26.63 12.97
N VAL J 29 1.29 -26.42 12.96
CA VAL J 29 1.85 -25.08 12.86
C VAL J 29 2.24 -24.79 11.42
N THR J 30 1.63 -23.77 10.82
CA THR J 30 2.03 -23.32 9.49
C THR J 30 3.22 -22.37 9.60
N LEU J 31 4.25 -22.63 8.80
CA LEU J 31 5.49 -21.88 8.87
C LEU J 31 5.77 -21.24 7.52
N GLY J 32 6.14 -19.96 7.54
CA GLY J 32 6.51 -19.24 6.34
C GLY J 32 7.62 -18.25 6.63
N PHE J 33 8.49 -18.03 5.65
CA PHE J 33 9.66 -17.19 5.86
C PHE J 33 9.74 -16.00 4.90
N THR J 34 10.22 -14.88 5.41
CA THR J 34 10.41 -13.68 4.62
C THR J 34 11.85 -13.21 4.73
N LEU J 35 12.61 -13.34 3.66
CA LEU J 35 14.01 -12.93 3.69
C LEU J 35 14.12 -11.45 3.42
N GLN J 36 14.71 -10.71 4.36
CA GLN J 36 14.80 -9.27 4.21
C GLN J 36 16.19 -8.84 3.74
N ASP J 37 17.23 -9.39 4.35
CA ASP J 37 18.59 -9.13 3.88
C ASP J 37 19.55 -10.20 4.38
N ILE J 38 20.63 -10.40 3.64
CA ILE J 38 21.77 -11.16 4.15
C ILE J 38 22.81 -10.15 4.59
N VAL J 39 23.06 -10.08 5.89
CA VAL J 39 23.77 -8.94 6.48
C VAL J 39 25.23 -9.23 6.83
N LYS J 40 25.57 -10.50 6.98
CA LYS J 40 26.94 -10.84 7.34
C LYS J 40 27.32 -12.20 6.79
N VAL J 41 28.54 -12.28 6.25
CA VAL J 41 29.07 -13.53 5.74
C VAL J 41 30.53 -13.68 6.19
N ASP J 42 30.78 -14.63 7.08
CA ASP J 42 32.12 -14.80 7.64
C ASP J 42 32.75 -16.08 7.09
N SER J 43 33.73 -15.91 6.21
CA SER J 43 34.33 -17.06 5.53
C SER J 43 35.31 -17.82 6.41
N SER J 44 35.68 -17.23 7.54
CA SER J 44 36.67 -17.85 8.42
C SER J 44 36.04 -18.70 9.52
N THR J 45 34.76 -18.46 9.78
CA THR J 45 34.06 -19.18 10.85
C THR J 45 32.89 -19.99 10.31
N ASN J 46 32.65 -19.86 9.01
CA ASN J 46 31.50 -20.50 8.36
C ASN J 46 30.16 -20.13 9.01
N GLU J 47 30.00 -18.85 9.32
CA GLU J 47 28.74 -18.32 9.82
C GLU J 47 28.14 -17.34 8.82
N VAL J 48 26.83 -17.43 8.62
CA VAL J 48 26.10 -16.45 7.83
C VAL J 48 24.96 -15.87 8.67
N ASP J 49 24.73 -14.56 8.57
CA ASP J 49 23.67 -13.89 9.32
C ASP J 49 22.50 -13.47 8.42
N LEU J 50 21.29 -13.89 8.78
CA LEU J 50 20.08 -13.47 8.08
C LEU J 50 19.26 -12.50 8.91
N VAL J 51 18.59 -11.56 8.24
CA VAL J 51 17.49 -10.83 8.84
C VAL J 51 16.23 -11.23 8.12
N TYR J 52 15.29 -11.83 8.85
CA TYR J 52 14.11 -12.42 8.25
C TYR J 52 12.93 -12.39 9.22
N TRP J 53 11.74 -12.67 8.69
CA TRP J 53 10.56 -12.81 9.54
C TRP J 53 10.13 -14.25 9.52
N GLU J 54 9.80 -14.77 10.70
CA GLU J 54 9.35 -16.13 10.84
C GLU J 54 7.86 -16.14 11.14
N ARG J 55 7.06 -16.48 10.13
CA ARG J 55 5.60 -16.47 10.30
CA ARG J 55 5.61 -16.47 10.28
C ARG J 55 5.09 -17.80 10.82
N GLN J 56 4.41 -17.74 11.97
CA GLN J 56 3.86 -18.93 12.59
C GLN J 56 2.35 -18.79 12.71
N ARG J 57 1.63 -19.85 12.34
CA ARG J 57 0.18 -19.85 12.40
C ARG J 57 -0.36 -21.17 12.93
N TRP J 58 -1.21 -21.09 13.95
CA TRP J 58 -1.86 -22.27 14.50
C TRP J 58 -3.26 -21.90 14.97
N LYS J 59 -4.05 -22.90 15.35
CA LYS J 59 -5.43 -22.68 15.75
C LYS J 59 -5.82 -23.48 16.99
N LEU J 60 -6.35 -22.78 17.99
CA LEU J 60 -6.80 -23.42 19.23
C LEU J 60 -8.30 -23.27 19.42
N ASN J 61 -8.98 -24.37 19.76
CA ASN J 61 -10.40 -24.31 20.08
C ASN J 61 -10.63 -23.45 21.29
N SER J 62 -9.65 -23.46 22.21
CA SER J 62 -9.75 -22.70 23.45
C SER J 62 -9.67 -21.19 23.20
N LEU J 63 -9.30 -20.80 21.98
CA LEU J 63 -9.20 -19.40 21.64
C LEU J 63 -10.35 -18.93 20.75
N MET J 64 -11.35 -19.80 20.58
CA MET J 64 -12.52 -19.46 19.76
C MET J 64 -13.55 -18.64 20.54
N TRP J 65 -14.30 -17.81 19.82
CA TRP J 65 -15.41 -17.05 20.42
C TRP J 65 -16.39 -16.59 19.35
N ASP J 66 -17.65 -16.40 19.75
CA ASP J 66 -18.68 -15.89 18.85
C ASP J 66 -18.72 -14.37 18.93
N PRO J 67 -18.37 -13.71 17.82
CA PRO J 67 -18.34 -12.25 17.70
C PRO J 67 -19.63 -11.57 18.16
N ASN J 68 -20.77 -12.24 18.00
CA ASN J 68 -22.04 -11.66 18.44
C ASN J 68 -22.08 -11.48 19.94
N GLU J 69 -21.36 -12.32 20.67
CA GLU J 69 -21.36 -12.29 22.12
C GLU J 69 -20.36 -11.27 22.64
N TYR J 70 -19.71 -10.56 21.74
CA TYR J 70 -18.68 -9.59 22.11
C TYR J 70 -18.67 -8.36 21.20
N GLY J 71 -19.85 -7.81 20.92
CA GLY J 71 -19.97 -6.59 20.15
C GLY J 71 -19.28 -6.63 18.80
N ASN J 72 -19.38 -7.76 18.14
CA ASN J 72 -18.90 -7.92 16.79
C ASN J 72 -17.40 -7.99 16.62
N ILE J 73 -16.67 -8.24 17.68
CA ILE J 73 -15.22 -8.35 17.60
C ILE J 73 -14.82 -9.65 16.90
N THR J 74 -14.09 -9.53 15.80
CA THR J 74 -13.72 -10.70 15.02
C THR J 74 -12.28 -11.11 15.23
N ASP J 75 -11.48 -10.19 15.78
CA ASP J 75 -10.08 -10.45 16.06
C ASP J 75 -9.49 -9.38 16.98
N PHE J 76 -8.31 -9.66 17.52
CA PHE J 76 -7.61 -8.66 18.34
C PHE J 76 -6.10 -8.90 18.38
N ARG J 77 -5.38 -7.91 18.91
CA ARG J 77 -3.94 -8.02 19.09
C ARG J 77 -3.63 -8.15 20.57
N THR J 78 -2.58 -8.89 20.90
CA THR J 78 -2.19 -9.10 22.29
C THR J 78 -0.76 -9.61 22.39
N SER J 79 -0.08 -9.23 23.47
CA SER J 79 1.29 -9.64 23.70
C SER J 79 1.44 -11.15 23.58
N ALA J 80 2.47 -11.58 22.86
CA ALA J 80 2.75 -13.00 22.69
C ALA J 80 2.93 -13.73 24.03
N ALA J 81 3.37 -12.98 25.05
CA ALA J 81 3.52 -13.55 26.40
C ALA J 81 2.19 -13.98 27.03
N ASP J 82 1.08 -13.47 26.52
CA ASP J 82 -0.24 -13.80 27.08
C ASP J 82 -0.73 -15.16 26.63
N ILE J 83 -0.15 -15.65 25.54
CA ILE J 83 -0.60 -16.91 24.97
C ILE J 83 0.53 -17.92 24.85
N TRP J 84 0.15 -19.17 24.60
CA TRP J 84 1.09 -20.22 24.29
C TRP J 84 1.64 -20.00 22.89
N THR J 85 2.92 -20.29 22.69
CA THR J 85 3.53 -20.24 21.36
C THR J 85 4.38 -21.50 21.15
N PRO J 86 4.46 -21.98 19.90
CA PRO J 86 5.22 -23.21 19.63
C PRO J 86 6.72 -22.97 19.71
N ASP J 87 7.47 -24.01 20.06
CA ASP J 87 8.93 -23.92 20.20
C ASP J 87 9.66 -24.11 18.86
N ILE J 88 9.23 -23.36 17.85
CA ILE J 88 9.88 -23.38 16.55
C ILE J 88 11.29 -22.82 16.69
N THR J 89 12.28 -23.66 16.44
CA THR J 89 13.66 -23.27 16.64
C THR J 89 14.53 -23.64 15.44
N ALA J 90 15.55 -22.86 15.17
CA ALA J 90 16.51 -23.19 14.13
C ALA J 90 17.40 -24.33 14.63
N TYR J 91 17.76 -25.26 13.75
CA TYR J 91 18.53 -26.44 14.18
C TYR J 91 20.04 -26.25 14.10
N SER J 92 20.48 -25.20 13.42
CA SER J 92 21.92 -25.00 13.23
C SER J 92 22.36 -23.57 13.50
N SER J 93 21.72 -22.92 14.47
CA SER J 93 22.12 -21.58 14.89
C SER J 93 23.45 -21.63 15.61
N THR J 94 24.25 -20.57 15.48
CA THR J 94 25.52 -20.48 16.19
C THR J 94 25.45 -19.47 17.33
N ARG J 95 24.40 -18.64 17.33
CA ARG J 95 24.21 -17.63 18.35
C ARG J 95 22.73 -17.52 18.72
N PRO J 96 22.44 -16.98 19.91
CA PRO J 96 21.03 -16.76 20.25
C PRO J 96 20.39 -15.76 19.31
N VAL J 97 19.16 -16.04 18.88
CA VAL J 97 18.45 -15.17 17.94
C VAL J 97 18.14 -13.80 18.56
N GLN J 98 18.26 -12.75 17.76
CA GLN J 98 17.93 -11.39 18.21
C GLN J 98 16.62 -10.92 17.61
N VAL J 99 15.67 -10.56 18.47
CA VAL J 99 14.34 -10.12 18.04
C VAL J 99 14.36 -8.65 17.59
N LEU J 100 13.73 -8.38 16.44
CA LEU J 100 13.78 -7.05 15.84
C LEU J 100 12.43 -6.34 15.78
N SER J 101 11.36 -7.06 16.08
CA SER J 101 10.01 -6.50 16.04
C SER J 101 9.35 -6.65 17.41
N PRO J 102 8.23 -5.95 17.63
CA PRO J 102 7.47 -6.26 18.85
C PRO J 102 7.00 -7.70 18.84
N GLN J 103 6.73 -8.26 20.01
CA GLN J 103 6.23 -9.63 20.10
C GLN J 103 4.74 -9.59 20.39
N ILE J 104 3.95 -9.28 19.37
CA ILE J 104 2.50 -9.24 19.50
C ILE J 104 1.89 -10.20 18.50
N ALA J 105 0.83 -10.89 18.90
CA ALA J 105 0.15 -11.82 18.02
C ALA J 105 -1.25 -11.33 17.67
N VAL J 106 -1.77 -11.81 16.55
CA VAL J 106 -3.15 -11.53 16.18
C VAL J 106 -3.98 -12.79 16.40
N VAL J 107 -5.04 -12.65 17.19
CA VAL J 107 -5.93 -13.76 17.48
C VAL J 107 -7.29 -13.51 16.82
N THR J 108 -7.72 -14.48 16.02
CA THR J 108 -8.98 -14.36 15.30
C THR J 108 -10.02 -15.26 15.97
N HIS J 109 -11.29 -14.88 15.86
CA HIS J 109 -12.38 -15.57 16.57
C HIS J 109 -12.49 -17.07 16.28
N ASP J 110 -11.95 -17.50 15.15
CA ASP J 110 -11.96 -18.93 14.82
C ASP J 110 -10.92 -19.70 15.64
N GLY J 111 -10.18 -18.98 16.46
CA GLY J 111 -9.16 -19.60 17.30
C GLY J 111 -7.78 -19.57 16.67
N SER J 112 -7.71 -19.12 15.42
CA SER J 112 -6.43 -19.08 14.73
C SER J 112 -5.53 -17.99 15.32
N VAL J 113 -4.23 -18.24 15.30
CA VAL J 113 -3.26 -17.27 15.80
C VAL J 113 -2.20 -17.03 14.73
N MET J 114 -1.82 -15.78 14.55
CA MET J 114 -0.78 -15.41 13.59
C MET J 114 0.27 -14.57 14.30
N PHE J 115 1.51 -15.02 14.24
CA PHE J 115 2.59 -14.44 15.00
C PHE J 115 3.82 -14.34 14.11
N ILE J 116 4.32 -13.12 13.91
CA ILE J 116 5.39 -12.88 12.95
C ILE J 116 6.53 -12.06 13.55
N PRO J 117 7.41 -12.71 14.32
CA PRO J 117 8.60 -12.00 14.81
C PRO J 117 9.63 -11.78 13.71
N ALA J 118 10.21 -10.58 13.68
CA ALA J 118 11.38 -10.30 12.83
C ALA J 118 12.64 -10.58 13.62
N GLN J 119 13.60 -11.25 13.00
CA GLN J 119 14.74 -11.76 13.73
C GLN J 119 16.06 -11.69 12.96
N ARG J 120 17.16 -11.53 13.69
CA ARG J 120 18.50 -11.71 13.15
C ARG J 120 19.03 -13.07 13.57
N LEU J 121 19.39 -13.91 12.62
CA LEU J 121 19.82 -15.27 12.90
C LEU J 121 21.23 -15.54 12.39
N SER J 122 22.10 -16.03 13.28
CA SER J 122 23.41 -16.50 12.89
C SER J 122 23.38 -18.01 12.78
N PHE J 123 23.85 -18.54 11.65
CA PHE J 123 23.75 -19.98 11.41
C PHE J 123 24.95 -20.55 10.61
N MET J 124 25.04 -21.88 10.55
CA MET J 124 26.22 -22.53 9.98
C MET J 124 26.19 -22.61 8.46
N CYS J 125 27.19 -22.00 7.82
CA CYS J 125 27.24 -21.98 6.36
C CYS J 125 28.64 -21.66 5.85
N ASP J 126 29.24 -22.62 5.15
CA ASP J 126 30.48 -22.38 4.43
C ASP J 126 30.14 -21.63 3.15
N PRO J 127 30.47 -20.34 3.10
CA PRO J 127 30.00 -19.46 2.02
C PRO J 127 30.95 -19.42 0.84
N THR J 128 31.88 -20.38 0.79
CA THR J 128 32.85 -20.46 -0.29
C THR J 128 32.19 -20.43 -1.66
N GLY J 129 32.56 -19.44 -2.47
CA GLY J 129 32.02 -19.32 -3.81
C GLY J 129 30.92 -18.28 -3.92
N VAL J 130 30.71 -17.50 -2.86
CA VAL J 130 29.69 -16.47 -2.87
C VAL J 130 30.05 -15.33 -3.81
N ASP J 131 31.35 -15.18 -4.07
CA ASP J 131 31.82 -14.14 -4.99
C ASP J 131 31.79 -14.61 -6.45
N SER J 132 31.58 -15.90 -6.66
CA SER J 132 31.52 -16.46 -8.01
C SER J 132 30.17 -16.16 -8.65
N GLU J 133 30.02 -16.55 -9.91
CA GLU J 133 28.77 -16.34 -10.63
C GLU J 133 27.77 -17.46 -10.32
N GLU J 134 28.30 -18.61 -9.89
CA GLU J 134 27.45 -19.74 -9.50
C GLU J 134 26.92 -19.51 -8.09
N GLY J 135 27.64 -18.69 -7.32
CA GLY J 135 27.24 -18.39 -5.96
C GLY J 135 27.38 -19.57 -5.03
N VAL J 136 26.68 -19.51 -3.90
CA VAL J 136 26.74 -20.56 -2.89
C VAL J 136 25.34 -20.86 -2.36
N THR J 137 25.12 -22.11 -1.94
CA THR J 137 23.85 -22.51 -1.35
C THR J 137 24.01 -22.77 0.15
N CYS J 138 23.12 -22.18 0.95
CA CYS J 138 23.09 -22.42 2.38
C CYS J 138 21.72 -22.97 2.78
N ALA J 139 21.69 -23.69 3.90
CA ALA J 139 20.44 -24.26 4.39
C ALA J 139 20.39 -24.31 5.90
N VAL J 140 19.20 -24.08 6.45
CA VAL J 140 18.96 -24.22 7.88
C VAL J 140 17.54 -24.73 8.09
N LYS J 141 17.39 -25.73 8.96
CA LYS J 141 16.10 -26.35 9.22
C LYS J 141 15.42 -25.73 10.44
N PHE J 142 14.09 -25.66 10.40
CA PHE J 142 13.33 -25.13 11.51
C PHE J 142 12.27 -26.14 11.92
N GLY J 143 12.12 -26.36 13.23
CA GLY J 143 11.04 -27.19 13.74
C GLY J 143 10.92 -27.10 15.24
N SER J 144 9.96 -27.83 15.80
CA SER J 144 9.84 -27.97 17.24
C SER J 144 11.10 -28.62 17.79
N TRP J 145 11.53 -28.18 18.97
CA TRP J 145 12.72 -28.75 19.59
C TRP J 145 12.39 -30.00 20.41
N VAL J 146 11.19 -30.03 21.00
CA VAL J 146 10.86 -31.09 21.96
C VAL J 146 9.58 -31.85 21.64
N TYR J 147 8.83 -31.40 20.64
CA TYR J 147 7.62 -32.08 20.23
C TYR J 147 7.81 -32.84 18.91
N SER J 148 7.50 -34.13 18.90
CA SER J 148 7.60 -34.91 17.68
C SER J 148 6.40 -34.66 16.78
N GLY J 149 6.38 -35.34 15.63
CA GLY J 149 5.31 -35.21 14.67
C GLY J 149 3.96 -35.66 15.20
N PHE J 150 4.00 -36.47 16.26
CA PHE J 150 2.78 -36.91 16.93
C PHE J 150 2.09 -35.76 17.65
N GLU J 151 2.86 -34.74 18.04
CA GLU J 151 2.32 -33.61 18.77
C GLU J 151 2.25 -32.34 17.92
N ILE J 152 3.35 -32.00 17.24
CA ILE J 152 3.33 -30.85 16.35
C ILE J 152 3.63 -31.21 14.89
N ASP J 153 2.66 -30.94 14.02
CA ASP J 153 2.85 -31.11 12.58
C ASP J 153 3.25 -29.76 12.00
N LEU J 154 4.07 -29.79 10.95
CA LEU J 154 4.46 -28.56 10.28
C LEU J 154 3.91 -28.52 8.86
N LYS J 155 3.61 -27.31 8.40
CA LYS J 155 3.00 -27.14 7.09
C LYS J 155 3.44 -25.81 6.47
N THR J 156 3.56 -25.78 5.15
CA THR J 156 3.83 -24.54 4.43
C THR J 156 2.64 -24.20 3.53
N ASP J 157 2.43 -22.91 3.30
CA ASP J 157 1.39 -22.46 2.39
C ASP J 157 1.96 -22.33 0.99
N THR J 158 3.26 -22.15 0.92
CA THR J 158 3.98 -22.07 -0.35
C THR J 158 5.42 -22.53 -0.15
N ASP J 159 6.10 -22.85 -1.25
CA ASP J 159 7.48 -23.31 -1.15
C ASP J 159 8.44 -22.19 -1.47
N GLN J 160 7.91 -21.08 -1.96
CA GLN J 160 8.73 -19.91 -2.25
C GLN J 160 8.91 -19.06 -1.00
N VAL J 161 10.13 -18.61 -0.77
CA VAL J 161 10.41 -17.69 0.32
C VAL J 161 10.01 -16.29 -0.13
N ASP J 162 9.32 -15.56 0.74
CA ASP J 162 8.89 -14.20 0.45
C ASP J 162 10.07 -13.27 0.27
N LEU J 163 10.34 -12.88 -0.97
CA LEU J 163 11.44 -11.96 -1.28
C LEU J 163 10.90 -10.55 -1.60
N SER J 164 9.62 -10.32 -1.37
CA SER J 164 8.98 -9.06 -1.71
C SER J 164 9.49 -7.89 -0.87
N SER J 165 10.25 -8.19 0.19
CA SER J 165 10.81 -7.15 1.03
C SER J 165 12.32 -7.26 1.14
N TYR J 166 12.93 -8.00 0.22
CA TYR J 166 14.38 -8.13 0.22
C TYR J 166 15.01 -6.76 -0.03
N TYR J 167 16.05 -6.43 0.72
CA TYR J 167 16.67 -5.11 0.64
C TYR J 167 17.20 -4.82 -0.77
N ALA J 168 16.72 -3.72 -1.35
CA ALA J 168 16.98 -3.39 -2.75
C ALA J 168 18.45 -3.17 -3.06
N SER J 169 19.18 -2.60 -2.11
CA SER J 169 20.60 -2.34 -2.30
C SER J 169 21.47 -3.30 -1.50
N SER J 170 21.01 -4.55 -1.38
CA SER J 170 21.73 -5.56 -0.63
C SER J 170 23.08 -5.90 -1.26
N LYS J 171 24.04 -6.26 -0.42
CA LYS J 171 25.37 -6.65 -0.89
C LYS J 171 25.29 -7.94 -1.70
N TYR J 172 24.21 -8.70 -1.51
CA TYR J 172 24.06 -10.00 -2.16
C TYR J 172 22.81 -10.07 -3.03
N GLU J 173 22.80 -11.05 -3.93
CA GLU J 173 21.74 -11.22 -4.91
C GLU J 173 21.18 -12.64 -4.80
N ILE J 174 19.88 -12.75 -4.52
CA ILE J 174 19.26 -14.05 -4.28
C ILE J 174 18.92 -14.77 -5.59
N LEU J 175 19.46 -15.98 -5.75
CA LEU J 175 19.23 -16.78 -6.96
C LEU J 175 18.06 -17.74 -6.76
N SER J 176 17.88 -18.21 -5.53
CA SER J 176 16.73 -19.04 -5.19
C SER J 176 16.56 -19.06 -3.67
N ALA J 177 15.32 -19.23 -3.24
CA ALA J 177 15.01 -19.29 -1.82
C ALA J 177 13.76 -20.12 -1.62
N THR J 178 13.91 -21.32 -1.07
CA THR J 178 12.77 -22.21 -0.89
C THR J 178 12.57 -22.66 0.56
N GLN J 179 11.33 -22.98 0.90
CA GLN J 179 10.99 -23.46 2.23
C GLN J 179 10.24 -24.77 2.06
N THR J 180 10.86 -25.85 2.48
CA THR J 180 10.35 -27.16 2.15
C THR J 180 10.13 -28.04 3.37
N ARG J 181 8.89 -28.49 3.53
CA ARG J 181 8.54 -29.43 4.58
C ARG J 181 9.30 -30.74 4.38
N GLN J 182 9.90 -31.24 5.46
CA GLN J 182 10.63 -32.50 5.40
C GLN J 182 10.23 -33.41 6.55
N VAL J 183 10.15 -34.70 6.26
CA VAL J 183 9.85 -35.71 7.27
C VAL J 183 10.93 -36.78 7.27
N GLN J 184 11.41 -37.12 8.46
CA GLN J 184 12.36 -38.22 8.60
C GLN J 184 11.87 -39.23 9.64
N HIS J 185 11.51 -40.42 9.18
CA HIS J 185 11.14 -41.51 10.08
C HIS J 185 12.40 -42.19 10.60
N TYR J 186 12.29 -42.84 11.75
CA TYR J 186 13.42 -43.57 12.34
C TYR J 186 12.99 -44.97 12.78
N SER J 187 13.91 -45.92 12.72
CA SER J 187 13.58 -47.32 12.99
C SER J 187 13.32 -47.59 14.46
N CYS J 188 13.91 -46.78 15.34
CA CYS J 188 13.76 -46.95 16.78
C CYS J 188 12.38 -46.49 17.24
N CYS J 189 11.82 -45.54 16.49
CA CYS J 189 10.68 -44.78 16.97
C CYS J 189 9.49 -44.79 16.00
N PRO J 190 8.27 -44.92 16.53
CA PRO J 190 7.08 -44.80 15.69
C PRO J 190 6.78 -43.34 15.36
N GLU J 191 7.42 -42.40 16.08
CA GLU J 191 7.16 -40.99 15.86
C GLU J 191 8.02 -40.36 14.77
N PRO J 192 7.39 -39.70 13.79
CA PRO J 192 8.12 -38.98 12.74
C PRO J 192 8.68 -37.70 13.33
N TYR J 193 9.57 -37.05 12.58
CA TYR J 193 10.09 -35.75 12.99
C TYR J 193 10.01 -34.76 11.83
N ILE J 194 9.45 -33.59 12.11
CA ILE J 194 9.10 -32.65 11.05
C ILE J 194 9.90 -31.36 11.13
N ASP J 195 10.32 -30.87 9.97
CA ASP J 195 10.98 -29.57 9.90
C ASP J 195 10.69 -28.90 8.56
N VAL J 196 10.94 -27.60 8.50
CA VAL J 196 10.91 -26.89 7.23
C VAL J 196 12.31 -26.44 6.88
N ASN J 197 12.80 -26.87 5.72
CA ASN J 197 14.16 -26.57 5.31
C ASN J 197 14.26 -25.29 4.47
N LEU J 198 14.98 -24.31 5.01
CA LEU J 198 15.16 -23.02 4.34
C LEU J 198 16.42 -23.04 3.50
N VAL J 199 16.27 -23.05 2.17
CA VAL J 199 17.42 -23.17 1.29
C VAL J 199 17.63 -21.90 0.47
N VAL J 200 18.80 -21.31 0.59
CA VAL J 200 19.09 -20.05 -0.10
C VAL J 200 20.36 -20.12 -0.92
N LYS J 201 20.23 -20.02 -2.24
CA LYS J 201 21.38 -19.89 -3.12
C LYS J 201 21.59 -18.42 -3.48
N PHE J 202 22.79 -17.91 -3.25
CA PHE J 202 23.03 -16.49 -3.45
C PHE J 202 24.47 -16.18 -3.84
N ARG J 203 24.70 -14.94 -4.25
CA ARG J 203 26.02 -14.50 -4.68
C ARG J 203 26.18 -13.00 -4.44
N GLU J 204 27.40 -12.51 -4.54
CA GLU J 204 27.68 -11.09 -4.36
C GLU J 204 27.06 -10.23 -5.46
N ARG J 205 27.12 -8.91 -5.27
CA ARG J 205 26.54 -7.92 -6.20
C ARG J 205 25.04 -8.15 -6.40
#